data_1WMW
#
_entry.id   1WMW
#
_cell.length_a   139.880
_cell.length_b   139.880
_cell.length_c   73.350
_cell.angle_alpha   90.00
_cell.angle_beta   90.00
_cell.angle_gamma   90.00
#
_symmetry.space_group_name_H-M   'P 43'
#
loop_
_entity.id
_entity.type
_entity.pdbx_description
1 polymer 'geranylgeranyl diphosphate synthetase'
2 water water
#
_entity_poly.entity_id   1
_entity_poly.type   'polypeptide(L)'
_entity_poly.pdbx_seq_one_letter_code
;MVPAPEAIRQALQERLLARLDHPDPLYRDLLQDYPRRGGKMLRGLLTVYSALAHGAPLEAGLEAATALELFQNWVLVHDD
IEDGSEERRGRPALHRLHPMPLALNAGDAMHAEMWGLLAEGLARGLFPPEVLLEFHEVVRRTAYGQHLDLLWTLGGTFDL
RPEDYFRMVAHKAAYYTAVAPLRLGALLAGKTPPAAYEEGGLRLGTAFQIVDDVLNLEGGEAYGKERAGDLYEGKRTLIL
LRFLEEAPPEERARALALLALPREAKPEAEVGWLLERLLASRALAWAKAEAKRLQAEGLALLEAAFQDLPGKEALDHLRG
LLAALVERRA
;
_entity_poly.pdbx_strand_id   A,B,C,D
#
# COMPACT_ATOMS: atom_id res chain seq x y z
N MET A 1 28.67 -13.06 -4.59
CA MET A 1 28.29 -12.97 -6.03
C MET A 1 26.82 -13.29 -6.24
N VAL A 2 26.44 -13.46 -7.51
CA VAL A 2 25.07 -13.78 -7.86
C VAL A 2 24.92 -15.30 -7.84
N PRO A 3 23.76 -15.81 -7.41
CA PRO A 3 23.57 -17.27 -7.39
C PRO A 3 23.58 -17.87 -8.80
N ALA A 4 24.01 -19.12 -8.90
CA ALA A 4 24.03 -19.80 -10.19
C ALA A 4 22.59 -20.21 -10.52
N PRO A 5 22.28 -20.38 -11.81
CA PRO A 5 20.91 -20.74 -12.21
C PRO A 5 20.32 -21.98 -11.53
N GLU A 6 21.12 -23.03 -11.36
CA GLU A 6 20.56 -24.23 -10.74
C GLU A 6 20.16 -23.99 -9.29
N ALA A 7 20.92 -23.18 -8.58
CA ALA A 7 20.62 -22.86 -7.19
C ALA A 7 19.31 -22.07 -7.14
N ILE A 8 19.10 -21.20 -8.12
CA ILE A 8 17.87 -20.41 -8.17
C ILE A 8 16.68 -21.32 -8.52
N ARG A 9 16.87 -22.21 -9.49
CA ARG A 9 15.80 -23.14 -9.86
C ARG A 9 15.37 -23.96 -8.65
N GLN A 10 16.34 -24.50 -7.92
CA GLN A 10 16.01 -25.31 -6.75
C GLN A 10 15.22 -24.51 -5.73
N ALA A 11 15.62 -23.26 -5.51
CA ALA A 11 14.94 -22.39 -4.56
C ALA A 11 13.52 -22.10 -5.01
N LEU A 12 13.37 -21.75 -6.30
CA LEU A 12 12.03 -21.46 -6.80
C LEU A 12 11.11 -22.66 -6.68
N GLN A 13 11.63 -23.85 -6.97
CA GLN A 13 10.82 -25.06 -6.87
C GLN A 13 10.36 -25.29 -5.44
N GLU A 14 11.27 -25.13 -4.48
CA GLU A 14 10.95 -25.33 -3.08
C GLU A 14 9.88 -24.35 -2.65
N ARG A 15 10.04 -23.10 -3.05
CA ARG A 15 9.10 -22.04 -2.68
C ARG A 15 7.73 -22.25 -3.31
N LEU A 16 7.73 -22.66 -4.57
CA LEU A 16 6.49 -22.89 -5.29
C LEU A 16 5.69 -24.01 -4.60
N LEU A 17 6.37 -25.11 -4.28
CA LEU A 17 5.69 -26.22 -3.63
C LEU A 17 5.20 -25.83 -2.23
N ALA A 18 6.01 -25.06 -1.49
CA ALA A 18 5.62 -24.65 -0.15
C ALA A 18 4.36 -23.78 -0.17
N ARG A 19 4.20 -22.97 -1.22
CA ARG A 19 3.02 -22.12 -1.33
C ARG A 19 1.77 -22.94 -1.62
N LEU A 20 1.97 -24.14 -2.14
CA LEU A 20 0.86 -25.02 -2.50
C LEU A 20 0.69 -26.23 -1.59
N ASP A 21 1.29 -26.18 -0.42
CA ASP A 21 1.18 -27.27 0.53
C ASP A 21 -0.23 -27.18 1.11
N HIS A 22 -0.80 -28.31 1.51
CA HIS A 22 -2.13 -28.33 2.09
C HIS A 22 -2.28 -29.62 2.90
N PRO A 23 -3.03 -29.56 4.02
CA PRO A 23 -3.24 -30.73 4.87
C PRO A 23 -4.06 -31.87 4.25
N ASP A 24 -4.88 -31.55 3.26
CA ASP A 24 -5.69 -32.56 2.60
C ASP A 24 -4.84 -33.14 1.48
N PRO A 25 -4.48 -34.43 1.58
CA PRO A 25 -3.54 -35.06 0.65
C PRO A 25 -3.96 -34.99 -0.81
N LEU A 26 -5.25 -35.17 -1.07
CA LEU A 26 -5.74 -35.11 -2.44
C LEU A 26 -5.66 -33.68 -2.95
N TYR A 27 -6.04 -32.72 -2.11
CA TYR A 27 -6.02 -31.32 -2.53
C TYR A 27 -4.58 -30.88 -2.81
N ARG A 28 -3.66 -31.25 -1.93
CA ARG A 28 -2.24 -30.92 -2.12
C ARG A 28 -1.74 -31.54 -3.42
N ASP A 29 -2.14 -32.78 -3.67
CA ASP A 29 -1.76 -33.50 -4.88
C ASP A 29 -2.19 -32.66 -6.09
N LEU A 30 -3.45 -32.24 -6.11
CA LEU A 30 -3.96 -31.45 -7.22
C LEU A 30 -3.20 -30.15 -7.43
N LEU A 31 -2.98 -29.41 -6.35
CA LEU A 31 -2.28 -28.13 -6.44
C LEU A 31 -0.83 -28.23 -6.88
N GLN A 32 -0.13 -29.21 -6.32
CA GLN A 32 1.29 -29.38 -6.61
C GLN A 32 1.63 -30.19 -7.84
N ASP A 33 0.65 -30.85 -8.44
CA ASP A 33 0.93 -31.72 -9.57
C ASP A 33 1.72 -31.09 -10.71
N TYR A 34 1.23 -29.99 -11.29
CA TYR A 34 1.98 -29.41 -12.38
C TYR A 34 3.36 -28.91 -11.96
N PRO A 35 3.47 -28.18 -10.84
CA PRO A 35 4.80 -27.79 -10.38
C PRO A 35 5.76 -28.98 -10.24
N ARG A 36 5.25 -30.11 -9.78
CA ARG A 36 6.11 -31.28 -9.59
C ARG A 36 6.62 -31.91 -10.89
N ARG A 37 6.06 -31.51 -12.01
CA ARG A 37 6.51 -32.05 -13.30
C ARG A 37 7.85 -31.44 -13.68
N GLY A 38 8.25 -30.42 -12.92
CA GLY A 38 9.53 -29.80 -13.15
C GLY A 38 9.66 -28.87 -14.34
N GLY A 39 10.89 -28.69 -14.79
CA GLY A 39 11.15 -27.81 -15.92
C GLY A 39 12.25 -26.82 -15.59
N LYS A 40 12.68 -26.09 -16.61
CA LYS A 40 13.75 -25.11 -16.47
C LYS A 40 13.36 -23.84 -15.72
N MET A 41 12.06 -23.56 -15.63
CA MET A 41 11.57 -22.36 -14.96
C MET A 41 12.27 -21.12 -15.52
N LEU A 42 12.35 -21.04 -16.84
CA LEU A 42 13.00 -19.92 -17.50
C LEU A 42 12.42 -18.57 -17.12
N ARG A 43 11.10 -18.46 -17.07
CA ARG A 43 10.47 -17.18 -16.72
C ARG A 43 10.86 -16.76 -15.30
N GLY A 44 10.90 -17.73 -14.39
CA GLY A 44 11.29 -17.44 -13.02
C GLY A 44 12.75 -17.02 -12.96
N LEU A 45 13.63 -17.73 -13.68
CA LEU A 45 15.04 -17.35 -13.67
C LEU A 45 15.25 -15.95 -14.24
N LEU A 46 14.56 -15.65 -15.34
CA LEU A 46 14.67 -14.32 -15.95
C LEU A 46 14.26 -13.27 -14.94
N THR A 47 13.20 -13.54 -14.19
CA THR A 47 12.72 -12.58 -13.20
C THR A 47 13.73 -12.34 -12.08
N VAL A 48 14.35 -13.40 -11.58
CA VAL A 48 15.33 -13.23 -10.50
C VAL A 48 16.54 -12.44 -10.98
N TYR A 49 17.10 -12.81 -12.13
CA TYR A 49 18.26 -12.07 -12.60
C TYR A 49 17.90 -10.67 -13.03
N SER A 50 16.66 -10.48 -13.51
CA SER A 50 16.24 -9.14 -13.88
C SER A 50 16.20 -8.28 -12.60
N ALA A 51 15.63 -8.84 -11.54
CA ALA A 51 15.56 -8.12 -10.27
C ALA A 51 16.97 -7.71 -9.82
N LEU A 52 17.87 -8.68 -9.79
CA LEU A 52 19.25 -8.43 -9.37
C LEU A 52 19.96 -7.44 -10.27
N ALA A 53 19.74 -7.55 -11.59
CA ALA A 53 20.39 -6.64 -12.52
C ALA A 53 19.96 -5.18 -12.30
N HIS A 54 18.72 -4.99 -11.89
CA HIS A 54 18.20 -3.65 -11.63
C HIS A 54 18.60 -3.14 -10.25
N GLY A 55 19.20 -4.02 -9.45
CA GLY A 55 19.64 -3.63 -8.12
C GLY A 55 18.66 -3.92 -7.01
N ALA A 56 17.66 -4.76 -7.28
CA ALA A 56 16.69 -5.12 -6.27
C ALA A 56 17.20 -6.36 -5.53
N PRO A 57 16.73 -6.58 -4.29
CA PRO A 57 17.17 -7.70 -3.45
C PRO A 57 16.84 -9.09 -4.01
N LEU A 58 17.74 -10.03 -3.76
CA LEU A 58 17.54 -11.41 -4.18
C LEU A 58 16.19 -11.96 -3.69
N GLU A 59 15.89 -11.75 -2.41
CA GLU A 59 14.62 -12.24 -1.85
C GLU A 59 13.42 -11.71 -2.62
N ALA A 60 13.45 -10.44 -2.99
CA ALA A 60 12.33 -9.85 -3.74
C ALA A 60 12.26 -10.53 -5.09
N GLY A 61 13.41 -10.76 -5.72
CA GLY A 61 13.44 -11.42 -7.00
C GLY A 61 12.88 -12.84 -6.91
N LEU A 62 13.30 -13.58 -5.89
CA LEU A 62 12.82 -14.94 -5.73
C LEU A 62 11.31 -15.00 -5.51
N GLU A 63 10.78 -14.10 -4.68
CA GLU A 63 9.34 -14.14 -4.45
C GLU A 63 8.54 -13.73 -5.68
N ALA A 64 8.99 -12.70 -6.39
CA ALA A 64 8.26 -12.30 -7.59
C ALA A 64 8.32 -13.43 -8.63
N ALA A 65 9.46 -14.11 -8.72
CA ALA A 65 9.64 -15.21 -9.68
C ALA A 65 8.76 -16.39 -9.28
N THR A 66 8.61 -16.61 -7.97
CA THR A 66 7.78 -17.70 -7.50
C THR A 66 6.33 -17.40 -7.93
N ALA A 67 5.92 -16.14 -7.82
CA ALA A 67 4.58 -15.76 -8.22
C ALA A 67 4.40 -15.96 -9.72
N LEU A 68 5.41 -15.63 -10.52
CA LEU A 68 5.27 -15.80 -11.97
C LEU A 68 5.26 -17.27 -12.36
N GLU A 69 6.00 -18.10 -11.64
CA GLU A 69 5.98 -19.52 -11.95
C GLU A 69 4.66 -20.13 -11.47
N LEU A 70 4.08 -19.60 -10.39
CA LEU A 70 2.78 -20.10 -9.96
C LEU A 70 1.77 -19.74 -11.05
N PHE A 71 1.90 -18.54 -11.62
CA PHE A 71 1.03 -18.11 -12.73
C PHE A 71 1.15 -19.11 -13.89
N GLN A 72 2.39 -19.40 -14.29
CA GLN A 72 2.65 -20.34 -15.37
C GLN A 72 1.91 -21.65 -15.12
N ASN A 73 2.01 -22.16 -13.90
CA ASN A 73 1.37 -23.42 -13.59
C ASN A 73 -0.14 -23.43 -13.60
N TRP A 74 -0.79 -22.45 -12.98
CA TRP A 74 -2.25 -22.48 -13.01
C TRP A 74 -2.79 -22.20 -14.40
N VAL A 75 -2.10 -21.32 -15.14
CA VAL A 75 -2.50 -21.02 -16.51
C VAL A 75 -2.43 -22.31 -17.35
N LEU A 76 -1.42 -23.13 -17.12
CA LEU A 76 -1.33 -24.38 -17.89
C LEU A 76 -2.45 -25.37 -17.51
N VAL A 77 -2.82 -25.42 -16.23
CA VAL A 77 -3.88 -26.32 -15.82
C VAL A 77 -5.15 -25.93 -16.57
N HIS A 78 -5.47 -24.64 -16.58
CA HIS A 78 -6.68 -24.20 -17.27
C HIS A 78 -6.53 -24.30 -18.79
N ASP A 79 -5.36 -23.96 -19.32
CA ASP A 79 -5.14 -24.05 -20.77
C ASP A 79 -5.35 -25.48 -21.25
N ASP A 80 -4.87 -26.47 -20.49
CA ASP A 80 -5.02 -27.85 -20.92
C ASP A 80 -6.48 -28.25 -21.01
N ILE A 81 -7.31 -27.75 -20.10
CA ILE A 81 -8.74 -28.04 -20.16
C ILE A 81 -9.34 -27.33 -21.37
N GLU A 82 -9.01 -26.04 -21.49
CA GLU A 82 -9.53 -25.22 -22.58
C GLU A 82 -9.14 -25.69 -23.98
N ASP A 83 -7.87 -26.07 -24.13
CA ASP A 83 -7.29 -26.49 -25.39
C ASP A 83 -7.62 -27.93 -25.73
N GLY A 84 -7.96 -28.72 -24.72
CA GLY A 84 -8.25 -30.12 -24.98
C GLY A 84 -6.95 -30.91 -25.07
N SER A 85 -5.92 -30.48 -24.34
CA SER A 85 -4.65 -31.19 -24.35
C SER A 85 -4.71 -32.43 -23.48
N GLU A 86 -4.15 -33.52 -24.00
CA GLU A 86 -4.17 -34.80 -23.31
C GLU A 86 -2.98 -35.04 -22.39
N GLU A 87 -1.87 -34.38 -22.69
CA GLU A 87 -0.63 -34.61 -21.97
C GLU A 87 0.05 -33.29 -21.63
N ARG A 88 0.90 -33.34 -20.61
CA ARG A 88 1.65 -32.17 -20.15
C ARG A 88 2.96 -32.68 -19.58
N ARG A 89 4.06 -32.33 -20.23
CA ARG A 89 5.39 -32.75 -19.81
C ARG A 89 5.53 -34.24 -19.48
N GLY A 90 5.08 -35.09 -20.39
CA GLY A 90 5.23 -36.53 -20.18
C GLY A 90 4.20 -37.32 -19.40
N ARG A 91 3.23 -36.63 -18.79
CA ARG A 91 2.18 -37.30 -18.04
C ARG A 91 0.84 -36.76 -18.53
N PRO A 92 -0.24 -37.52 -18.31
CA PRO A 92 -1.56 -37.03 -18.71
C PRO A 92 -1.85 -35.68 -18.03
N ALA A 93 -2.59 -34.82 -18.73
CA ALA A 93 -2.97 -33.51 -18.20
C ALA A 93 -3.74 -33.70 -16.89
N LEU A 94 -3.80 -32.64 -16.09
CA LEU A 94 -4.44 -32.76 -14.78
C LEU A 94 -5.88 -33.23 -14.84
N HIS A 95 -6.63 -32.76 -15.83
CA HIS A 95 -8.03 -33.13 -15.95
C HIS A 95 -8.23 -34.51 -16.57
N ARG A 96 -7.12 -35.22 -16.80
CA ARG A 96 -7.21 -36.59 -17.31
C ARG A 96 -6.74 -37.55 -16.21
N LEU A 97 -6.18 -36.99 -15.13
CA LEU A 97 -5.73 -37.78 -13.99
C LEU A 97 -6.77 -37.71 -12.89
N HIS A 98 -7.57 -36.64 -12.93
CA HIS A 98 -8.64 -36.37 -11.96
C HIS A 98 -9.84 -35.84 -12.72
N PRO A 99 -11.04 -35.90 -12.12
CA PRO A 99 -12.23 -35.29 -12.74
C PRO A 99 -11.92 -33.84 -13.12
N MET A 100 -12.31 -33.46 -14.33
CA MET A 100 -12.03 -32.12 -14.80
C MET A 100 -12.46 -31.00 -13.85
N PRO A 101 -13.64 -31.12 -13.23
CA PRO A 101 -14.05 -30.04 -12.33
C PRO A 101 -13.07 -29.82 -11.20
N LEU A 102 -12.45 -30.89 -10.71
CA LEU A 102 -11.49 -30.73 -9.62
C LEU A 102 -10.23 -30.04 -10.11
N ALA A 103 -9.84 -30.29 -11.37
CA ALA A 103 -8.65 -29.65 -11.93
C ALA A 103 -8.93 -28.17 -12.17
N LEU A 104 -10.13 -27.86 -12.66
CA LEU A 104 -10.51 -26.49 -12.93
C LEU A 104 -10.46 -25.72 -11.62
N ASN A 105 -11.05 -26.31 -10.58
CA ASN A 105 -11.07 -25.64 -9.28
C ASN A 105 -9.68 -25.52 -8.69
N ALA A 106 -8.85 -26.55 -8.86
CA ALA A 106 -7.48 -26.49 -8.36
C ALA A 106 -6.77 -25.30 -9.00
N GLY A 107 -7.01 -25.10 -10.30
CA GLY A 107 -6.39 -23.97 -10.97
C GLY A 107 -6.77 -22.64 -10.33
N ASP A 108 -8.04 -22.50 -9.94
CA ASP A 108 -8.51 -21.29 -9.28
C ASP A 108 -7.82 -21.10 -7.93
N ALA A 109 -7.66 -22.21 -7.20
CA ALA A 109 -7.00 -22.17 -5.90
C ALA A 109 -5.55 -21.74 -6.06
N MET A 110 -4.89 -22.24 -7.11
CA MET A 110 -3.50 -21.89 -7.37
C MET A 110 -3.38 -20.39 -7.71
N HIS A 111 -4.33 -19.90 -8.49
CA HIS A 111 -4.38 -18.48 -8.86
C HIS A 111 -4.51 -17.65 -7.57
N ALA A 112 -5.38 -18.10 -6.66
CA ALA A 112 -5.55 -17.40 -5.39
C ALA A 112 -4.23 -17.39 -4.61
N GLU A 113 -3.50 -18.50 -4.61
CA GLU A 113 -2.23 -18.54 -3.90
C GLU A 113 -1.20 -17.58 -4.51
N MET A 114 -1.26 -17.37 -5.82
CA MET A 114 -0.35 -16.44 -6.46
C MET A 114 -0.61 -15.04 -5.86
N TRP A 115 -1.88 -14.65 -5.75
CA TRP A 115 -2.20 -13.34 -5.20
C TRP A 115 -1.91 -13.25 -3.71
N GLY A 116 -2.01 -14.38 -3.00
CA GLY A 116 -1.70 -14.39 -1.58
C GLY A 116 -0.22 -14.10 -1.41
N LEU A 117 0.61 -14.74 -2.23
CA LEU A 117 2.05 -14.50 -2.16
C LEU A 117 2.34 -13.03 -2.48
N LEU A 118 1.64 -12.48 -3.47
CA LEU A 118 1.87 -11.09 -3.84
C LEU A 118 1.46 -10.13 -2.71
N ALA A 119 0.32 -10.40 -2.08
CA ALA A 119 -0.13 -9.54 -0.97
C ALA A 119 0.85 -9.64 0.19
N GLU A 120 1.33 -10.84 0.48
CA GLU A 120 2.29 -11.01 1.57
C GLU A 120 3.62 -10.33 1.28
N GLY A 121 4.11 -10.45 0.04
CA GLY A 121 5.37 -9.83 -0.32
C GLY A 121 5.29 -8.32 -0.26
N LEU A 122 4.11 -7.80 -0.58
CA LEU A 122 3.90 -6.37 -0.52
C LEU A 122 3.87 -5.94 0.95
N ALA A 123 3.13 -6.68 1.77
CA ALA A 123 3.04 -6.34 3.19
C ALA A 123 4.43 -6.29 3.83
N ARG A 124 5.30 -7.23 3.46
CA ARG A 124 6.66 -7.28 4.02
C ARG A 124 7.63 -6.25 3.45
N GLY A 125 7.20 -5.50 2.45
CA GLY A 125 8.06 -4.49 1.88
C GLY A 125 8.93 -4.88 0.71
N LEU A 126 8.76 -6.12 0.22
CA LEU A 126 9.54 -6.57 -0.93
C LEU A 126 8.93 -6.09 -2.24
N PHE A 127 7.61 -5.92 -2.24
CA PHE A 127 6.88 -5.51 -3.44
C PHE A 127 6.19 -4.17 -3.32
N PRO A 128 6.56 -3.20 -4.17
CA PRO A 128 5.80 -1.95 -4.24
C PRO A 128 4.44 -2.27 -4.86
N PRO A 129 3.45 -1.39 -4.64
CA PRO A 129 2.13 -1.60 -5.23
C PRO A 129 2.20 -1.87 -6.73
N GLU A 130 3.16 -1.22 -7.40
CA GLU A 130 3.32 -1.39 -8.84
C GLU A 130 3.53 -2.84 -9.25
N VAL A 131 4.12 -3.64 -8.38
CA VAL A 131 4.34 -5.04 -8.72
C VAL A 131 2.99 -5.76 -8.84
N LEU A 132 2.05 -5.44 -7.96
CA LEU A 132 0.74 -6.10 -8.06
C LEU A 132 0.00 -5.58 -9.29
N LEU A 133 0.20 -4.31 -9.65
CA LEU A 133 -0.44 -3.78 -10.85
C LEU A 133 0.14 -4.51 -12.06
N GLU A 134 1.44 -4.80 -12.04
CA GLU A 134 2.05 -5.53 -13.14
C GLU A 134 1.47 -6.94 -13.24
N PHE A 135 1.26 -7.62 -12.10
CA PHE A 135 0.69 -8.96 -12.17
C PHE A 135 -0.76 -8.88 -12.66
N HIS A 136 -1.46 -7.80 -12.36
CA HIS A 136 -2.81 -7.70 -12.88
C HIS A 136 -2.71 -7.62 -14.41
N GLU A 137 -1.77 -6.84 -14.92
CA GLU A 137 -1.59 -6.72 -16.36
C GLU A 137 -1.22 -8.08 -16.96
N VAL A 138 -0.37 -8.83 -16.26
CA VAL A 138 0.02 -10.15 -16.73
C VAL A 138 -1.20 -11.05 -16.89
N VAL A 139 -2.05 -11.14 -15.87
CA VAL A 139 -3.20 -12.04 -16.00
C VAL A 139 -4.21 -11.52 -17.00
N ARG A 140 -4.45 -10.22 -17.00
CA ARG A 140 -5.40 -9.60 -17.92
C ARG A 140 -5.02 -9.82 -19.39
N ARG A 141 -3.78 -9.52 -19.73
CA ARG A 141 -3.35 -9.69 -21.12
C ARG A 141 -3.34 -11.15 -21.54
N THR A 142 -2.83 -12.01 -20.66
CA THR A 142 -2.76 -13.42 -20.98
C THR A 142 -4.14 -14.01 -21.20
N ALA A 143 -5.08 -13.68 -20.32
CA ALA A 143 -6.44 -14.18 -20.47
C ALA A 143 -7.06 -13.66 -21.77
N TYR A 144 -6.81 -12.41 -22.14
CA TYR A 144 -7.40 -11.91 -23.38
C TYR A 144 -6.77 -12.61 -24.58
N GLY A 145 -5.47 -12.84 -24.52
CA GLY A 145 -4.79 -13.54 -25.60
C GLY A 145 -5.33 -14.96 -25.77
N GLN A 146 -5.58 -15.65 -24.66
CA GLN A 146 -6.13 -17.01 -24.70
C GLN A 146 -7.55 -16.96 -25.29
N HIS A 147 -8.30 -15.90 -24.95
CA HIS A 147 -9.64 -15.73 -25.51
C HIS A 147 -9.52 -15.63 -27.04
N LEU A 148 -8.63 -14.79 -27.53
CA LEU A 148 -8.44 -14.64 -28.97
C LEU A 148 -8.02 -15.95 -29.63
N ASP A 149 -7.15 -16.70 -28.95
CA ASP A 149 -6.65 -17.97 -29.47
C ASP A 149 -7.79 -18.98 -29.57
N LEU A 150 -8.56 -19.14 -28.50
CA LEU A 150 -9.67 -20.08 -28.52
C LEU A 150 -10.70 -19.67 -29.57
N LEU A 151 -10.99 -18.38 -29.66
CA LEU A 151 -11.98 -17.90 -30.63
C LEU A 151 -11.54 -18.21 -32.04
N TRP A 152 -10.25 -18.05 -32.32
CA TRP A 152 -9.74 -18.32 -33.66
C TRP A 152 -10.00 -19.78 -34.06
N THR A 153 -9.64 -20.70 -33.17
CA THR A 153 -9.83 -22.12 -33.43
C THR A 153 -11.31 -22.48 -33.66
N LEU A 154 -12.19 -21.82 -32.93
CA LEU A 154 -13.63 -22.11 -33.01
C LEU A 154 -14.42 -21.34 -34.06
N GLY A 155 -13.78 -20.45 -34.79
CA GLY A 155 -14.48 -19.65 -35.78
C GLY A 155 -14.93 -20.31 -37.08
N GLY A 156 -15.86 -19.66 -37.78
CA GLY A 156 -16.36 -20.21 -39.04
C GLY A 156 -15.38 -20.07 -40.19
N THR A 157 -14.44 -19.14 -40.03
CA THR A 157 -13.41 -18.92 -41.03
C THR A 157 -12.13 -18.70 -40.23
N PHE A 158 -10.99 -18.64 -40.91
CA PHE A 158 -9.72 -18.49 -40.18
C PHE A 158 -8.86 -17.35 -40.73
N ASP A 159 -8.68 -16.33 -39.90
CA ASP A 159 -7.89 -15.18 -40.32
C ASP A 159 -6.43 -15.60 -40.35
N LEU A 160 -5.82 -15.53 -41.54
CA LEU A 160 -4.43 -15.94 -41.74
C LEU A 160 -3.44 -14.79 -41.77
N ARG A 161 -3.92 -13.57 -41.57
CA ARG A 161 -3.02 -12.42 -41.59
C ARG A 161 -1.98 -12.49 -40.47
N PRO A 162 -0.69 -12.35 -40.82
CA PRO A 162 0.31 -12.35 -39.76
C PRO A 162 0.05 -11.32 -38.64
N GLU A 163 -0.41 -10.13 -39.00
CA GLU A 163 -0.64 -9.11 -37.97
C GLU A 163 -1.64 -9.58 -36.92
N ASP A 164 -2.66 -10.32 -37.33
CA ASP A 164 -3.66 -10.79 -36.39
C ASP A 164 -3.02 -11.83 -35.46
N TYR A 165 -2.15 -12.67 -36.02
CA TYR A 165 -1.47 -13.68 -35.22
C TYR A 165 -0.53 -13.02 -34.21
N PHE A 166 0.25 -12.05 -34.67
CA PHE A 166 1.17 -11.41 -33.74
C PHE A 166 0.48 -10.68 -32.60
N ARG A 167 -0.70 -10.13 -32.86
CA ARG A 167 -1.43 -9.44 -31.81
C ARG A 167 -1.88 -10.46 -30.78
N MET A 168 -2.35 -11.61 -31.24
CA MET A 168 -2.80 -12.63 -30.32
C MET A 168 -1.65 -13.15 -29.47
N VAL A 169 -0.56 -13.54 -30.11
CA VAL A 169 0.56 -14.12 -29.36
C VAL A 169 1.19 -13.10 -28.42
N ALA A 170 1.16 -11.82 -28.79
CA ALA A 170 1.72 -10.79 -27.92
C ALA A 170 0.97 -10.79 -26.58
N HIS A 171 -0.33 -11.01 -26.63
CA HIS A 171 -1.11 -11.06 -25.40
C HIS A 171 -1.08 -12.41 -24.70
N LYS A 172 -1.26 -13.48 -25.49
CA LYS A 172 -1.32 -14.82 -24.95
C LYS A 172 -0.05 -15.32 -24.31
N ALA A 173 1.10 -15.02 -24.92
CA ALA A 173 2.35 -15.57 -24.39
C ALA A 173 3.53 -14.66 -24.27
N ALA A 174 3.72 -13.78 -25.24
CA ALA A 174 4.92 -12.95 -25.24
C ALA A 174 5.05 -12.03 -24.06
N TYR A 175 3.97 -11.39 -23.68
CA TYR A 175 4.05 -10.45 -22.56
C TYR A 175 4.50 -11.08 -21.25
N TYR A 176 3.80 -12.11 -20.77
CA TYR A 176 4.20 -12.66 -19.49
C TYR A 176 5.51 -13.42 -19.52
N THR A 177 5.86 -13.95 -20.69
CA THR A 177 7.08 -14.72 -20.82
C THR A 177 8.34 -13.91 -20.83
N ALA A 178 8.34 -12.80 -21.55
CA ALA A 178 9.56 -11.99 -21.66
C ALA A 178 9.44 -10.54 -21.24
N VAL A 179 8.26 -9.95 -21.34
CA VAL A 179 8.13 -8.56 -20.92
C VAL A 179 8.02 -8.45 -19.41
N ALA A 180 7.17 -9.28 -18.80
CA ALA A 180 6.98 -9.19 -17.36
C ALA A 180 8.26 -9.36 -16.55
N PRO A 181 9.11 -10.35 -16.90
CA PRO A 181 10.34 -10.48 -16.11
C PRO A 181 11.17 -9.19 -16.13
N LEU A 182 11.24 -8.54 -17.28
CA LEU A 182 12.02 -7.31 -17.40
C LEU A 182 11.36 -6.17 -16.60
N ARG A 183 10.07 -5.97 -16.84
CA ARG A 183 9.36 -4.92 -16.12
C ARG A 183 9.38 -5.16 -14.61
N LEU A 184 9.17 -6.40 -14.17
CA LEU A 184 9.19 -6.71 -12.75
C LEU A 184 10.53 -6.33 -12.11
N GLY A 185 11.64 -6.63 -12.80
CA GLY A 185 12.94 -6.26 -12.25
C GLY A 185 13.05 -4.78 -11.94
N ALA A 186 12.64 -3.95 -12.90
CA ALA A 186 12.68 -2.50 -12.71
C ALA A 186 11.73 -2.08 -11.59
N LEU A 187 10.51 -2.60 -11.62
CA LEU A 187 9.54 -2.22 -10.61
C LEU A 187 9.99 -2.58 -9.20
N LEU A 188 10.62 -3.73 -9.06
CA LEU A 188 11.10 -4.16 -7.75
C LEU A 188 12.17 -3.20 -7.21
N ALA A 189 12.91 -2.58 -8.13
CA ALA A 189 13.97 -1.64 -7.77
C ALA A 189 13.44 -0.21 -7.66
N GLY A 190 12.12 -0.03 -7.79
CA GLY A 190 11.56 1.30 -7.73
C GLY A 190 11.87 2.14 -8.96
N LYS A 191 12.08 1.48 -10.10
CA LYS A 191 12.38 2.17 -11.35
C LYS A 191 11.22 2.03 -12.32
N THR A 192 10.95 3.07 -13.08
CA THR A 192 9.88 2.98 -14.06
C THR A 192 10.48 2.23 -15.25
N PRO A 193 9.86 1.12 -15.66
CA PRO A 193 10.47 0.42 -16.79
C PRO A 193 10.44 1.21 -18.08
N PRO A 194 11.53 1.18 -18.83
CA PRO A 194 11.52 1.87 -20.12
C PRO A 194 10.55 1.19 -21.08
N ALA A 195 10.02 1.97 -22.00
CA ALA A 195 9.09 1.45 -22.99
C ALA A 195 9.74 0.33 -23.80
N ALA A 196 11.06 0.36 -23.94
CA ALA A 196 11.77 -0.67 -24.68
C ALA A 196 11.59 -2.08 -24.11
N TYR A 197 11.30 -2.20 -22.82
CA TYR A 197 11.11 -3.54 -22.25
C TYR A 197 9.91 -4.20 -22.92
N GLU A 198 8.84 -3.45 -23.14
CA GLU A 198 7.69 -4.07 -23.79
C GLU A 198 7.94 -4.27 -25.27
N GLU A 199 8.49 -3.27 -25.95
CA GLU A 199 8.73 -3.43 -27.38
C GLU A 199 9.70 -4.56 -27.68
N GLY A 200 10.84 -4.57 -26.99
CA GLY A 200 11.82 -5.61 -27.20
C GLY A 200 11.35 -6.94 -26.64
N GLY A 201 10.73 -6.89 -25.46
CA GLY A 201 10.25 -8.09 -24.82
C GLY A 201 9.21 -8.82 -25.65
N LEU A 202 8.32 -8.08 -26.29
CA LEU A 202 7.29 -8.76 -27.10
C LEU A 202 7.94 -9.51 -28.26
N ARG A 203 9.01 -8.96 -28.83
CA ARG A 203 9.71 -9.64 -29.93
C ARG A 203 10.32 -10.94 -29.40
N LEU A 204 10.99 -10.86 -28.26
CA LEU A 204 11.63 -12.04 -27.67
C LEU A 204 10.61 -13.10 -27.26
N GLY A 205 9.51 -12.66 -26.67
CA GLY A 205 8.47 -13.58 -26.23
C GLY A 205 7.76 -14.23 -27.40
N THR A 206 7.64 -13.51 -28.51
CA THR A 206 7.01 -14.08 -29.70
C THR A 206 7.96 -15.13 -30.30
N ALA A 207 9.26 -14.83 -30.31
CA ALA A 207 10.24 -15.78 -30.80
C ALA A 207 10.16 -17.04 -29.96
N PHE A 208 9.99 -16.87 -28.65
CA PHE A 208 9.88 -18.00 -27.75
C PHE A 208 8.70 -18.89 -28.14
N GLN A 209 7.57 -18.27 -28.43
CA GLN A 209 6.38 -19.05 -28.78
C GLN A 209 6.58 -19.83 -30.08
N ILE A 210 7.21 -19.18 -31.05
CA ILE A 210 7.46 -19.83 -32.33
C ILE A 210 8.30 -21.09 -32.10
N VAL A 211 9.33 -20.96 -31.27
CA VAL A 211 10.18 -22.12 -30.95
C VAL A 211 9.37 -23.21 -30.25
N ASP A 212 8.47 -22.84 -29.34
CA ASP A 212 7.64 -23.84 -28.66
C ASP A 212 6.83 -24.60 -29.71
N ASP A 213 6.30 -23.87 -30.68
CA ASP A 213 5.47 -24.47 -31.71
C ASP A 213 6.27 -25.43 -32.59
N VAL A 214 7.50 -25.05 -32.89
CA VAL A 214 8.40 -25.89 -33.68
C VAL A 214 8.66 -27.18 -32.92
N LEU A 215 8.98 -27.04 -31.64
CA LEU A 215 9.27 -28.19 -30.79
C LEU A 215 8.07 -29.11 -30.67
N ASN A 216 6.87 -28.56 -30.72
CA ASN A 216 5.70 -29.40 -30.60
C ASN A 216 5.52 -30.31 -31.80
N LEU A 217 6.00 -29.90 -32.96
CA LEU A 217 5.89 -30.73 -34.16
C LEU A 217 7.03 -31.75 -34.21
N GLU A 218 8.21 -31.35 -33.74
CA GLU A 218 9.36 -32.24 -33.77
C GLU A 218 9.25 -33.35 -32.72
N GLY A 219 10.08 -34.37 -32.88
CA GLY A 219 10.05 -35.52 -31.98
C GLY A 219 10.98 -35.52 -30.79
N GLY A 220 11.26 -34.34 -30.24
CA GLY A 220 12.13 -34.26 -29.08
C GLY A 220 11.32 -34.56 -27.83
N GLU A 221 11.95 -34.48 -26.67
CA GLU A 221 11.25 -34.74 -25.42
C GLU A 221 10.09 -33.77 -25.33
N ALA A 222 8.88 -34.29 -25.14
CA ALA A 222 7.68 -33.46 -25.07
C ALA A 222 7.58 -32.72 -23.74
N TYR A 223 8.12 -31.51 -23.72
CA TYR A 223 8.11 -30.69 -22.52
C TYR A 223 6.76 -30.02 -22.26
N GLY A 224 6.01 -29.80 -23.32
CA GLY A 224 4.71 -29.17 -23.19
C GLY A 224 3.60 -30.18 -23.41
N LYS A 225 2.64 -29.86 -24.27
CA LYS A 225 1.55 -30.78 -24.53
C LYS A 225 2.02 -31.91 -25.45
N GLU A 226 1.13 -32.84 -25.73
CA GLU A 226 1.46 -33.98 -26.60
C GLU A 226 2.00 -33.53 -27.93
N ARG A 227 2.88 -34.34 -28.51
CA ARG A 227 3.45 -34.03 -29.81
C ARG A 227 2.31 -33.86 -30.82
N ALA A 228 2.46 -32.87 -31.69
CA ALA A 228 1.47 -32.54 -32.71
C ALA A 228 0.15 -32.09 -32.11
N GLY A 229 0.18 -31.75 -30.82
CA GLY A 229 -1.01 -31.27 -30.15
C GLY A 229 -1.61 -30.05 -30.85
N ASP A 230 -0.76 -29.21 -31.44
CA ASP A 230 -1.25 -28.05 -32.15
C ASP A 230 -2.05 -28.46 -33.37
N LEU A 231 -1.72 -29.62 -33.96
CA LEU A 231 -2.47 -30.08 -35.12
C LEU A 231 -3.79 -30.70 -34.67
N TYR A 232 -3.74 -31.51 -33.61
CA TYR A 232 -4.97 -32.12 -33.09
C TYR A 232 -5.95 -31.07 -32.54
N GLU A 233 -5.42 -29.96 -32.05
CA GLU A 233 -6.24 -28.93 -31.45
C GLU A 233 -6.61 -27.76 -32.34
N GLY A 234 -6.06 -27.72 -33.55
CA GLY A 234 -6.37 -26.63 -34.46
C GLY A 234 -5.82 -25.30 -33.99
N LYS A 235 -4.62 -25.32 -33.43
CA LYS A 235 -4.00 -24.09 -32.95
C LYS A 235 -3.30 -23.33 -34.07
N ARG A 236 -3.48 -22.01 -34.10
CA ARG A 236 -2.81 -21.19 -35.09
C ARG A 236 -1.34 -21.05 -34.68
N THR A 237 -0.43 -21.30 -35.61
CA THR A 237 1.00 -21.13 -35.36
C THR A 237 1.58 -20.47 -36.60
N LEU A 238 2.74 -19.85 -36.46
CA LEU A 238 3.36 -19.20 -37.59
C LEU A 238 3.79 -20.22 -38.63
N ILE A 239 4.14 -21.44 -38.19
CA ILE A 239 4.53 -22.50 -39.11
C ILE A 239 3.32 -22.83 -39.98
N LEU A 240 2.16 -22.95 -39.37
CA LEU A 240 0.96 -23.26 -40.14
C LEU A 240 0.64 -22.14 -41.13
N LEU A 241 0.72 -20.89 -40.69
CA LEU A 241 0.43 -19.76 -41.58
C LEU A 241 1.36 -19.76 -42.78
N ARG A 242 2.67 -19.94 -42.56
CA ARG A 242 3.61 -19.93 -43.67
C ARG A 242 3.36 -21.10 -44.60
N PHE A 243 3.02 -22.26 -44.04
CA PHE A 243 2.74 -23.42 -44.85
C PHE A 243 1.55 -23.16 -45.77
N LEU A 244 0.48 -22.59 -45.23
CA LEU A 244 -0.70 -22.32 -46.05
C LEU A 244 -0.38 -21.31 -47.15
N GLU A 245 0.53 -20.39 -46.87
CA GLU A 245 0.91 -19.37 -47.85
C GLU A 245 1.69 -19.93 -49.03
N GLU A 246 2.45 -20.99 -48.77
CA GLU A 246 3.31 -21.60 -49.79
C GLU A 246 2.90 -22.93 -50.38
N ALA A 247 2.01 -23.65 -49.71
CA ALA A 247 1.60 -24.97 -50.16
C ALA A 247 0.87 -25.00 -51.50
N PRO A 248 1.05 -26.10 -52.26
CA PRO A 248 0.28 -26.30 -53.49
C PRO A 248 -1.20 -26.20 -53.14
N PRO A 249 -2.03 -25.74 -54.09
CA PRO A 249 -3.46 -25.53 -53.82
C PRO A 249 -4.17 -26.72 -53.14
N GLU A 250 -3.88 -27.93 -53.62
CA GLU A 250 -4.49 -29.14 -53.07
C GLU A 250 -4.14 -29.31 -51.60
N GLU A 251 -2.87 -29.12 -51.27
CA GLU A 251 -2.40 -29.26 -49.89
C GLU A 251 -2.97 -28.16 -49.00
N ARG A 252 -3.03 -26.95 -49.52
CA ARG A 252 -3.56 -25.83 -48.74
C ARG A 252 -5.01 -26.11 -48.37
N ALA A 253 -5.79 -26.54 -49.36
CA ALA A 253 -7.19 -26.86 -49.14
C ALA A 253 -7.38 -27.99 -48.14
N ARG A 254 -6.53 -29.01 -48.24
CA ARG A 254 -6.61 -30.15 -47.33
C ARG A 254 -6.30 -29.71 -45.91
N ALA A 255 -5.28 -28.86 -45.75
CA ALA A 255 -4.92 -28.40 -44.42
C ALA A 255 -6.04 -27.55 -43.81
N LEU A 256 -6.65 -26.70 -44.63
CA LEU A 256 -7.74 -25.85 -44.14
C LEU A 256 -9.00 -26.66 -43.81
N ALA A 257 -9.25 -27.73 -44.57
CA ALA A 257 -10.40 -28.58 -44.31
C ALA A 257 -10.21 -29.31 -42.97
N LEU A 258 -8.97 -29.71 -42.69
CA LEU A 258 -8.67 -30.40 -41.45
C LEU A 258 -8.84 -29.40 -40.31
N LEU A 259 -8.36 -28.18 -40.52
CA LEU A 259 -8.44 -27.16 -39.48
C LEU A 259 -9.87 -26.89 -39.00
N ALA A 260 -10.82 -26.93 -39.93
CA ALA A 260 -12.23 -26.65 -39.62
C ALA A 260 -12.91 -27.73 -38.79
N LEU A 261 -12.31 -28.90 -38.70
CA LEU A 261 -12.89 -30.00 -37.93
C LEU A 261 -12.44 -29.98 -36.46
N PRO A 262 -13.38 -30.14 -35.52
CA PRO A 262 -13.01 -30.22 -34.11
C PRO A 262 -12.09 -31.43 -33.90
N ARG A 263 -11.27 -31.39 -32.86
CA ARG A 263 -10.31 -32.45 -32.59
C ARG A 263 -10.78 -33.88 -32.85
N GLU A 264 -11.87 -34.28 -32.20
CA GLU A 264 -12.35 -35.66 -32.37
C GLU A 264 -12.78 -36.00 -33.78
N ALA A 265 -13.07 -35.01 -34.61
CA ALA A 265 -13.48 -35.24 -35.99
C ALA A 265 -12.32 -35.16 -36.99
N LYS A 266 -11.13 -34.79 -36.53
CA LYS A 266 -9.98 -34.71 -37.45
C LYS A 266 -9.53 -36.13 -37.78
N PRO A 267 -9.55 -36.53 -39.07
CA PRO A 267 -9.13 -37.90 -39.39
C PRO A 267 -7.67 -38.11 -39.01
N GLU A 268 -7.38 -39.21 -38.35
CA GLU A 268 -6.02 -39.48 -37.93
C GLU A 268 -5.05 -39.50 -39.09
N ALA A 269 -5.45 -40.06 -40.23
CA ALA A 269 -4.55 -40.12 -41.37
C ALA A 269 -4.18 -38.73 -41.86
N GLU A 270 -5.13 -37.79 -41.76
CA GLU A 270 -4.89 -36.44 -42.22
C GLU A 270 -3.98 -35.68 -41.27
N VAL A 271 -4.09 -35.95 -39.97
CA VAL A 271 -3.21 -35.28 -39.02
C VAL A 271 -1.78 -35.78 -39.28
N GLY A 272 -1.63 -37.08 -39.51
CA GLY A 272 -0.31 -37.63 -39.79
C GLY A 272 0.26 -37.05 -41.07
N TRP A 273 -0.60 -36.91 -42.08
CA TRP A 273 -0.18 -36.34 -43.35
C TRP A 273 0.32 -34.92 -43.16
N LEU A 274 -0.44 -34.10 -42.42
CA LEU A 274 -0.03 -32.72 -42.22
C LEU A 274 1.25 -32.61 -41.41
N LEU A 275 1.40 -33.46 -40.40
CA LEU A 275 2.62 -33.42 -39.59
C LEU A 275 3.83 -33.70 -40.49
N GLU A 276 3.71 -34.71 -41.35
CA GLU A 276 4.82 -35.06 -42.24
C GLU A 276 5.11 -33.90 -43.20
N ARG A 277 4.06 -33.29 -43.75
CA ARG A 277 4.25 -32.18 -44.66
C ARG A 277 4.91 -31.00 -43.97
N LEU A 278 4.43 -30.67 -42.77
CA LEU A 278 5.04 -29.54 -42.07
C LEU A 278 6.50 -29.77 -41.70
N LEU A 279 6.84 -30.96 -41.22
CA LEU A 279 8.24 -31.23 -40.84
C LEU A 279 9.20 -31.16 -42.01
N ALA A 280 8.70 -31.48 -43.20
CA ALA A 280 9.51 -31.45 -44.41
C ALA A 280 9.43 -30.14 -45.17
N SER A 281 8.53 -29.25 -44.73
CA SER A 281 8.31 -27.98 -45.41
C SER A 281 9.33 -26.88 -45.26
N ARG A 282 9.38 -26.02 -46.27
CA ARG A 282 10.26 -24.87 -46.22
C ARG A 282 9.70 -23.95 -45.13
N ALA A 283 8.39 -24.05 -44.87
CA ALA A 283 7.75 -23.21 -43.85
C ALA A 283 8.36 -23.42 -42.47
N LEU A 284 8.72 -24.66 -42.15
CA LEU A 284 9.30 -24.91 -40.83
C LEU A 284 10.65 -24.20 -40.70
N ALA A 285 11.47 -24.30 -41.75
CA ALA A 285 12.77 -23.65 -41.75
C ALA A 285 12.59 -22.15 -41.67
N TRP A 286 11.59 -21.64 -42.37
CA TRP A 286 11.30 -20.22 -42.37
C TRP A 286 10.90 -19.76 -40.96
N ALA A 287 10.05 -20.54 -40.29
CA ALA A 287 9.61 -20.16 -38.94
C ALA A 287 10.80 -20.12 -37.98
N LYS A 288 11.73 -21.06 -38.14
CA LYS A 288 12.89 -21.08 -37.28
C LYS A 288 13.71 -19.81 -37.48
N ALA A 289 13.89 -19.43 -38.74
CA ALA A 289 14.64 -18.22 -39.07
C ALA A 289 13.90 -16.98 -38.58
N GLU A 290 12.58 -17.02 -38.62
CA GLU A 290 11.77 -15.90 -38.17
C GLU A 290 11.95 -15.70 -36.67
N ALA A 291 12.05 -16.79 -35.91
CA ALA A 291 12.22 -16.69 -34.47
C ALA A 291 13.56 -16.03 -34.18
N LYS A 292 14.57 -16.37 -34.96
CA LYS A 292 15.88 -15.76 -34.76
C LYS A 292 15.88 -14.28 -35.16
N ARG A 293 15.12 -13.94 -36.20
CA ARG A 293 15.01 -12.55 -36.63
C ARG A 293 14.37 -11.71 -35.51
N LEU A 294 13.28 -12.23 -34.95
CA LEU A 294 12.59 -11.52 -33.88
C LEU A 294 13.46 -11.40 -32.65
N GLN A 295 14.26 -12.43 -32.37
CA GLN A 295 15.16 -12.40 -31.22
C GLN A 295 16.14 -11.24 -31.43
N ALA A 296 16.70 -11.16 -32.64
CA ALA A 296 17.66 -10.11 -32.96
C ALA A 296 17.03 -8.73 -32.80
N GLU A 297 15.78 -8.58 -33.24
CA GLU A 297 15.12 -7.29 -33.12
C GLU A 297 14.93 -6.92 -31.66
N GLY A 298 14.60 -7.91 -30.84
CA GLY A 298 14.42 -7.66 -29.43
C GLY A 298 15.72 -7.24 -28.78
N LEU A 299 16.81 -7.94 -29.09
CA LEU A 299 18.10 -7.58 -28.51
C LEU A 299 18.50 -6.16 -28.91
N ALA A 300 18.22 -5.79 -30.16
CA ALA A 300 18.57 -4.45 -30.62
C ALA A 300 17.83 -3.41 -29.80
N LEU A 301 16.54 -3.65 -29.54
CA LEU A 301 15.73 -2.72 -28.79
C LEU A 301 16.07 -2.59 -27.31
N LEU A 302 16.71 -3.62 -26.76
CA LEU A 302 17.04 -3.61 -25.33
C LEU A 302 18.47 -3.19 -25.00
N GLU A 303 19.38 -3.31 -25.96
CA GLU A 303 20.78 -3.01 -25.69
C GLU A 303 21.06 -1.67 -25.02
N ALA A 304 20.52 -0.58 -25.57
CA ALA A 304 20.78 0.71 -24.96
C ALA A 304 20.21 0.81 -23.55
N ALA A 305 19.01 0.27 -23.35
CA ALA A 305 18.38 0.34 -22.05
C ALA A 305 19.14 -0.47 -21.00
N PHE A 306 19.76 -1.56 -21.43
CA PHE A 306 20.48 -2.39 -20.48
C PHE A 306 21.75 -1.72 -19.95
N GLN A 307 22.16 -0.60 -20.55
CA GLN A 307 23.34 0.09 -20.05
C GLN A 307 23.08 0.64 -18.65
N ASP A 308 21.81 0.93 -18.35
CA ASP A 308 21.43 1.49 -17.07
C ASP A 308 21.26 0.48 -15.93
N LEU A 309 21.59 -0.78 -16.17
CA LEU A 309 21.45 -1.80 -15.13
C LEU A 309 22.73 -1.92 -14.31
N PRO A 310 22.64 -1.67 -13.00
CA PRO A 310 23.85 -1.66 -12.19
C PRO A 310 24.43 -3.02 -11.81
N GLY A 311 23.59 -4.05 -11.78
CA GLY A 311 24.07 -5.36 -11.40
C GLY A 311 24.62 -6.08 -12.59
N LYS A 312 25.90 -5.84 -12.90
CA LYS A 312 26.52 -6.42 -14.07
C LYS A 312 26.61 -7.94 -14.17
N GLU A 313 26.92 -8.62 -13.06
CA GLU A 313 26.99 -10.08 -13.12
C GLU A 313 25.60 -10.63 -13.40
N ALA A 314 24.60 -10.06 -12.73
CA ALA A 314 23.24 -10.52 -12.94
C ALA A 314 22.83 -10.26 -14.38
N LEU A 315 23.25 -9.11 -14.92
CA LEU A 315 22.94 -8.78 -16.31
C LEU A 315 23.52 -9.83 -17.26
N ASP A 316 24.73 -10.32 -17.00
CA ASP A 316 25.31 -11.34 -17.86
C ASP A 316 24.38 -12.55 -17.91
N HIS A 317 23.87 -12.96 -16.75
CA HIS A 317 22.98 -14.09 -16.68
C HIS A 317 21.67 -13.79 -17.39
N LEU A 318 21.16 -12.57 -17.20
CA LEU A 318 19.92 -12.20 -17.83
C LEU A 318 20.05 -12.29 -19.35
N ARG A 319 21.15 -11.78 -19.92
CA ARG A 319 21.35 -11.85 -21.37
C ARG A 319 21.39 -13.31 -21.81
N GLY A 320 22.04 -14.16 -21.03
CA GLY A 320 22.12 -15.56 -21.38
C GLY A 320 20.77 -16.23 -21.39
N LEU A 321 19.92 -15.88 -20.42
CA LEU A 321 18.59 -16.48 -20.36
C LEU A 321 17.68 -15.95 -21.46
N LEU A 322 17.86 -14.69 -21.83
CA LEU A 322 17.07 -14.14 -22.91
C LEU A 322 17.42 -14.90 -24.19
N ALA A 323 18.69 -15.26 -24.34
CA ALA A 323 19.08 -16.01 -25.52
C ALA A 323 18.45 -17.39 -25.48
N ALA A 324 18.33 -17.95 -24.28
CA ALA A 324 17.76 -19.28 -24.08
C ALA A 324 16.28 -19.33 -24.47
N LEU A 325 15.64 -18.18 -24.56
CA LEU A 325 14.22 -18.18 -24.95
C LEU A 325 14.07 -18.78 -26.34
N VAL A 326 15.09 -18.60 -27.17
CA VAL A 326 15.06 -19.09 -28.55
C VAL A 326 15.97 -20.29 -28.75
N GLU A 327 17.19 -20.22 -28.23
CA GLU A 327 18.10 -21.34 -28.41
C GLU A 327 17.88 -22.50 -27.43
N ARG A 328 17.22 -22.25 -26.31
CA ARG A 328 16.92 -23.27 -25.31
C ARG A 328 18.16 -23.99 -24.76
N VAL B 2 -26.26 7.42 5.98
CA VAL B 2 -26.12 6.04 5.42
C VAL B 2 -26.98 5.88 4.16
N PRO B 3 -26.39 5.34 3.09
CA PRO B 3 -27.13 5.11 1.84
C PRO B 3 -28.20 4.04 1.98
N ALA B 4 -29.27 4.16 1.20
CA ALA B 4 -30.35 3.19 1.22
C ALA B 4 -29.89 1.95 0.46
N PRO B 5 -30.46 0.78 0.76
CA PRO B 5 -30.04 -0.45 0.08
C PRO B 5 -30.07 -0.33 -1.44
N GLU B 6 -31.08 0.39 -1.94
CA GLU B 6 -31.26 0.59 -3.37
C GLU B 6 -30.10 1.36 -3.99
N ALA B 7 -29.67 2.42 -3.31
CA ALA B 7 -28.57 3.24 -3.77
C ALA B 7 -27.28 2.41 -3.77
N ILE B 8 -27.11 1.58 -2.75
CA ILE B 8 -25.89 0.75 -2.69
C ILE B 8 -25.89 -0.29 -3.81
N ARG B 9 -27.02 -0.96 -4.00
CA ARG B 9 -27.14 -1.96 -5.05
C ARG B 9 -26.84 -1.33 -6.41
N GLN B 10 -27.34 -0.12 -6.63
CA GLN B 10 -27.12 0.62 -7.88
C GLN B 10 -25.63 0.89 -8.10
N ALA B 11 -24.98 1.38 -7.06
CA ALA B 11 -23.56 1.70 -7.12
C ALA B 11 -22.71 0.46 -7.42
N LEU B 12 -22.98 -0.63 -6.71
CA LEU B 12 -22.23 -1.86 -6.93
C LEU B 12 -22.40 -2.37 -8.35
N GLN B 13 -23.63 -2.31 -8.87
CA GLN B 13 -23.90 -2.80 -10.21
C GLN B 13 -23.14 -1.96 -11.24
N GLU B 14 -23.18 -0.64 -11.08
CA GLU B 14 -22.48 0.27 -11.99
C GLU B 14 -20.98 0.03 -11.95
N ARG B 15 -20.44 -0.13 -10.75
CA ARG B 15 -19.01 -0.36 -10.59
C ARG B 15 -18.59 -1.72 -11.14
N LEU B 16 -19.45 -2.72 -10.94
CA LEU B 16 -19.17 -4.07 -11.43
C LEU B 16 -19.08 -4.07 -12.97
N LEU B 17 -20.06 -3.45 -13.62
CA LEU B 17 -20.03 -3.42 -15.08
C LEU B 17 -18.85 -2.63 -15.60
N ALA B 18 -18.51 -1.53 -14.93
CA ALA B 18 -17.41 -0.70 -15.39
C ALA B 18 -16.08 -1.45 -15.29
N ARG B 19 -15.92 -2.25 -14.24
CA ARG B 19 -14.69 -2.99 -14.04
C ARG B 19 -14.54 -4.06 -15.13
N LEU B 20 -15.65 -4.45 -15.73
CA LEU B 20 -15.63 -5.50 -16.75
C LEU B 20 -15.85 -4.99 -18.17
N ASP B 21 -15.85 -3.67 -18.36
CA ASP B 21 -16.03 -3.10 -19.69
C ASP B 21 -14.71 -3.40 -20.42
N HIS B 22 -14.75 -3.42 -21.75
CA HIS B 22 -13.56 -3.75 -22.51
C HIS B 22 -13.75 -3.21 -23.92
N PRO B 23 -12.65 -2.84 -24.60
CA PRO B 23 -12.74 -2.32 -25.98
C PRO B 23 -13.22 -3.36 -27.01
N ASP B 24 -13.03 -4.64 -26.69
CA ASP B 24 -13.47 -5.73 -27.57
C ASP B 24 -14.92 -6.02 -27.17
N PRO B 25 -15.90 -5.72 -28.03
CA PRO B 25 -17.31 -5.88 -27.66
C PRO B 25 -17.71 -7.29 -27.30
N LEU B 26 -17.15 -8.27 -28.02
CA LEU B 26 -17.49 -9.68 -27.77
C LEU B 26 -16.94 -10.10 -26.41
N TYR B 27 -15.73 -9.66 -26.09
CA TYR B 27 -15.12 -10.03 -24.82
C TYR B 27 -15.86 -9.32 -23.68
N ARG B 28 -16.16 -8.04 -23.86
CA ARG B 28 -16.92 -7.27 -22.89
C ARG B 28 -18.25 -7.98 -22.59
N ASP B 29 -18.95 -8.38 -23.65
CA ASP B 29 -20.24 -9.04 -23.50
C ASP B 29 -20.12 -10.32 -22.68
N LEU B 30 -19.07 -11.08 -22.94
CA LEU B 30 -18.81 -12.33 -22.24
C LEU B 30 -18.53 -12.09 -20.75
N LEU B 31 -17.69 -11.10 -20.45
CA LEU B 31 -17.36 -10.81 -19.05
C LEU B 31 -18.52 -10.23 -18.26
N GLN B 32 -19.30 -9.36 -18.90
CA GLN B 32 -20.42 -8.70 -18.24
C GLN B 32 -21.70 -9.51 -18.17
N ASP B 33 -21.75 -10.64 -18.86
CA ASP B 33 -22.96 -11.46 -18.93
C ASP B 33 -23.59 -11.80 -17.59
N TYR B 34 -22.85 -12.48 -16.72
CA TYR B 34 -23.43 -12.84 -15.44
C TYR B 34 -23.81 -11.63 -14.59
N PRO B 35 -22.95 -10.61 -14.53
CA PRO B 35 -23.34 -9.38 -13.83
C PRO B 35 -24.63 -8.77 -14.37
N ARG B 36 -24.77 -8.73 -15.69
CA ARG B 36 -25.98 -8.14 -16.27
C ARG B 36 -27.25 -8.95 -16.03
N ARG B 37 -27.11 -10.16 -15.49
CA ARG B 37 -28.30 -10.98 -15.21
C ARG B 37 -28.97 -10.50 -13.93
N GLY B 38 -28.28 -9.61 -13.21
CA GLY B 38 -28.83 -9.04 -11.99
C GLY B 38 -28.69 -9.87 -10.72
N GLY B 39 -29.33 -9.39 -9.66
CA GLY B 39 -29.27 -10.08 -8.38
C GLY B 39 -29.43 -9.10 -7.24
N LYS B 40 -29.75 -9.62 -6.06
CA LYS B 40 -29.95 -8.81 -4.87
C LYS B 40 -28.64 -8.27 -4.30
N MET B 41 -27.53 -8.92 -4.61
CA MET B 41 -26.21 -8.50 -4.11
C MET B 41 -26.19 -8.38 -2.58
N LEU B 42 -26.73 -9.38 -1.92
CA LEU B 42 -26.80 -9.38 -0.47
C LEU B 42 -25.43 -9.32 0.20
N ARG B 43 -24.45 -10.04 -0.34
CA ARG B 43 -23.12 -10.02 0.25
C ARG B 43 -22.47 -8.65 0.08
N GLY B 44 -22.73 -8.00 -1.05
CA GLY B 44 -22.18 -6.67 -1.27
C GLY B 44 -22.80 -5.70 -0.29
N LEU B 45 -24.12 -5.81 -0.10
CA LEU B 45 -24.81 -4.93 0.86
C LEU B 45 -24.27 -5.15 2.26
N LEU B 46 -24.08 -6.41 2.65
CA LEU B 46 -23.55 -6.70 3.96
C LEU B 46 -22.17 -6.07 4.13
N THR B 47 -21.35 -6.17 3.09
CA THR B 47 -20.01 -5.61 3.16
C THR B 47 -20.02 -4.08 3.31
N VAL B 48 -20.89 -3.40 2.57
CA VAL B 48 -20.92 -1.95 2.67
C VAL B 48 -21.42 -1.52 4.05
N TYR B 49 -22.51 -2.10 4.52
CA TYR B 49 -23.00 -1.71 5.83
C TYR B 49 -22.01 -2.10 6.92
N SER B 50 -21.28 -3.19 6.73
CA SER B 50 -20.29 -3.60 7.72
C SER B 50 -19.16 -2.56 7.73
N ALA B 51 -18.73 -2.13 6.55
CA ALA B 51 -17.67 -1.13 6.49
C ALA B 51 -18.12 0.13 7.23
N LEU B 52 -19.33 0.59 6.93
CA LEU B 52 -19.84 1.79 7.61
C LEU B 52 -20.00 1.60 9.11
N ALA B 53 -20.48 0.42 9.52
CA ALA B 53 -20.66 0.15 10.94
C ALA B 53 -19.33 0.25 11.68
N HIS B 54 -18.25 -0.15 11.01
CA HIS B 54 -16.94 -0.09 11.63
C HIS B 54 -16.25 1.26 11.53
N GLY B 55 -16.91 2.20 10.84
CA GLY B 55 -16.33 3.52 10.69
C GLY B 55 -15.44 3.70 9.48
N ALA B 56 -15.47 2.75 8.56
CA ALA B 56 -14.65 2.86 7.35
C ALA B 56 -15.30 3.82 6.35
N PRO B 57 -14.49 4.43 5.47
CA PRO B 57 -15.01 5.34 4.44
C PRO B 57 -15.98 4.61 3.50
N LEU B 58 -17.06 5.27 3.12
CA LEU B 58 -18.03 4.70 2.21
C LEU B 58 -17.36 4.18 0.92
N GLU B 59 -16.46 4.98 0.37
CA GLU B 59 -15.77 4.60 -0.88
C GLU B 59 -15.03 3.27 -0.72
N ALA B 60 -14.41 3.06 0.42
CA ALA B 60 -13.67 1.82 0.69
C ALA B 60 -14.68 0.67 0.77
N GLY B 61 -15.80 0.90 1.43
CA GLY B 61 -16.83 -0.12 1.54
C GLY B 61 -17.38 -0.47 0.17
N LEU B 62 -17.65 0.55 -0.66
CA LEU B 62 -18.18 0.31 -2.00
C LEU B 62 -17.22 -0.45 -2.90
N GLU B 63 -15.93 -0.10 -2.86
CA GLU B 63 -14.98 -0.81 -3.70
C GLU B 63 -14.76 -2.25 -3.23
N ALA B 64 -14.68 -2.45 -1.92
CA ALA B 64 -14.48 -3.81 -1.40
C ALA B 64 -15.71 -4.67 -1.74
N ALA B 65 -16.89 -4.10 -1.60
CA ALA B 65 -18.11 -4.84 -1.90
C ALA B 65 -18.17 -5.17 -3.39
N THR B 66 -17.68 -4.27 -4.23
CA THR B 66 -17.66 -4.51 -5.66
C THR B 66 -16.76 -5.70 -5.92
N ALA B 67 -15.61 -5.75 -5.24
CA ALA B 67 -14.71 -6.87 -5.41
C ALA B 67 -15.37 -8.17 -4.96
N LEU B 68 -16.13 -8.13 -3.86
CA LEU B 68 -16.78 -9.36 -3.39
C LEU B 68 -17.86 -9.79 -4.37
N GLU B 69 -18.51 -8.84 -5.03
CA GLU B 69 -19.55 -9.22 -5.99
C GLU B 69 -18.89 -9.74 -7.26
N LEU B 70 -17.69 -9.25 -7.58
CA LEU B 70 -16.96 -9.74 -8.75
C LEU B 70 -16.59 -11.21 -8.43
N PHE B 71 -16.17 -11.45 -7.19
CA PHE B 71 -15.82 -12.81 -6.75
C PHE B 71 -17.04 -13.71 -6.94
N GLN B 72 -18.19 -13.26 -6.44
CA GLN B 72 -19.41 -14.06 -6.58
C GLN B 72 -19.66 -14.42 -8.04
N ASN B 73 -19.52 -13.44 -8.93
CA ASN B 73 -19.77 -13.70 -10.34
C ASN B 73 -18.82 -14.67 -11.01
N TRP B 74 -17.51 -14.56 -10.78
CA TRP B 74 -16.64 -15.51 -11.46
C TRP B 74 -16.77 -16.89 -10.83
N VAL B 75 -17.07 -16.95 -9.54
CA VAL B 75 -17.25 -18.23 -8.89
C VAL B 75 -18.48 -18.92 -9.50
N LEU B 76 -19.53 -18.17 -9.78
CA LEU B 76 -20.72 -18.78 -10.40
C LEU B 76 -20.37 -19.29 -11.80
N VAL B 77 -19.59 -18.52 -12.55
CA VAL B 77 -19.23 -18.97 -13.90
C VAL B 77 -18.51 -20.32 -13.82
N HIS B 78 -17.51 -20.41 -12.97
CA HIS B 78 -16.78 -21.67 -12.85
C HIS B 78 -17.60 -22.76 -12.17
N ASP B 79 -18.44 -22.38 -11.22
CA ASP B 79 -19.28 -23.38 -10.55
C ASP B 79 -20.20 -24.03 -11.58
N ASP B 80 -20.77 -23.22 -12.46
CA ASP B 80 -21.69 -23.75 -13.46
C ASP B 80 -21.00 -24.78 -14.37
N ILE B 81 -19.76 -24.51 -14.76
CA ILE B 81 -19.03 -25.47 -15.59
C ILE B 81 -18.78 -26.73 -14.77
N GLU B 82 -18.30 -26.54 -13.55
CA GLU B 82 -17.96 -27.63 -12.66
C GLU B 82 -19.09 -28.56 -12.29
N ASP B 83 -20.28 -28.01 -12.07
CA ASP B 83 -21.40 -28.87 -11.68
C ASP B 83 -22.38 -29.18 -12.80
N GLY B 84 -22.05 -28.70 -14.00
CA GLY B 84 -22.89 -28.96 -15.16
C GLY B 84 -24.23 -28.26 -15.22
N SER B 85 -24.35 -27.11 -14.54
CA SER B 85 -25.61 -26.37 -14.54
C SER B 85 -25.94 -25.88 -15.95
N GLU B 86 -27.15 -26.19 -16.40
CA GLU B 86 -27.60 -25.83 -17.74
C GLU B 86 -28.04 -24.37 -17.86
N GLU B 87 -28.62 -23.84 -16.80
CA GLU B 87 -29.13 -22.47 -16.83
C GLU B 87 -28.74 -21.65 -15.61
N ARG B 88 -28.84 -20.33 -15.78
CA ARG B 88 -28.54 -19.36 -14.75
C ARG B 88 -29.51 -18.20 -14.93
N ARG B 89 -30.40 -18.02 -13.96
CA ARG B 89 -31.41 -16.96 -13.99
C ARG B 89 -32.21 -16.88 -15.29
N GLY B 90 -32.75 -18.03 -15.72
CA GLY B 90 -33.58 -18.07 -16.91
C GLY B 90 -32.91 -18.24 -18.27
N ARG B 91 -31.59 -18.11 -18.32
CA ARG B 91 -30.88 -18.25 -19.59
C ARG B 91 -29.80 -19.32 -19.48
N PRO B 92 -29.36 -19.85 -20.63
CA PRO B 92 -28.31 -20.87 -20.63
C PRO B 92 -27.07 -20.35 -19.89
N ALA B 93 -26.44 -21.24 -19.14
CA ALA B 93 -25.23 -20.90 -18.39
C ALA B 93 -24.19 -20.38 -19.37
N LEU B 94 -23.18 -19.68 -18.86
CA LEU B 94 -22.17 -19.10 -19.73
C LEU B 94 -21.47 -20.10 -20.64
N HIS B 95 -21.23 -21.31 -20.13
CA HIS B 95 -20.53 -22.33 -20.90
C HIS B 95 -21.44 -23.14 -21.82
N ARG B 96 -22.71 -22.74 -21.88
CA ARG B 96 -23.71 -23.36 -22.74
C ARG B 96 -23.90 -22.33 -23.86
N LEU B 97 -24.09 -21.07 -23.47
CA LEU B 97 -24.24 -19.99 -24.43
C LEU B 97 -22.97 -19.83 -25.28
N HIS B 98 -21.82 -19.98 -24.64
CA HIS B 98 -20.52 -19.89 -25.30
C HIS B 98 -19.82 -21.22 -25.16
N PRO B 99 -18.85 -21.51 -26.05
CA PRO B 99 -18.05 -22.72 -25.86
C PRO B 99 -17.47 -22.69 -24.44
N MET B 100 -17.48 -23.84 -23.78
CA MET B 100 -16.98 -23.92 -22.42
C MET B 100 -15.59 -23.34 -22.22
N PRO B 101 -14.64 -23.58 -23.14
CA PRO B 101 -13.32 -23.00 -22.93
C PRO B 101 -13.34 -21.48 -22.78
N LEU B 102 -14.19 -20.82 -23.56
CA LEU B 102 -14.27 -19.36 -23.49
C LEU B 102 -14.87 -18.91 -22.17
N ALA B 103 -15.83 -19.67 -21.64
CA ALA B 103 -16.44 -19.34 -20.35
C ALA B 103 -15.44 -19.58 -19.22
N LEU B 104 -14.67 -20.65 -19.33
CA LEU B 104 -13.68 -20.96 -18.31
C LEU B 104 -12.70 -19.79 -18.25
N ASN B 105 -12.21 -19.38 -19.42
CA ASN B 105 -11.26 -18.28 -19.50
C ASN B 105 -11.88 -16.97 -19.03
N ALA B 106 -13.15 -16.73 -19.37
CA ALA B 106 -13.83 -15.51 -18.94
C ALA B 106 -13.79 -15.43 -17.40
N GLY B 107 -14.03 -16.56 -16.75
CA GLY B 107 -13.99 -16.58 -15.28
C GLY B 107 -12.63 -16.17 -14.75
N ASP B 108 -11.57 -16.64 -15.40
CA ASP B 108 -10.22 -16.29 -14.98
C ASP B 108 -9.99 -14.79 -15.17
N ALA B 109 -10.49 -14.24 -16.28
CA ALA B 109 -10.34 -12.81 -16.56
C ALA B 109 -11.08 -11.99 -15.50
N MET B 110 -12.25 -12.46 -15.10
CA MET B 110 -13.05 -11.78 -14.10
C MET B 110 -12.34 -11.80 -12.75
N HIS B 111 -11.74 -12.94 -12.44
CA HIS B 111 -10.99 -13.11 -11.20
C HIS B 111 -9.81 -12.13 -11.23
N ALA B 112 -9.17 -12.01 -12.39
CA ALA B 112 -8.04 -11.08 -12.53
C ALA B 112 -8.51 -9.64 -12.25
N GLU B 113 -9.70 -9.27 -12.73
CA GLU B 113 -10.19 -7.92 -12.49
C GLU B 113 -10.53 -7.69 -11.01
N MET B 114 -10.90 -8.76 -10.31
CA MET B 114 -11.17 -8.62 -8.88
C MET B 114 -9.86 -8.19 -8.21
N TRP B 115 -8.77 -8.89 -8.53
CA TRP B 115 -7.49 -8.51 -7.92
C TRP B 115 -6.98 -7.16 -8.43
N GLY B 116 -7.30 -6.81 -9.67
CA GLY B 116 -6.88 -5.52 -10.18
C GLY B 116 -7.52 -4.41 -9.37
N LEU B 117 -8.81 -4.58 -9.08
CA LEU B 117 -9.55 -3.60 -8.30
C LEU B 117 -8.89 -3.46 -6.94
N LEU B 118 -8.57 -4.59 -6.31
CA LEU B 118 -7.94 -4.57 -5.00
C LEU B 118 -6.56 -3.92 -5.03
N ALA B 119 -5.76 -4.25 -6.05
CA ALA B 119 -4.42 -3.68 -6.18
C ALA B 119 -4.47 -2.17 -6.39
N GLU B 120 -5.43 -1.72 -7.19
CA GLU B 120 -5.55 -0.30 -7.45
C GLU B 120 -6.03 0.42 -6.20
N GLY B 121 -6.91 -0.21 -5.45
CA GLY B 121 -7.40 0.40 -4.23
C GLY B 121 -6.25 0.54 -3.24
N LEU B 122 -5.40 -0.48 -3.16
CA LEU B 122 -4.25 -0.41 -2.26
C LEU B 122 -3.31 0.71 -2.70
N ALA B 123 -3.04 0.80 -4.01
CA ALA B 123 -2.14 1.82 -4.53
C ALA B 123 -2.62 3.24 -4.24
N ARG B 124 -3.93 3.45 -4.29
CA ARG B 124 -4.51 4.76 -4.04
C ARG B 124 -4.59 5.07 -2.55
N GLY B 125 -4.31 4.07 -1.72
CA GLY B 125 -4.37 4.26 -0.28
C GLY B 125 -5.74 3.98 0.31
N LEU B 126 -6.64 3.48 -0.54
CA LEU B 126 -8.00 3.18 -0.10
C LEU B 126 -8.08 1.91 0.75
N PHE B 127 -7.25 0.92 0.43
CA PHE B 127 -7.22 -0.37 1.14
C PHE B 127 -5.86 -0.62 1.79
N PRO B 128 -5.84 -1.16 3.02
CA PRO B 128 -4.59 -1.65 3.59
C PRO B 128 -4.32 -3.05 3.04
N PRO B 129 -3.06 -3.52 3.11
CA PRO B 129 -2.73 -4.85 2.58
C PRO B 129 -3.57 -5.95 3.21
N GLU B 130 -4.00 -5.72 4.46
CA GLU B 130 -4.81 -6.70 5.17
C GLU B 130 -6.08 -7.06 4.41
N VAL B 131 -6.62 -6.10 3.66
CA VAL B 131 -7.82 -6.35 2.88
C VAL B 131 -7.53 -7.38 1.79
N LEU B 132 -6.37 -7.28 1.15
CA LEU B 132 -6.03 -8.25 0.11
C LEU B 132 -5.81 -9.62 0.74
N LEU B 133 -5.24 -9.66 1.94
CA LEU B 133 -5.03 -10.94 2.62
C LEU B 133 -6.39 -11.59 2.90
N GLU B 134 -7.38 -10.78 3.27
CA GLU B 134 -8.71 -11.32 3.53
C GLU B 134 -9.31 -11.90 2.26
N PHE B 135 -9.16 -11.21 1.12
CA PHE B 135 -9.68 -11.76 -0.12
C PHE B 135 -8.95 -13.05 -0.50
N HIS B 136 -7.67 -13.15 -0.15
CA HIS B 136 -6.96 -14.38 -0.44
C HIS B 136 -7.64 -15.50 0.37
N GLU B 137 -7.96 -15.23 1.63
CA GLU B 137 -8.62 -16.23 2.47
C GLU B 137 -9.98 -16.60 1.90
N VAL B 138 -10.70 -15.60 1.41
CA VAL B 138 -12.01 -15.82 0.81
C VAL B 138 -11.91 -16.81 -0.34
N VAL B 139 -10.99 -16.58 -1.28
CA VAL B 139 -10.89 -17.48 -2.41
C VAL B 139 -10.36 -18.85 -1.98
N ARG B 140 -9.37 -18.87 -1.09
CA ARG B 140 -8.79 -20.10 -0.62
C ARG B 140 -9.81 -21.01 0.04
N ARG B 141 -10.56 -20.48 0.99
CA ARG B 141 -11.56 -21.32 1.63
C ARG B 141 -12.68 -21.78 0.71
N THR B 142 -13.16 -20.86 -0.12
CA THR B 142 -14.26 -21.19 -1.02
C THR B 142 -13.86 -22.30 -1.98
N ALA B 143 -12.67 -22.21 -2.53
CA ALA B 143 -12.21 -23.23 -3.46
C ALA B 143 -12.07 -24.59 -2.77
N TYR B 144 -11.58 -24.62 -1.53
CA TYR B 144 -11.44 -25.91 -0.88
C TYR B 144 -12.82 -26.49 -0.58
N GLY B 145 -13.76 -25.63 -0.21
CA GLY B 145 -15.10 -26.12 0.07
C GLY B 145 -15.72 -26.68 -1.19
N GLN B 146 -15.50 -25.99 -2.31
CA GLN B 146 -16.03 -26.45 -3.60
C GLN B 146 -15.38 -27.77 -3.99
N HIS B 147 -14.09 -27.92 -3.70
CA HIS B 147 -13.40 -29.16 -3.99
C HIS B 147 -14.12 -30.32 -3.29
N LEU B 148 -14.39 -30.16 -2.00
CA LEU B 148 -15.08 -31.21 -1.26
C LEU B 148 -16.45 -31.49 -1.84
N ASP B 149 -17.23 -30.45 -2.10
CA ASP B 149 -18.58 -30.65 -2.62
C ASP B 149 -18.55 -31.36 -3.97
N LEU B 150 -17.64 -30.95 -4.85
CA LEU B 150 -17.51 -31.59 -6.17
C LEU B 150 -17.06 -33.04 -6.03
N LEU B 151 -16.10 -33.28 -5.15
CA LEU B 151 -15.59 -34.62 -4.92
C LEU B 151 -16.74 -35.58 -4.60
N TRP B 152 -17.61 -35.15 -3.70
CA TRP B 152 -18.74 -35.99 -3.30
C TRP B 152 -19.79 -36.14 -4.37
N THR B 153 -20.20 -35.02 -4.95
CA THR B 153 -21.25 -35.01 -5.95
C THR B 153 -20.90 -35.70 -7.25
N LEU B 154 -19.72 -35.39 -7.78
CA LEU B 154 -19.30 -35.98 -9.04
C LEU B 154 -19.17 -37.50 -8.96
N GLY B 155 -18.77 -38.01 -7.80
CA GLY B 155 -18.58 -39.45 -7.64
C GLY B 155 -19.67 -40.28 -6.97
N GLY B 156 -20.82 -39.68 -6.72
CA GLY B 156 -21.93 -40.41 -6.12
C GLY B 156 -21.86 -40.75 -4.64
N THR B 157 -21.02 -40.04 -3.90
CA THR B 157 -20.87 -40.28 -2.46
C THR B 157 -22.00 -39.62 -1.66
N PHE B 158 -22.73 -40.42 -0.90
CA PHE B 158 -23.83 -39.91 -0.07
C PHE B 158 -23.69 -40.26 1.40
N ASP B 159 -22.75 -41.13 1.75
CA ASP B 159 -22.61 -41.50 3.15
C ASP B 159 -21.64 -40.57 3.84
N LEU B 160 -22.14 -39.37 4.08
CA LEU B 160 -21.38 -38.32 4.72
C LEU B 160 -22.04 -38.03 6.05
N ARG B 161 -21.24 -37.67 7.03
CA ARG B 161 -21.73 -37.37 8.37
C ARG B 161 -22.04 -35.89 8.47
N PRO B 162 -22.80 -35.49 9.49
CA PRO B 162 -23.07 -34.07 9.68
C PRO B 162 -21.77 -33.26 9.75
N GLU B 163 -20.76 -33.83 10.39
CA GLU B 163 -19.46 -33.18 10.53
C GLU B 163 -18.87 -32.86 9.15
N ASP B 164 -19.08 -33.76 8.20
CA ASP B 164 -18.56 -33.55 6.85
C ASP B 164 -19.32 -32.41 6.19
N TYR B 165 -20.64 -32.41 6.35
CA TYR B 165 -21.48 -31.37 5.78
C TYR B 165 -21.06 -30.01 6.31
N PHE B 166 -20.93 -29.92 7.63
CA PHE B 166 -20.58 -28.66 8.26
C PHE B 166 -19.23 -28.13 7.79
N ARG B 167 -18.25 -29.02 7.66
CA ARG B 167 -16.91 -28.61 7.21
C ARG B 167 -16.96 -28.11 5.77
N MET B 168 -17.67 -28.83 4.91
CA MET B 168 -17.77 -28.43 3.52
C MET B 168 -18.51 -27.10 3.36
N VAL B 169 -19.67 -26.95 4.01
CA VAL B 169 -20.41 -25.70 3.84
C VAL B 169 -19.72 -24.51 4.48
N ALA B 170 -19.01 -24.74 5.58
CA ALA B 170 -18.31 -23.65 6.25
C ALA B 170 -17.29 -23.03 5.29
N HIS B 171 -16.65 -23.88 4.50
CA HIS B 171 -15.65 -23.43 3.54
C HIS B 171 -16.24 -22.94 2.24
N LYS B 172 -17.17 -23.72 1.67
CA LYS B 172 -17.74 -23.36 0.38
C LYS B 172 -18.62 -22.12 0.35
N ALA B 173 -19.39 -21.91 1.42
CA ALA B 173 -20.34 -20.80 1.42
C ALA B 173 -20.38 -19.89 2.62
N ALA B 174 -20.32 -20.46 3.81
CA ALA B 174 -20.45 -19.63 5.01
C ALA B 174 -19.39 -18.56 5.17
N TYR B 175 -18.14 -18.89 4.85
CA TYR B 175 -17.10 -17.91 5.04
C TYR B 175 -17.26 -16.66 4.17
N TYR B 176 -17.39 -16.82 2.87
CA TYR B 176 -17.50 -15.63 2.03
C TYR B 176 -18.83 -14.91 2.16
N THR B 177 -19.86 -15.65 2.57
CA THR B 177 -21.18 -15.08 2.71
C THR B 177 -21.40 -14.26 3.97
N ALA B 178 -20.96 -14.79 5.11
CA ALA B 178 -21.18 -14.13 6.39
C ALA B 178 -19.95 -13.68 7.15
N VAL B 179 -18.84 -14.37 7.01
CA VAL B 179 -17.63 -13.98 7.71
C VAL B 179 -16.87 -12.84 7.01
N ALA B 180 -16.63 -12.99 5.71
CA ALA B 180 -15.87 -11.98 4.97
C ALA B 180 -16.46 -10.57 5.08
N PRO B 181 -17.78 -10.42 4.94
CA PRO B 181 -18.31 -9.05 5.04
C PRO B 181 -18.01 -8.43 6.41
N LEU B 182 -18.03 -9.24 7.47
CA LEU B 182 -17.74 -8.72 8.80
C LEU B 182 -16.25 -8.39 8.95
N ARG B 183 -15.38 -9.34 8.60
CA ARG B 183 -13.95 -9.08 8.72
C ARG B 183 -13.50 -7.94 7.82
N LEU B 184 -14.02 -7.89 6.61
CA LEU B 184 -13.65 -6.81 5.69
C LEU B 184 -14.01 -5.45 6.28
N GLY B 185 -15.19 -5.36 6.90
CA GLY B 185 -15.59 -4.09 7.49
C GLY B 185 -14.58 -3.61 8.50
N ALA B 186 -14.14 -4.50 9.38
CA ALA B 186 -13.15 -4.15 10.40
C ALA B 186 -11.82 -3.78 9.75
N LEU B 187 -11.37 -4.62 8.82
CA LEU B 187 -10.09 -4.38 8.15
C LEU B 187 -10.05 -3.07 7.39
N LEU B 188 -11.16 -2.71 6.73
CA LEU B 188 -11.23 -1.46 5.98
C LEU B 188 -11.09 -0.25 6.89
N ALA B 189 -11.42 -0.44 8.17
CA ALA B 189 -11.34 0.64 9.16
C ALA B 189 -10.02 0.56 9.93
N GLY B 190 -9.16 -0.36 9.54
CA GLY B 190 -7.90 -0.52 10.23
C GLY B 190 -8.05 -1.11 11.61
N LYS B 191 -9.11 -1.88 11.81
CA LYS B 191 -9.38 -2.52 13.08
C LYS B 191 -9.15 -4.02 12.98
N THR B 192 -8.78 -4.63 14.10
CA THR B 192 -8.53 -6.07 14.13
C THR B 192 -9.87 -6.77 14.32
N PRO B 193 -10.24 -7.64 13.38
CA PRO B 193 -11.51 -8.35 13.59
C PRO B 193 -11.39 -9.33 14.75
N PRO B 194 -12.41 -9.35 15.63
CA PRO B 194 -12.36 -10.31 16.73
C PRO B 194 -12.59 -11.72 16.18
N ALA B 195 -12.17 -12.73 16.93
CA ALA B 195 -12.34 -14.12 16.52
C ALA B 195 -13.82 -14.45 16.38
N ALA B 196 -14.68 -13.70 17.07
CA ALA B 196 -16.12 -13.94 17.02
C ALA B 196 -16.70 -13.77 15.64
N TYR B 197 -16.04 -12.97 14.79
CA TYR B 197 -16.55 -12.77 13.45
C TYR B 197 -16.53 -14.08 12.66
N GLU B 198 -15.42 -14.81 12.74
CA GLU B 198 -15.37 -16.09 12.05
C GLU B 198 -16.27 -17.10 12.77
N GLU B 199 -16.14 -17.21 14.08
CA GLU B 199 -16.96 -18.17 14.82
C GLU B 199 -18.47 -17.93 14.68
N GLY B 200 -18.90 -16.68 14.86
CA GLY B 200 -20.31 -16.38 14.71
C GLY B 200 -20.75 -16.37 13.26
N GLY B 201 -19.88 -15.87 12.39
CA GLY B 201 -20.20 -15.81 10.96
C GLY B 201 -20.37 -17.18 10.32
N LEU B 202 -19.51 -18.13 10.68
CA LEU B 202 -19.63 -19.45 10.11
C LEU B 202 -20.95 -20.11 10.56
N ARG B 203 -21.36 -19.86 11.80
CA ARG B 203 -22.63 -20.42 12.28
C ARG B 203 -23.80 -19.82 11.50
N LEU B 204 -23.79 -18.50 11.34
CA LEU B 204 -24.87 -17.82 10.60
C LEU B 204 -24.90 -18.28 9.15
N GLY B 205 -23.74 -18.28 8.51
CA GLY B 205 -23.65 -18.69 7.12
C GLY B 205 -24.11 -20.12 6.89
N THR B 206 -23.88 -20.97 7.88
CA THR B 206 -24.29 -22.36 7.79
C THR B 206 -25.80 -22.49 8.01
N ALA B 207 -26.29 -21.80 9.02
CA ALA B 207 -27.72 -21.80 9.32
C ALA B 207 -28.47 -21.34 8.07
N PHE B 208 -27.93 -20.32 7.41
CA PHE B 208 -28.51 -19.77 6.18
C PHE B 208 -28.74 -20.88 5.15
N GLN B 209 -27.71 -21.68 4.92
CA GLN B 209 -27.79 -22.76 3.95
C GLN B 209 -28.77 -23.87 4.33
N ILE B 210 -28.80 -24.22 5.62
CA ILE B 210 -29.70 -25.26 6.07
C ILE B 210 -31.15 -24.84 5.88
N VAL B 211 -31.47 -23.61 6.24
CA VAL B 211 -32.83 -23.10 6.11
C VAL B 211 -33.28 -23.12 4.65
N ASP B 212 -32.39 -22.74 3.75
CA ASP B 212 -32.70 -22.73 2.33
C ASP B 212 -33.02 -24.13 1.85
N ASP B 213 -32.22 -25.10 2.27
CA ASP B 213 -32.45 -26.48 1.86
C ASP B 213 -33.77 -26.98 2.43
N VAL B 214 -34.10 -26.54 3.64
CA VAL B 214 -35.36 -26.96 4.26
C VAL B 214 -36.52 -26.36 3.46
N LEU B 215 -36.32 -25.15 2.96
CA LEU B 215 -37.35 -24.45 2.18
C LEU B 215 -37.63 -25.17 0.86
N ASN B 216 -36.57 -25.59 0.17
CA ASN B 216 -36.73 -26.28 -1.10
C ASN B 216 -37.52 -27.57 -0.95
N LEU B 217 -37.47 -28.16 0.24
CA LEU B 217 -38.18 -29.40 0.52
C LEU B 217 -39.63 -29.18 0.94
N GLU B 218 -39.84 -28.19 1.80
CA GLU B 218 -41.17 -27.88 2.29
C GLU B 218 -41.98 -27.00 1.35
N GLY B 219 -41.44 -25.83 1.03
CA GLY B 219 -42.15 -24.91 0.14
C GLY B 219 -41.83 -25.07 -1.33
N GLY B 220 -42.21 -24.08 -2.12
CA GLY B 220 -41.97 -24.10 -3.55
C GLY B 220 -42.57 -22.90 -4.26
N GLU B 226 -41.69 -27.20 -10.00
CA GLU B 226 -40.99 -28.40 -9.57
C GLU B 226 -41.17 -28.63 -8.07
N ARG B 227 -41.09 -29.89 -7.65
CA ARG B 227 -41.25 -30.25 -6.25
C ARG B 227 -39.94 -30.83 -5.72
N ALA B 228 -39.34 -30.14 -4.76
CA ALA B 228 -38.07 -30.58 -4.15
C ALA B 228 -36.99 -30.76 -5.22
N GLY B 229 -36.48 -29.64 -5.72
CA GLY B 229 -35.45 -29.70 -6.74
C GLY B 229 -34.13 -30.27 -6.25
N ASP B 230 -33.84 -30.11 -4.96
CA ASP B 230 -32.60 -30.64 -4.41
C ASP B 230 -32.59 -32.16 -4.44
N LEU B 231 -33.75 -32.77 -4.60
CA LEU B 231 -33.84 -34.22 -4.65
C LEU B 231 -33.44 -34.75 -6.01
N TYR B 232 -33.97 -34.15 -7.07
CA TYR B 232 -33.62 -34.59 -8.41
C TYR B 232 -32.14 -34.34 -8.65
N GLU B 233 -31.59 -33.33 -7.98
CA GLU B 233 -30.18 -33.01 -8.13
C GLU B 233 -29.34 -33.82 -7.14
N GLY B 234 -29.99 -34.41 -6.14
CA GLY B 234 -29.27 -35.19 -5.15
C GLY B 234 -28.32 -34.31 -4.35
N LYS B 235 -28.75 -33.10 -4.04
CA LYS B 235 -27.91 -32.18 -3.26
C LYS B 235 -27.59 -32.76 -1.89
N ARG B 236 -26.33 -32.68 -1.48
CA ARG B 236 -25.93 -33.19 -0.17
C ARG B 236 -26.31 -32.19 0.90
N THR B 237 -27.59 -32.21 1.28
CA THR B 237 -28.11 -31.30 2.30
C THR B 237 -27.98 -31.98 3.66
N LEU B 238 -28.04 -31.18 4.72
CA LEU B 238 -27.94 -31.74 6.06
C LEU B 238 -29.12 -32.67 6.32
N ILE B 239 -30.27 -32.32 5.75
CA ILE B 239 -31.50 -33.10 5.90
C ILE B 239 -31.33 -34.49 5.28
N LEU B 240 -30.91 -34.52 4.02
CA LEU B 240 -30.73 -35.79 3.35
C LEU B 240 -29.65 -36.64 4.02
N LEU B 241 -28.53 -36.03 4.39
CA LEU B 241 -27.47 -36.79 5.03
C LEU B 241 -27.90 -37.34 6.39
N ARG B 242 -28.65 -36.56 7.16
CA ARG B 242 -29.09 -37.02 8.46
C ARG B 242 -30.07 -38.18 8.29
N PHE B 243 -30.93 -38.05 7.28
CA PHE B 243 -31.91 -39.09 6.99
C PHE B 243 -31.20 -40.42 6.72
N LEU B 244 -30.21 -40.36 5.83
CA LEU B 244 -29.45 -41.55 5.45
C LEU B 244 -28.64 -42.11 6.61
N GLU B 245 -28.20 -41.22 7.51
CA GLU B 245 -27.40 -41.63 8.65
C GLU B 245 -28.21 -42.49 9.63
N GLU B 246 -29.53 -42.32 9.61
CA GLU B 246 -30.40 -43.04 10.55
C GLU B 246 -31.41 -44.02 9.96
N ALA B 247 -31.63 -43.94 8.65
CA ALA B 247 -32.60 -44.80 7.99
C ALA B 247 -32.26 -46.29 8.08
N PRO B 248 -33.30 -47.13 8.24
CA PRO B 248 -33.10 -48.58 8.29
C PRO B 248 -32.59 -49.09 6.94
N PRO B 249 -31.89 -50.23 6.94
CA PRO B 249 -31.23 -50.81 5.76
C PRO B 249 -32.04 -50.81 4.46
N GLU B 250 -33.29 -51.24 4.55
CA GLU B 250 -34.17 -51.30 3.39
C GLU B 250 -34.53 -49.93 2.83
N GLU B 251 -34.89 -49.01 3.70
CA GLU B 251 -35.27 -47.66 3.31
C GLU B 251 -34.04 -46.89 2.82
N ARG B 252 -32.90 -47.13 3.46
CA ARG B 252 -31.67 -46.45 3.09
C ARG B 252 -31.24 -46.94 1.70
N ALA B 253 -31.39 -48.23 1.46
CA ALA B 253 -31.02 -48.80 0.17
C ALA B 253 -31.88 -48.22 -0.96
N ARG B 254 -33.18 -48.08 -0.69
CA ARG B 254 -34.10 -47.55 -1.69
C ARG B 254 -33.75 -46.10 -2.03
N ALA B 255 -33.42 -45.32 -1.00
CA ALA B 255 -33.07 -43.92 -1.22
C ALA B 255 -31.78 -43.83 -2.03
N LEU B 256 -30.77 -44.60 -1.63
CA LEU B 256 -29.49 -44.57 -2.35
C LEU B 256 -29.64 -45.03 -3.79
N ALA B 257 -30.52 -45.99 -4.03
CA ALA B 257 -30.74 -46.49 -5.38
C ALA B 257 -31.23 -45.35 -6.26
N LEU B 258 -32.19 -44.59 -5.74
CA LEU B 258 -32.75 -43.46 -6.48
C LEU B 258 -31.68 -42.39 -6.70
N LEU B 259 -30.93 -42.09 -5.64
CA LEU B 259 -29.88 -41.06 -5.71
C LEU B 259 -28.73 -41.41 -6.65
N ALA B 260 -28.56 -42.70 -6.93
CA ALA B 260 -27.48 -43.14 -7.82
C ALA B 260 -27.79 -42.80 -9.27
N LEU B 261 -29.06 -42.56 -9.56
CA LEU B 261 -29.50 -42.23 -10.92
C LEU B 261 -29.35 -40.74 -11.22
N PRO B 262 -28.91 -40.41 -12.44
CA PRO B 262 -28.80 -39.01 -12.84
C PRO B 262 -30.17 -38.34 -12.81
N ARG B 263 -30.20 -37.03 -12.63
CA ARG B 263 -31.44 -36.28 -12.58
C ARG B 263 -32.38 -36.60 -13.75
N GLU B 264 -31.82 -36.71 -14.94
CA GLU B 264 -32.60 -36.99 -16.14
C GLU B 264 -33.21 -38.39 -16.19
N ALA B 265 -32.86 -39.26 -15.24
CA ALA B 265 -33.38 -40.62 -15.27
C ALA B 265 -33.96 -41.15 -13.96
N LYS B 266 -34.68 -40.30 -13.23
CA LYS B 266 -35.28 -40.74 -11.98
C LYS B 266 -36.77 -40.42 -11.94
N PRO B 267 -37.59 -41.45 -11.71
CA PRO B 267 -39.06 -41.36 -11.69
C PRO B 267 -39.61 -40.35 -10.69
N GLU B 268 -40.63 -39.61 -11.12
CA GLU B 268 -41.27 -38.61 -10.27
C GLU B 268 -41.88 -39.30 -9.04
N ALA B 269 -42.38 -40.51 -9.26
CA ALA B 269 -43.01 -41.27 -8.19
C ALA B 269 -41.99 -41.69 -7.13
N GLU B 270 -40.82 -42.13 -7.56
CA GLU B 270 -39.77 -42.56 -6.63
C GLU B 270 -39.26 -41.37 -5.84
N VAL B 271 -39.16 -40.21 -6.49
CA VAL B 271 -38.70 -39.00 -5.83
C VAL B 271 -39.77 -38.52 -4.87
N GLY B 272 -41.02 -38.60 -5.29
CA GLY B 272 -42.11 -38.18 -4.43
C GLY B 272 -42.12 -39.02 -3.17
N TRP B 273 -41.68 -40.28 -3.30
CA TRP B 273 -41.61 -41.20 -2.18
C TRP B 273 -40.60 -40.68 -1.15
N LEU B 274 -39.40 -40.40 -1.62
CA LEU B 274 -38.32 -39.92 -0.74
C LEU B 274 -38.75 -38.61 -0.08
N LEU B 275 -39.37 -37.73 -0.87
CA LEU B 275 -39.84 -36.44 -0.38
C LEU B 275 -40.82 -36.63 0.78
N GLU B 276 -41.69 -37.62 0.65
CA GLU B 276 -42.67 -37.92 1.68
C GLU B 276 -42.01 -38.34 2.98
N ARG B 277 -40.99 -39.19 2.87
CA ARG B 277 -40.28 -39.68 4.04
C ARG B 277 -39.44 -38.58 4.70
N LEU B 278 -38.85 -37.71 3.89
CA LEU B 278 -38.04 -36.64 4.40
C LEU B 278 -38.87 -35.60 5.15
N LEU B 279 -39.91 -35.10 4.48
CA LEU B 279 -40.79 -34.09 5.08
C LEU B 279 -41.39 -34.53 6.41
N ALA B 280 -41.40 -35.83 6.66
CA ALA B 280 -41.96 -36.35 7.90
C ALA B 280 -40.94 -37.15 8.71
N SER B 281 -39.65 -36.92 8.46
CA SER B 281 -38.60 -37.64 9.18
C SER B 281 -38.10 -36.84 10.37
N ARG B 282 -37.41 -37.53 11.27
CA ARG B 282 -36.84 -36.87 12.44
C ARG B 282 -35.62 -36.07 11.98
N ALA B 283 -35.03 -36.50 10.88
CA ALA B 283 -33.87 -35.83 10.32
C ALA B 283 -34.23 -34.40 9.94
N LEU B 284 -35.42 -34.21 9.38
CA LEU B 284 -35.87 -32.88 8.98
C LEU B 284 -36.06 -32.00 10.21
N ALA B 285 -36.62 -32.58 11.27
CA ALA B 285 -36.85 -31.86 12.51
C ALA B 285 -35.52 -31.50 13.15
N TRP B 286 -34.58 -32.44 13.11
CA TRP B 286 -33.27 -32.23 13.68
C TRP B 286 -32.53 -31.12 12.94
N ALA B 287 -32.62 -31.14 11.61
CA ALA B 287 -31.98 -30.13 10.78
C ALA B 287 -32.50 -28.73 11.10
N LYS B 288 -33.82 -28.60 11.25
CA LYS B 288 -34.42 -27.31 11.55
C LYS B 288 -33.91 -26.81 12.90
N ALA B 289 -33.82 -27.70 13.87
CA ALA B 289 -33.34 -27.35 15.20
C ALA B 289 -31.88 -26.93 15.15
N GLU B 290 -31.10 -27.61 14.32
CA GLU B 290 -29.69 -27.27 14.17
C GLU B 290 -29.54 -25.85 13.62
N ALA B 291 -30.34 -25.52 12.61
CA ALA B 291 -30.28 -24.18 12.02
C ALA B 291 -30.65 -23.12 13.04
N LYS B 292 -31.67 -23.38 13.85
CA LYS B 292 -32.09 -22.43 14.87
C LYS B 292 -31.00 -22.27 15.92
N ARG B 293 -30.40 -23.38 16.32
CA ARG B 293 -29.31 -23.38 17.30
C ARG B 293 -28.13 -22.56 16.79
N LEU B 294 -27.69 -22.86 15.57
CA LEU B 294 -26.56 -22.16 14.98
C LEU B 294 -26.82 -20.67 14.82
N GLN B 295 -28.04 -20.30 14.42
CA GLN B 295 -28.40 -18.91 14.24
C GLN B 295 -28.30 -18.15 15.56
N ALA B 296 -28.90 -18.72 16.60
CA ALA B 296 -28.87 -18.10 17.93
C ALA B 296 -27.46 -18.00 18.47
N GLU B 297 -26.66 -19.05 18.29
CA GLU B 297 -25.30 -19.03 18.79
C GLU B 297 -24.48 -17.99 18.05
N GLY B 298 -24.64 -17.94 16.73
CA GLY B 298 -23.90 -16.98 15.92
C GLY B 298 -24.15 -15.55 16.33
N LEU B 299 -25.41 -15.19 16.50
CA LEU B 299 -25.75 -13.83 16.91
C LEU B 299 -25.21 -13.51 18.29
N ALA B 300 -25.31 -14.46 19.21
CA ALA B 300 -24.82 -14.24 20.57
C ALA B 300 -23.33 -13.98 20.59
N LEU B 301 -22.59 -14.66 19.71
CA LEU B 301 -21.13 -14.48 19.65
C LEU B 301 -20.72 -13.11 19.15
N LEU B 302 -21.55 -12.52 18.30
CA LEU B 302 -21.27 -11.23 17.71
C LEU B 302 -21.78 -10.02 18.50
N GLU B 303 -22.68 -10.26 19.45
CA GLU B 303 -23.26 -9.16 20.22
C GLU B 303 -22.30 -8.16 20.86
N ALA B 304 -21.35 -8.67 21.65
CA ALA B 304 -20.39 -7.79 22.31
C ALA B 304 -19.67 -6.86 21.35
N ALA B 305 -19.09 -7.43 20.30
CA ALA B 305 -18.37 -6.64 19.31
C ALA B 305 -19.29 -5.65 18.61
N PHE B 306 -20.48 -6.12 18.23
CA PHE B 306 -21.42 -5.24 17.55
C PHE B 306 -21.83 -4.03 18.38
N GLN B 307 -22.10 -4.26 19.67
CA GLN B 307 -22.53 -3.16 20.53
C GLN B 307 -21.49 -2.05 20.68
N ASP B 308 -20.26 -2.35 20.33
CA ASP B 308 -19.18 -1.37 20.43
C ASP B 308 -18.84 -0.65 19.13
N LEU B 309 -19.51 -1.03 18.04
CA LEU B 309 -19.22 -0.39 16.75
C LEU B 309 -19.70 1.06 16.70
N PRO B 310 -18.93 1.92 16.00
CA PRO B 310 -19.24 3.36 15.94
C PRO B 310 -20.36 3.78 15.01
N GLY B 311 -20.56 3.06 13.91
CA GLY B 311 -21.60 3.44 12.97
C GLY B 311 -22.92 2.79 13.33
N LYS B 312 -23.63 3.39 14.29
CA LYS B 312 -24.89 2.83 14.76
C LYS B 312 -25.98 2.62 13.71
N GLU B 313 -26.16 3.61 12.83
CA GLU B 313 -27.19 3.50 11.81
C GLU B 313 -26.88 2.36 10.84
N ALA B 314 -25.62 2.26 10.45
CA ALA B 314 -25.20 1.20 9.54
C ALA B 314 -25.33 -0.16 10.22
N LEU B 315 -25.06 -0.20 11.52
CA LEU B 315 -25.16 -1.44 12.28
C LEU B 315 -26.60 -1.94 12.26
N ASP B 316 -27.55 -1.01 12.30
CA ASP B 316 -28.97 -1.36 12.27
C ASP B 316 -29.23 -2.16 11.00
N HIS B 317 -28.77 -1.63 9.88
CA HIS B 317 -28.93 -2.28 8.58
C HIS B 317 -28.21 -3.62 8.55
N LEU B 318 -27.01 -3.66 9.11
CA LEU B 318 -26.23 -4.90 9.13
C LEU B 318 -26.97 -5.99 9.90
N ARG B 319 -27.44 -5.67 11.10
CA ARG B 319 -28.18 -6.64 11.91
C ARG B 319 -29.39 -7.15 11.13
N GLY B 320 -30.09 -6.24 10.46
CA GLY B 320 -31.26 -6.62 9.69
C GLY B 320 -30.97 -7.62 8.58
N LEU B 321 -29.87 -7.41 7.86
CA LEU B 321 -29.51 -8.31 6.78
C LEU B 321 -29.10 -9.68 7.29
N LEU B 322 -28.43 -9.72 8.45
CA LEU B 322 -28.00 -10.98 9.02
C LEU B 322 -29.17 -11.80 9.58
N ALA B 323 -30.21 -11.10 10.04
CA ALA B 323 -31.38 -11.76 10.59
C ALA B 323 -32.19 -12.43 9.49
N ALA B 324 -32.18 -11.83 8.31
CA ALA B 324 -32.92 -12.38 7.18
C ALA B 324 -32.16 -13.54 6.55
N LEU B 325 -31.20 -13.20 5.68
CA LEU B 325 -30.37 -14.19 4.98
C LEU B 325 -31.21 -15.20 4.20
N MET C 1 15.84 29.50 48.13
CA MET C 1 15.66 28.03 47.93
C MET C 1 15.29 27.73 46.47
N VAL C 2 14.13 27.11 46.27
CA VAL C 2 13.67 26.78 44.92
C VAL C 2 13.29 28.06 44.16
N PRO C 3 13.63 28.14 42.87
CA PRO C 3 13.28 29.32 42.09
C PRO C 3 11.78 29.58 42.02
N ALA C 4 11.39 30.85 41.96
CA ALA C 4 9.98 31.22 41.89
C ALA C 4 9.49 30.95 40.46
N PRO C 5 8.18 30.70 40.30
CA PRO C 5 7.65 30.43 38.96
C PRO C 5 7.97 31.50 37.92
N GLU C 6 7.86 32.77 38.30
CA GLU C 6 8.15 33.84 37.35
C GLU C 6 9.61 33.82 36.90
N ALA C 7 10.51 33.50 37.82
CA ALA C 7 11.94 33.44 37.51
C ALA C 7 12.18 32.31 36.51
N ILE C 8 11.51 31.18 36.71
CA ILE C 8 11.67 30.06 35.79
C ILE C 8 11.10 30.42 34.43
N ARG C 9 9.92 31.05 34.42
CA ARG C 9 9.29 31.42 33.17
C ARG C 9 10.24 32.32 32.37
N GLN C 10 10.83 33.30 33.04
CA GLN C 10 11.74 34.21 32.38
C GLN C 10 12.93 33.46 31.77
N ALA C 11 13.48 32.51 32.53
CA ALA C 11 14.63 31.71 32.09
C ALA C 11 14.26 30.85 30.89
N LEU C 12 13.10 30.19 30.94
CA LEU C 12 12.68 29.35 29.83
C LEU C 12 12.50 30.17 28.55
N GLN C 13 11.90 31.35 28.70
CA GLN C 13 11.69 32.21 27.53
C GLN C 13 13.02 32.63 26.92
N GLU C 14 13.99 33.01 27.76
CA GLU C 14 15.29 33.42 27.24
C GLU C 14 15.98 32.25 26.54
N ARG C 15 15.91 31.06 27.14
CA ARG C 15 16.54 29.88 26.56
C ARG C 15 15.87 29.49 25.24
N LEU C 16 14.55 29.57 25.22
CA LEU C 16 13.78 29.22 24.03
C LEU C 16 14.15 30.14 22.87
N LEU C 17 14.20 31.43 23.13
CA LEU C 17 14.52 32.39 22.09
C LEU C 17 15.96 32.21 21.61
N ALA C 18 16.87 31.92 22.54
CA ALA C 18 18.26 31.75 22.18
C ALA C 18 18.47 30.53 21.29
N ARG C 19 17.68 29.47 21.51
CA ARG C 19 17.78 28.27 20.71
C ARG C 19 17.26 28.52 19.30
N LEU C 20 16.44 29.55 19.13
CA LEU C 20 15.85 29.87 17.84
C LEU C 20 16.42 31.11 17.16
N ASP C 21 17.57 31.59 17.65
CA ASP C 21 18.20 32.75 17.05
C ASP C 21 18.79 32.27 15.73
N HIS C 22 18.90 33.17 14.76
CA HIS C 22 19.46 32.81 13.48
C HIS C 22 19.93 34.11 12.83
N PRO C 23 21.02 34.05 12.06
CA PRO C 23 21.55 35.27 11.44
C PRO C 23 20.65 35.90 10.37
N ASP C 24 19.75 35.12 9.78
CA ASP C 24 18.84 35.65 8.76
C ASP C 24 17.63 36.22 9.50
N PRO C 25 17.40 37.53 9.39
CA PRO C 25 16.33 38.16 10.17
C PRO C 25 14.93 37.62 9.94
N LEU C 26 14.61 37.30 8.70
CA LEU C 26 13.29 36.77 8.38
C LEU C 26 13.16 35.36 8.94
N TYR C 27 14.22 34.57 8.78
CA TYR C 27 14.16 33.20 9.29
C TYR C 27 14.03 33.24 10.81
N ARG C 28 14.79 34.12 11.46
CA ARG C 28 14.73 34.27 12.92
C ARG C 28 13.32 34.65 13.33
N ASP C 29 12.72 35.59 12.59
CA ASP C 29 11.36 36.06 12.81
C ASP C 29 10.41 34.87 12.80
N LEU C 30 10.47 34.07 11.73
CA LEU C 30 9.60 32.91 11.63
C LEU C 30 9.76 31.93 12.77
N LEU C 31 11.01 31.64 13.15
CA LEU C 31 11.24 30.68 14.23
C LEU C 31 10.78 31.17 15.58
N GLN C 32 11.06 32.44 15.87
CA GLN C 32 10.72 32.98 17.17
C GLN C 32 9.33 33.54 17.36
N ASP C 33 8.57 33.67 16.28
CA ASP C 33 7.24 34.27 16.36
C ASP C 33 6.30 33.67 17.40
N TYR C 34 6.06 32.37 17.35
CA TYR C 34 5.15 31.79 18.33
C TYR C 34 5.67 31.91 19.77
N PRO C 35 6.95 31.61 20.01
CA PRO C 35 7.49 31.81 21.36
C PRO C 35 7.31 33.24 21.86
N ARG C 36 7.46 34.22 20.98
CA ARG C 36 7.32 35.62 21.41
C ARG C 36 5.89 36.01 21.79
N ARG C 37 4.91 35.18 21.45
CA ARG C 37 3.54 35.50 21.81
C ARG C 37 3.34 35.30 23.31
N GLY C 38 4.33 34.68 23.95
CA GLY C 38 4.28 34.48 25.40
C GLY C 38 3.38 33.40 25.94
N GLY C 39 2.94 33.59 27.17
CA GLY C 39 2.09 32.62 27.82
C GLY C 39 2.68 32.14 29.13
N LYS C 40 1.89 31.37 29.87
CA LYS C 40 2.32 30.87 31.17
C LYS C 40 3.37 29.78 31.17
N MET C 41 3.52 29.09 30.04
CA MET C 41 4.51 28.01 29.93
C MET C 41 4.30 26.98 31.04
N LEU C 42 3.03 26.61 31.24
CA LEU C 42 2.65 25.64 32.27
C LEU C 42 3.41 24.32 32.15
N ARG C 43 3.49 23.79 30.94
CA ARG C 43 4.18 22.51 30.74
C ARG C 43 5.66 22.61 31.12
N GLY C 44 6.28 23.73 30.78
CA GLY C 44 7.68 23.93 31.11
C GLY C 44 7.87 24.05 32.61
N LEU C 45 7.01 24.81 33.27
CA LEU C 45 7.13 24.95 34.73
C LEU C 45 6.92 23.60 35.42
N LEU C 46 5.94 22.84 34.97
CA LEU C 46 5.69 21.53 35.54
C LEU C 46 6.95 20.68 35.41
N THR C 47 7.60 20.75 34.26
CA THR C 47 8.80 19.97 34.02
C THR C 47 9.94 20.38 34.94
N VAL C 48 10.15 21.69 35.10
CA VAL C 48 11.22 22.14 35.99
C VAL C 48 10.97 21.70 37.42
N TYR C 49 9.78 21.99 37.96
CA TYR C 49 9.52 21.58 39.33
C TYR C 49 9.49 20.05 39.48
N SER C 50 9.08 19.34 38.45
CA SER C 50 9.09 17.89 38.53
C SER C 50 10.54 17.43 38.65
N ALA C 51 11.42 18.02 37.86
CA ALA C 51 12.84 17.64 37.90
C ALA C 51 13.41 17.87 39.31
N LEU C 52 13.18 19.06 39.85
CA LEU C 52 13.66 19.40 41.19
C LEU C 52 13.03 18.50 42.25
N ALA C 53 11.74 18.22 42.14
CA ALA C 53 11.07 17.37 43.12
C ALA C 53 11.68 15.97 43.17
N HIS C 54 12.14 15.47 42.02
CA HIS C 54 12.73 14.14 41.95
C HIS C 54 14.22 14.14 42.32
N GLY C 55 14.77 15.32 42.50
CA GLY C 55 16.18 15.42 42.86
C GLY C 55 17.13 15.66 41.71
N ALA C 56 16.62 16.02 40.55
CA ALA C 56 17.50 16.28 39.41
C ALA C 56 17.99 17.72 39.48
N PRO C 57 19.15 18.02 38.87
CA PRO C 57 19.66 19.39 38.91
C PRO C 57 18.81 20.40 38.17
N LEU C 58 18.79 21.63 38.67
CA LEU C 58 18.02 22.71 38.05
C LEU C 58 18.32 22.85 36.57
N GLU C 59 19.61 22.85 36.20
CA GLU C 59 19.98 23.01 34.81
C GLU C 59 19.36 21.94 33.92
N ALA C 60 19.30 20.71 34.42
CA ALA C 60 18.71 19.62 33.66
C ALA C 60 17.22 19.91 33.48
N GLY C 61 16.56 20.35 34.56
CA GLY C 61 15.15 20.65 34.46
C GLY C 61 14.88 21.78 33.49
N LEU C 62 15.69 22.84 33.56
CA LEU C 62 15.50 23.98 32.66
C LEU C 62 15.67 23.59 31.20
N GLU C 63 16.69 22.78 30.90
CA GLU C 63 16.90 22.39 29.52
C GLU C 63 15.79 21.49 29.00
N ALA C 64 15.35 20.53 29.82
CA ALA C 64 14.28 19.64 29.39
C ALA C 64 12.99 20.44 29.18
N ALA C 65 12.76 21.40 30.07
CA ALA C 65 11.55 22.22 29.98
C ALA C 65 11.60 23.09 28.74
N THR C 66 12.79 23.59 28.41
CA THR C 66 12.96 24.42 27.24
C THR C 66 12.61 23.56 26.02
N ALA C 67 13.07 22.31 26.01
CA ALA C 67 12.76 21.41 24.90
C ALA C 67 11.26 21.16 24.77
N LEU C 68 10.56 20.96 25.90
CA LEU C 68 9.14 20.70 25.85
C LEU C 68 8.39 21.94 25.41
N GLU C 69 8.86 23.13 25.78
CA GLU C 69 8.19 24.34 25.33
C GLU C 69 8.47 24.55 23.84
N LEU C 70 9.65 24.14 23.36
CA LEU C 70 9.96 24.25 21.94
C LEU C 70 8.97 23.33 21.20
N PHE C 71 8.77 22.13 21.74
CA PHE C 71 7.82 21.18 21.18
C PHE C 71 6.45 21.83 21.09
N GLN C 72 5.98 22.40 22.19
CA GLN C 72 4.68 23.05 22.20
C GLN C 72 4.56 24.05 21.07
N ASN C 73 5.60 24.85 20.88
CA ASN C 73 5.57 25.86 19.84
C ASN C 73 5.55 25.34 18.41
N TRP C 74 6.41 24.38 18.07
CA TRP C 74 6.36 23.93 16.68
C TRP C 74 5.09 23.13 16.41
N VAL C 75 4.62 22.39 17.42
CA VAL C 75 3.38 21.64 17.26
C VAL C 75 2.25 22.63 16.96
N LEU C 76 2.20 23.76 17.64
CA LEU C 76 1.14 24.73 17.37
C LEU C 76 1.26 25.33 15.96
N VAL C 77 2.48 25.62 15.52
CA VAL C 77 2.66 26.16 14.18
C VAL C 77 2.04 25.20 13.15
N HIS C 78 2.37 23.91 13.29
CA HIS C 78 1.82 22.94 12.35
C HIS C 78 0.34 22.68 12.57
N ASP C 79 -0.10 22.63 13.83
CA ASP C 79 -1.51 22.42 14.11
C ASP C 79 -2.34 23.52 13.51
N ASP C 80 -1.86 24.76 13.59
CA ASP C 80 -2.64 25.86 13.02
C ASP C 80 -2.84 25.70 11.51
N ILE C 81 -1.82 25.21 10.80
CA ILE C 81 -1.96 24.98 9.37
C ILE C 81 -2.95 23.83 9.14
N GLU C 82 -2.72 22.73 9.85
CA GLU C 82 -3.55 21.54 9.71
C GLU C 82 -5.01 21.75 10.08
N ASP C 83 -5.24 22.47 11.18
CA ASP C 83 -6.59 22.71 11.67
C ASP C 83 -7.32 23.82 10.94
N GLY C 84 -6.57 24.68 10.28
CA GLY C 84 -7.18 25.81 9.60
C GLY C 84 -7.46 26.92 10.59
N SER C 85 -6.63 27.07 11.62
CA SER C 85 -6.85 28.14 12.59
C SER C 85 -6.34 29.48 12.04
N GLU C 86 -7.14 30.51 12.23
CA GLU C 86 -6.82 31.83 11.73
C GLU C 86 -6.01 32.67 12.71
N GLU C 87 -6.17 32.39 14.00
CA GLU C 87 -5.53 33.16 15.07
C GLU C 87 -4.84 32.29 16.11
N ARG C 88 -3.84 32.86 16.78
CA ARG C 88 -3.10 32.16 17.82
C ARG C 88 -2.66 33.20 18.86
N ARG C 89 -3.24 33.09 20.05
CA ARG C 89 -2.94 33.98 21.15
C ARG C 89 -2.99 35.47 20.79
N GLY C 90 -4.08 35.87 20.14
CA GLY C 90 -4.28 37.27 19.81
C GLY C 90 -3.70 37.84 18.54
N ARG C 91 -2.93 37.06 17.80
CA ARG C 91 -2.36 37.51 16.52
C ARG C 91 -2.69 36.45 15.48
N PRO C 92 -2.72 36.83 14.19
CA PRO C 92 -2.97 35.82 13.15
C PRO C 92 -1.97 34.68 13.22
N ALA C 93 -2.41 33.49 12.86
CA ALA C 93 -1.55 32.30 12.86
C ALA C 93 -0.33 32.53 11.95
N LEU C 94 0.74 31.80 12.19
CA LEU C 94 1.97 32.01 11.44
C LEU C 94 1.79 31.94 9.94
N HIS C 95 0.99 30.99 9.47
CA HIS C 95 0.75 30.84 8.05
C HIS C 95 -0.20 31.89 7.44
N ARG C 96 -0.65 32.84 8.27
CA ARG C 96 -1.49 33.92 7.78
C ARG C 96 -0.69 35.22 7.81
N LEU C 97 0.48 35.17 8.45
CA LEU C 97 1.39 36.31 8.53
C LEU C 97 2.49 36.18 7.47
N HIS C 98 2.69 34.93 7.02
CA HIS C 98 3.70 34.59 6.03
C HIS C 98 3.11 33.49 5.14
N PRO C 99 3.66 33.32 3.94
CA PRO C 99 3.26 32.20 3.07
C PRO C 99 3.28 30.90 3.90
N MET C 100 2.23 30.11 3.77
CA MET C 100 2.13 28.87 4.51
C MET C 100 3.35 27.94 4.40
N PRO C 101 3.92 27.77 3.19
CA PRO C 101 5.08 26.87 3.09
C PRO C 101 6.24 27.29 3.98
N LEU C 102 6.41 28.59 4.15
CA LEU C 102 7.49 29.08 5.02
C LEU C 102 7.21 28.77 6.49
N ALA C 103 5.95 28.87 6.89
CA ALA C 103 5.58 28.55 8.26
C ALA C 103 5.70 27.03 8.49
N LEU C 104 5.31 26.24 7.50
CA LEU C 104 5.41 24.78 7.61
C LEU C 104 6.90 24.43 7.81
N ASN C 105 7.75 24.95 6.93
CA ASN C 105 9.18 24.68 7.01
C ASN C 105 9.78 25.20 8.33
N ALA C 106 9.34 26.37 8.79
CA ALA C 106 9.83 26.92 10.05
C ALA C 106 9.56 25.92 11.19
N GLY C 107 8.37 25.32 11.18
CA GLY C 107 8.04 24.34 12.21
C GLY C 107 8.99 23.15 12.20
N ASP C 108 9.40 22.72 11.01
CA ASP C 108 10.34 21.61 10.89
C ASP C 108 11.69 22.02 11.48
N ALA C 109 12.11 23.25 11.22
CA ALA C 109 13.38 23.76 11.75
C ALA C 109 13.32 23.84 13.27
N MET C 110 12.16 24.25 13.80
CA MET C 110 11.98 24.35 15.25
C MET C 110 12.07 22.97 15.89
N HIS C 111 11.48 21.98 15.22
CA HIS C 111 11.49 20.60 15.68
C HIS C 111 12.95 20.13 15.74
N ALA C 112 13.73 20.44 14.70
CA ALA C 112 15.14 20.04 14.69
C ALA C 112 15.90 20.70 15.84
N GLU C 113 15.58 21.94 16.16
CA GLU C 113 16.26 22.61 17.26
C GLU C 113 15.94 21.95 18.61
N MET C 114 14.72 21.43 18.75
CA MET C 114 14.34 20.74 19.97
C MET C 114 15.28 19.53 20.13
N TRP C 115 15.48 18.76 19.06
CA TRP C 115 16.36 17.61 19.14
C TRP C 115 17.82 18.00 19.31
N GLY C 116 18.23 19.13 18.74
CA GLY C 116 19.59 19.58 18.90
C GLY C 116 19.87 19.87 20.37
N LEU C 117 18.91 20.52 21.02
CA LEU C 117 19.02 20.83 22.44
C LEU C 117 19.15 19.54 23.24
N LEU C 118 18.30 18.56 22.93
CA LEU C 118 18.34 17.29 23.66
C LEU C 118 19.66 16.56 23.47
N ALA C 119 20.18 16.57 22.24
CA ALA C 119 21.44 15.90 21.94
C ALA C 119 22.60 16.54 22.73
N GLU C 120 22.58 17.86 22.81
CA GLU C 120 23.62 18.56 23.55
C GLU C 120 23.56 18.27 25.04
N GLY C 121 22.34 18.21 25.56
CA GLY C 121 22.17 17.95 26.98
C GLY C 121 22.67 16.56 27.35
N LEU C 122 22.44 15.60 26.46
CA LEU C 122 22.91 14.25 26.74
C LEU C 122 24.43 14.22 26.62
N ALA C 123 24.98 14.90 25.62
CA ALA C 123 26.43 14.93 25.44
C ALA C 123 27.12 15.44 26.69
N ARG C 124 26.55 16.47 27.32
CA ARG C 124 27.15 17.04 28.53
C ARG C 124 26.92 16.23 29.80
N GLY C 125 26.09 15.19 29.72
CA GLY C 125 25.83 14.37 30.88
C GLY C 125 24.63 14.77 31.72
N LEU C 126 23.89 15.78 31.28
CA LEU C 126 22.70 16.23 32.03
C LEU C 126 21.50 15.34 31.73
N PHE C 127 21.46 14.79 30.52
CA PHE C 127 20.36 13.92 30.12
C PHE C 127 20.81 12.48 29.98
N PRO C 128 20.13 11.56 30.66
CA PRO C 128 20.34 10.13 30.37
C PRO C 128 19.65 9.86 29.05
N PRO C 129 20.06 8.81 28.33
CA PRO C 129 19.43 8.48 27.05
C PRO C 129 17.92 8.38 27.14
N GLU C 130 17.44 7.95 28.31
CA GLU C 130 16.01 7.79 28.54
C GLU C 130 15.23 9.09 28.31
N VAL C 131 15.87 10.24 28.51
CA VAL C 131 15.19 11.52 28.29
C VAL C 131 14.85 11.70 26.82
N LEU C 132 15.77 11.29 25.95
CA LEU C 132 15.51 11.41 24.51
C LEU C 132 14.45 10.39 24.12
N LEU C 133 14.45 9.23 24.76
CA LEU C 133 13.44 8.22 24.47
C LEU C 133 12.07 8.79 24.87
N GLU C 134 12.01 9.51 25.98
CA GLU C 134 10.74 10.10 26.42
C GLU C 134 10.25 11.13 25.40
N PHE C 135 11.15 11.97 24.89
CA PHE C 135 10.73 12.95 23.91
C PHE C 135 10.26 12.26 22.63
N HIS C 136 10.85 11.12 22.31
CA HIS C 136 10.38 10.38 21.14
C HIS C 136 8.93 9.96 21.36
N GLU C 137 8.62 9.47 22.57
CA GLU C 137 7.25 9.05 22.88
C GLU C 137 6.33 10.26 22.81
N VAL C 138 6.81 11.40 23.29
CA VAL C 138 6.03 12.63 23.26
C VAL C 138 5.63 12.99 21.84
N VAL C 139 6.59 13.04 20.92
CA VAL C 139 6.24 13.42 19.56
C VAL C 139 5.39 12.35 18.87
N ARG C 140 5.76 11.08 19.06
CA ARG C 140 5.03 9.96 18.45
C ARG C 140 3.55 9.94 18.87
N ARG C 141 3.30 10.05 20.17
CA ARG C 141 1.91 9.99 20.63
C ARG C 141 1.14 11.22 20.20
N THR C 142 1.75 12.38 20.33
CA THR C 142 1.06 13.61 19.94
C THR C 142 0.71 13.61 18.45
N ALA C 143 1.64 13.19 17.61
CA ALA C 143 1.37 13.16 16.18
C ALA C 143 0.26 12.16 15.87
N TYR C 144 0.25 11.01 16.53
CA TYR C 144 -0.80 10.05 16.26
C TYR C 144 -2.15 10.61 16.72
N GLY C 145 -2.16 11.32 17.85
CA GLY C 145 -3.40 11.89 18.32
C GLY C 145 -3.93 12.94 17.36
N GLN C 146 -3.03 13.74 16.80
CA GLN C 146 -3.43 14.77 15.85
C GLN C 146 -3.96 14.10 14.58
N HIS C 147 -3.35 12.98 14.20
CA HIS C 147 -3.82 12.22 13.04
C HIS C 147 -5.27 11.79 13.28
N LEU C 148 -5.52 11.19 14.44
CA LEU C 148 -6.87 10.74 14.78
C LEU C 148 -7.86 11.90 14.79
N ASP C 149 -7.41 13.05 15.30
CA ASP C 149 -8.28 14.23 15.40
C ASP C 149 -8.67 14.74 14.01
N LEU C 150 -7.69 14.84 13.12
CA LEU C 150 -7.93 15.30 11.76
C LEU C 150 -8.83 14.34 11.00
N LEU C 151 -8.58 13.05 11.16
CA LEU C 151 -9.36 12.04 10.46
C LEU C 151 -10.81 12.09 10.90
N TRP C 152 -11.04 12.34 12.19
CA TRP C 152 -12.42 12.41 12.69
C TRP C 152 -13.16 13.53 11.98
N THR C 153 -12.54 14.71 11.92
CA THR C 153 -13.15 15.86 11.27
C THR C 153 -13.37 15.67 9.78
N LEU C 154 -12.37 15.12 9.12
CA LEU C 154 -12.40 14.97 7.66
C LEU C 154 -13.06 13.69 7.14
N GLY C 155 -13.48 12.83 8.05
CA GLY C 155 -14.11 11.59 7.62
C GLY C 155 -15.59 11.79 7.39
N GLY C 156 -16.27 10.71 7.00
CA GLY C 156 -17.69 10.80 6.78
C GLY C 156 -18.37 10.82 8.12
N THR C 157 -19.25 9.85 8.33
CA THR C 157 -20.00 9.72 9.57
C THR C 157 -19.09 9.90 10.78
N PHE C 158 -19.60 10.62 11.78
CA PHE C 158 -18.80 10.88 12.97
C PHE C 158 -18.99 9.87 14.08
N ASP C 159 -17.88 9.38 14.60
CA ASP C 159 -17.86 8.42 15.71
C ASP C 159 -18.13 9.22 16.98
N LEU C 160 -19.25 8.96 17.64
CA LEU C 160 -19.61 9.69 18.84
C LEU C 160 -19.34 8.94 20.14
N ARG C 161 -18.67 7.79 20.06
CA ARG C 161 -18.38 7.02 21.26
C ARG C 161 -17.40 7.79 22.16
N PRO C 162 -17.76 8.03 23.42
CA PRO C 162 -16.83 8.72 24.30
C PRO C 162 -15.45 8.06 24.41
N GLU C 163 -15.42 6.73 24.41
CA GLU C 163 -14.17 5.99 24.52
C GLU C 163 -13.22 6.35 23.40
N ASP C 164 -13.75 6.59 22.20
CA ASP C 164 -12.90 6.92 21.08
C ASP C 164 -12.32 8.32 21.25
N TYR C 165 -13.15 9.23 21.77
CA TYR C 165 -12.68 10.59 22.03
C TYR C 165 -11.54 10.56 23.06
N PHE C 166 -11.74 9.80 24.14
CA PHE C 166 -10.70 9.75 25.17
C PHE C 166 -9.40 9.14 24.66
N ARG C 167 -9.51 8.18 23.76
CA ARG C 167 -8.32 7.57 23.18
C ARG C 167 -7.55 8.62 22.38
N MET C 168 -8.28 9.37 21.56
CA MET C 168 -7.66 10.41 20.75
C MET C 168 -7.00 11.47 21.61
N VAL C 169 -7.74 12.01 22.58
CA VAL C 169 -7.17 13.07 23.39
C VAL C 169 -6.02 12.62 24.28
N ALA C 170 -6.04 11.36 24.70
CA ALA C 170 -4.95 10.83 25.52
C ALA C 170 -3.65 10.97 24.74
N HIS C 171 -3.72 10.73 23.43
CA HIS C 171 -2.54 10.84 22.59
C HIS C 171 -2.24 12.27 22.14
N LYS C 172 -3.27 12.95 21.66
CA LYS C 172 -3.10 14.30 21.14
C LYS C 172 -2.63 15.35 22.12
N ALA C 173 -3.16 15.29 23.35
CA ALA C 173 -2.82 16.34 24.31
C ALA C 173 -2.45 15.92 25.72
N ALA C 174 -3.14 14.92 26.24
CA ALA C 174 -2.92 14.55 27.63
C ALA C 174 -1.52 14.07 27.94
N TYR C 175 -0.97 13.22 27.09
CA TYR C 175 0.35 12.70 27.38
C TYR C 175 1.44 13.76 27.50
N TYR C 176 1.63 14.59 26.47
CA TYR C 176 2.72 15.56 26.56
C TYR C 176 2.50 16.68 27.55
N THR C 177 1.22 16.97 27.82
CA THR C 177 0.87 18.04 28.73
C THR C 177 1.07 17.71 30.20
N ALA C 178 0.63 16.53 30.61
CA ALA C 178 0.74 16.15 32.02
C ALA C 178 1.56 14.92 32.33
N VAL C 179 1.63 13.95 31.42
CA VAL C 179 2.44 12.76 31.70
C VAL C 179 3.92 13.03 31.51
N ALA C 180 4.26 13.67 30.39
CA ALA C 180 5.67 13.93 30.11
C ALA C 180 6.39 14.71 31.19
N PRO C 181 5.79 15.78 31.73
CA PRO C 181 6.52 16.52 32.77
C PRO C 181 6.85 15.64 33.99
N LEU C 182 5.92 14.76 34.36
CA LEU C 182 6.15 13.87 35.49
C LEU C 182 7.21 12.82 35.17
N ARG C 183 7.06 12.13 34.04
CA ARG C 183 8.06 11.12 33.67
C ARG C 183 9.44 11.76 33.47
N LEU C 184 9.50 12.91 32.82
CA LEU C 184 10.79 13.56 32.62
C LEU C 184 11.49 13.87 33.94
N GLY C 185 10.72 14.30 34.93
CA GLY C 185 11.34 14.62 36.22
C GLY C 185 12.05 13.42 36.79
N ALA C 186 11.39 12.27 36.78
CA ALA C 186 11.99 11.05 37.31
C ALA C 186 13.18 10.61 36.45
N LEU C 187 13.01 10.63 35.14
CA LEU C 187 14.09 10.21 34.24
C LEU C 187 15.34 11.09 34.38
N LEU C 188 15.13 12.38 34.56
CA LEU C 188 16.26 13.30 34.71
C LEU C 188 17.04 12.98 35.98
N ALA C 189 16.37 12.40 36.96
CA ALA C 189 16.99 12.03 38.23
C ALA C 189 17.51 10.60 38.21
N GLY C 190 17.45 9.95 37.05
CA GLY C 190 17.92 8.58 36.95
C GLY C 190 16.97 7.57 37.59
N LYS C 191 15.71 7.95 37.74
CA LYS C 191 14.73 7.06 38.35
C LYS C 191 13.69 6.55 37.36
N THR C 192 13.18 5.35 37.62
CA THR C 192 12.17 4.74 36.76
C THR C 192 10.80 5.30 37.13
N PRO C 193 10.13 5.98 36.19
CA PRO C 193 8.83 6.55 36.51
C PRO C 193 7.80 5.49 36.89
N PRO C 194 7.05 5.72 37.97
CA PRO C 194 5.97 4.78 38.28
C PRO C 194 4.92 4.76 37.17
N ALA C 195 4.23 3.64 37.06
CA ALA C 195 3.16 3.50 36.06
C ALA C 195 2.08 4.55 36.36
N ALA C 196 1.95 4.92 37.63
CA ALA C 196 0.94 5.89 38.03
C ALA C 196 1.12 7.25 37.34
N TYR C 197 2.34 7.57 36.92
CA TYR C 197 2.53 8.86 36.25
C TYR C 197 1.72 8.91 34.96
N GLU C 198 1.73 7.82 34.20
CA GLU C 198 0.96 7.80 32.97
C GLU C 198 -0.54 7.66 33.27
N GLU C 199 -0.92 6.76 34.18
CA GLU C 199 -2.35 6.61 34.46
C GLU C 199 -2.95 7.89 35.04
N GLY C 200 -2.29 8.47 36.03
CA GLY C 200 -2.80 9.69 36.63
C GLY C 200 -2.64 10.89 35.72
N GLY C 201 -1.47 10.99 35.09
CA GLY C 201 -1.20 12.09 34.19
C GLY C 201 -2.17 12.14 33.01
N LEU C 202 -2.59 10.99 32.49
CA LEU C 202 -3.51 11.01 31.37
C LEU C 202 -4.86 11.59 31.79
N ARG C 203 -5.26 11.32 33.03
CA ARG C 203 -6.51 11.87 33.51
C ARG C 203 -6.40 13.40 33.66
N LEU C 204 -5.30 13.87 34.23
CA LEU C 204 -5.08 15.32 34.41
C LEU C 204 -4.96 16.04 33.05
N GLY C 205 -4.25 15.41 32.12
CA GLY C 205 -4.07 16.02 30.80
C GLY C 205 -5.38 16.07 30.02
N THR C 206 -6.24 15.09 30.26
CA THR C 206 -7.53 15.07 29.58
C THR C 206 -8.39 16.18 30.17
N ALA C 207 -8.32 16.34 31.49
CA ALA C 207 -9.07 17.40 32.17
C ALA C 207 -8.63 18.74 31.60
N PHE C 208 -7.32 18.90 31.43
CA PHE C 208 -6.75 20.12 30.87
C PHE C 208 -7.37 20.42 29.51
N GLN C 209 -7.43 19.42 28.63
CA GLN C 209 -8.00 19.66 27.32
C GLN C 209 -9.48 20.03 27.36
N ILE C 210 -10.25 19.38 28.22
CA ILE C 210 -11.66 19.69 28.35
C ILE C 210 -11.83 21.15 28.72
N VAL C 211 -10.99 21.63 29.65
CA VAL C 211 -11.04 23.03 30.05
C VAL C 211 -10.66 23.95 28.90
N ASP C 212 -9.63 23.57 28.12
CA ASP C 212 -9.24 24.39 26.98
C ASP C 212 -10.43 24.53 26.03
N ASP C 213 -11.14 23.43 25.82
CA ASP C 213 -12.27 23.43 24.90
C ASP C 213 -13.42 24.31 25.40
N VAL C 214 -13.66 24.31 26.71
CA VAL C 214 -14.72 25.14 27.26
C VAL C 214 -14.30 26.60 27.08
N LEU C 215 -13.04 26.90 27.37
CA LEU C 215 -12.53 28.25 27.23
C LEU C 215 -12.62 28.77 25.80
N ASN C 216 -12.50 27.87 24.82
CA ASN C 216 -12.57 28.31 23.43
C ASN C 216 -13.97 28.78 23.06
N LEU C 217 -14.99 28.24 23.73
CA LEU C 217 -16.37 28.64 23.48
C LEU C 217 -16.70 29.92 24.24
N GLU C 218 -16.15 30.06 25.44
CA GLU C 218 -16.44 31.24 26.25
C GLU C 218 -15.74 32.49 25.72
N GLY C 219 -16.16 33.65 26.23
CA GLY C 219 -15.60 34.91 25.77
C GLY C 219 -14.45 35.56 26.53
N GLY C 220 -13.62 34.74 27.17
CA GLY C 220 -12.48 35.30 27.87
C GLY C 220 -11.33 35.52 26.90
N GLU C 221 -10.19 35.96 27.40
CA GLU C 221 -9.04 36.21 26.55
C GLU C 221 -8.72 34.95 25.75
N ALA C 222 -8.63 35.08 24.43
CA ALA C 222 -8.34 33.94 23.56
C ALA C 222 -6.86 33.63 23.55
N TYR C 223 -6.44 32.77 24.47
CA TYR C 223 -5.05 32.37 24.60
C TYR C 223 -4.58 31.41 23.53
N GLY C 224 -5.53 30.69 22.94
CA GLY C 224 -5.21 29.74 21.89
C GLY C 224 -5.71 30.24 20.56
N LYS C 225 -6.43 29.39 19.84
CA LYS C 225 -6.97 29.78 18.54
C LYS C 225 -8.16 30.72 18.73
N GLU C 226 -8.72 31.19 17.62
CA GLU C 226 -9.85 32.09 17.69
C GLU C 226 -11.03 31.50 18.44
N ARG C 227 -11.81 32.36 19.08
CA ARG C 227 -12.97 31.91 19.81
C ARG C 227 -13.89 31.17 18.85
N ALA C 228 -14.47 30.08 19.35
CA ALA C 228 -15.37 29.23 18.58
C ALA C 228 -14.63 28.55 17.43
N GLY C 229 -13.31 28.57 17.49
CA GLY C 229 -12.52 27.93 16.44
C GLY C 229 -12.86 26.46 16.31
N ASP C 230 -13.19 25.82 17.42
CA ASP C 230 -13.53 24.41 17.39
C ASP C 230 -14.81 24.18 16.61
N LEU C 231 -15.69 25.17 16.59
CA LEU C 231 -16.93 25.02 15.84
C LEU C 231 -16.67 25.26 14.35
N TYR C 232 -15.88 26.29 14.05
CA TYR C 232 -15.56 26.58 12.65
C TYR C 232 -14.75 25.46 12.03
N GLU C 233 -13.93 24.78 12.86
CA GLU C 233 -13.06 23.72 12.36
C GLU C 233 -13.60 22.30 12.44
N GLY C 234 -14.78 22.14 13.00
CA GLY C 234 -15.35 20.81 13.11
C GLY C 234 -14.56 19.91 14.04
N LYS C 235 -14.09 20.46 15.15
CA LYS C 235 -13.32 19.68 16.12
C LYS C 235 -14.21 18.96 17.13
N ARG C 236 -13.86 17.70 17.38
CA ARG C 236 -14.59 16.92 18.38
C ARG C 236 -14.15 17.34 19.78
N THR C 237 -15.13 17.63 20.63
CA THR C 237 -14.85 17.99 22.02
C THR C 237 -15.85 17.24 22.89
N LEU C 238 -15.54 17.11 24.17
CA LEU C 238 -16.44 16.40 25.07
C LEU C 238 -17.74 17.18 25.22
N ILE C 239 -17.64 18.52 25.25
CA ILE C 239 -18.84 19.36 25.35
C ILE C 239 -19.77 19.05 24.18
N LEU C 240 -19.19 18.99 22.98
CA LEU C 240 -19.99 18.71 21.78
C LEU C 240 -20.63 17.33 21.88
N LEU C 241 -19.87 16.33 22.30
CA LEU C 241 -20.42 14.98 22.40
C LEU C 241 -21.61 14.93 23.35
N ARG C 242 -21.48 15.57 24.51
CA ARG C 242 -22.55 15.58 25.50
C ARG C 242 -23.75 16.35 24.96
N PHE C 243 -23.49 17.46 24.28
CA PHE C 243 -24.58 18.24 23.70
C PHE C 243 -25.39 17.40 22.71
N LEU C 244 -24.70 16.67 21.84
CA LEU C 244 -25.37 15.84 20.85
C LEU C 244 -26.21 14.75 21.50
N GLU C 245 -25.71 14.22 22.62
CA GLU C 245 -26.43 13.16 23.32
C GLU C 245 -27.72 13.63 23.96
N GLU C 246 -27.77 14.90 24.35
CA GLU C 246 -28.93 15.44 25.03
C GLU C 246 -29.79 16.42 24.26
N ALA C 247 -29.29 16.93 23.16
CA ALA C 247 -30.02 17.91 22.38
C ALA C 247 -31.33 17.37 21.80
N PRO C 248 -32.35 18.23 21.69
CA PRO C 248 -33.57 17.84 21.00
C PRO C 248 -33.19 17.37 19.58
N PRO C 249 -33.96 16.43 19.00
CA PRO C 249 -33.66 15.88 17.68
C PRO C 249 -33.32 16.91 16.62
N GLU C 250 -34.11 17.98 16.56
CA GLU C 250 -33.92 19.06 15.60
C GLU C 250 -32.51 19.66 15.72
N GLU C 251 -32.12 19.97 16.96
CA GLU C 251 -30.83 20.56 17.23
C GLU C 251 -29.68 19.60 16.94
N ARG C 252 -29.85 18.35 17.34
CA ARG C 252 -28.82 17.34 17.10
C ARG C 252 -28.55 17.21 15.60
N ALA C 253 -29.61 17.14 14.80
CA ALA C 253 -29.47 17.02 13.36
C ALA C 253 -28.80 18.25 12.75
N ARG C 254 -29.18 19.42 13.22
CA ARG C 254 -28.57 20.65 12.71
C ARG C 254 -27.09 20.72 13.02
N ALA C 255 -26.72 20.31 14.23
CA ALA C 255 -25.33 20.33 14.64
C ALA C 255 -24.50 19.36 13.84
N LEU C 256 -25.02 18.15 13.61
CA LEU C 256 -24.29 17.16 12.82
C LEU C 256 -24.17 17.60 11.37
N ALA C 257 -25.20 18.26 10.85
CA ALA C 257 -25.16 18.73 9.47
C ALA C 257 -24.09 19.81 9.33
N LEU C 258 -24.00 20.71 10.32
CA LEU C 258 -23.00 21.79 10.31
C LEU C 258 -21.60 21.18 10.37
N LEU C 259 -21.43 20.20 11.26
CA LEU C 259 -20.17 19.52 11.47
C LEU C 259 -19.60 18.89 10.20
N ALA C 260 -20.47 18.37 9.36
CA ALA C 260 -20.07 17.70 8.12
C ALA C 260 -19.51 18.63 7.05
N LEU C 261 -19.79 19.92 7.17
CA LEU C 261 -19.33 20.89 6.18
C LEU C 261 -17.92 21.39 6.48
N PRO C 262 -17.07 21.50 5.46
CA PRO C 262 -15.75 22.12 5.68
C PRO C 262 -15.95 23.56 6.16
N ARG C 263 -14.95 24.10 6.86
CA ARG C 263 -15.03 25.46 7.40
C ARG C 263 -15.66 26.52 6.50
N GLU C 264 -15.12 26.66 5.30
CA GLU C 264 -15.61 27.67 4.38
C GLU C 264 -17.07 27.52 3.98
N ALA C 265 -17.61 26.30 4.11
CA ALA C 265 -19.01 26.03 3.76
C ALA C 265 -19.96 26.08 4.96
N LYS C 266 -19.42 26.21 6.17
CA LYS C 266 -20.28 26.28 7.34
C LYS C 266 -21.00 27.63 7.35
N PRO C 267 -22.35 27.63 7.34
CA PRO C 267 -23.04 28.93 7.33
C PRO C 267 -22.72 29.69 8.60
N GLU C 268 -22.39 30.96 8.47
CA GLU C 268 -22.05 31.77 9.63
C GLU C 268 -23.18 31.80 10.65
N ALA C 269 -24.42 31.91 10.20
CA ALA C 269 -25.55 31.97 11.11
C ALA C 269 -25.64 30.71 11.95
N GLU C 270 -25.34 29.57 11.34
CA GLU C 270 -25.44 28.30 12.02
C GLU C 270 -24.32 28.14 13.05
N VAL C 271 -23.13 28.65 12.75
CA VAL C 271 -22.03 28.58 13.72
C VAL C 271 -22.43 29.40 14.95
N GLY C 272 -23.01 30.58 14.73
CA GLY C 272 -23.44 31.41 15.84
C GLY C 272 -24.56 30.74 16.63
N TRP C 273 -25.48 30.08 15.92
CA TRP C 273 -26.56 29.38 16.58
C TRP C 273 -26.00 28.29 17.49
N LEU C 274 -25.08 27.49 16.97
CA LEU C 274 -24.50 26.40 17.77
C LEU C 274 -23.72 26.91 18.97
N LEU C 275 -22.97 28.01 18.80
CA LEU C 275 -22.21 28.57 19.90
C LEU C 275 -23.17 28.95 21.03
N GLU C 276 -24.26 29.63 20.66
CA GLU C 276 -25.25 30.05 21.65
C GLU C 276 -25.86 28.85 22.36
N ARG C 277 -26.18 27.82 21.60
CA ARG C 277 -26.76 26.62 22.19
C ARG C 277 -25.79 25.92 23.12
N LEU C 278 -24.52 25.84 22.74
CA LEU C 278 -23.57 25.17 23.62
C LEU C 278 -23.34 25.93 24.92
N LEU C 279 -23.22 27.24 24.84
CA LEU C 279 -22.98 28.04 26.03
C LEU C 279 -24.17 27.97 26.99
N ALA C 280 -25.35 27.79 26.44
CA ALA C 280 -26.57 27.72 27.25
C ALA C 280 -26.95 26.30 27.66
N SER C 281 -26.22 25.30 27.14
CA SER C 281 -26.52 23.90 27.42
C SER C 281 -26.06 23.36 28.77
N ARG C 282 -26.74 22.30 29.20
CA ARG C 282 -26.37 21.62 30.41
C ARG C 282 -25.03 20.94 30.15
N ALA C 283 -24.78 20.65 28.88
CA ALA C 283 -23.54 19.98 28.49
C ALA C 283 -22.29 20.77 28.88
N LEU C 284 -22.37 22.10 28.86
CA LEU C 284 -21.19 22.89 29.23
C LEU C 284 -20.87 22.69 30.71
N ALA C 285 -21.88 22.78 31.56
CA ALA C 285 -21.67 22.60 33.00
C ALA C 285 -21.21 21.18 33.29
N TRP C 286 -21.77 20.23 32.55
CA TRP C 286 -21.40 18.82 32.73
C TRP C 286 -19.93 18.61 32.36
N ALA C 287 -19.48 19.21 31.26
CA ALA C 287 -18.09 19.06 30.85
C ALA C 287 -17.15 19.65 31.88
N LYS C 288 -17.54 20.78 32.48
CA LYS C 288 -16.69 21.38 33.51
C LYS C 288 -16.59 20.44 34.70
N ALA C 289 -17.70 19.80 35.05
CA ALA C 289 -17.69 18.86 36.18
C ALA C 289 -16.85 17.64 35.84
N GLU C 290 -16.90 17.20 34.58
CA GLU C 290 -16.14 16.06 34.15
C GLU C 290 -14.65 16.34 34.28
N ALA C 291 -14.24 17.55 33.93
CA ALA C 291 -12.84 17.91 34.02
C ALA C 291 -12.41 17.83 35.49
N LYS C 292 -13.26 18.31 36.39
CA LYS C 292 -12.93 18.26 37.81
C LYS C 292 -12.87 16.82 38.31
N ARG C 293 -13.75 15.97 37.79
CA ARG C 293 -13.74 14.56 38.18
C ARG C 293 -12.45 13.88 37.74
N LEU C 294 -12.05 14.13 36.50
CA LEU C 294 -10.83 13.52 35.98
C LEU C 294 -9.61 14.04 36.73
N GLN C 295 -9.64 15.33 37.07
CA GLN C 295 -8.54 15.89 37.83
C GLN C 295 -8.42 15.16 39.19
N ALA C 296 -9.56 14.97 39.87
CA ALA C 296 -9.56 14.30 41.17
C ALA C 296 -9.05 12.87 41.03
N GLU C 297 -9.43 12.20 39.95
CA GLU C 297 -8.97 10.83 39.73
C GLU C 297 -7.46 10.80 39.55
N GLY C 298 -6.93 11.79 38.82
CA GLY C 298 -5.51 11.87 38.59
C GLY C 298 -4.75 12.10 39.89
N LEU C 299 -5.22 13.03 40.72
CA LEU C 299 -4.56 13.30 41.99
C LEU C 299 -4.56 12.05 42.88
N ALA C 300 -5.65 11.30 42.84
CA ALA C 300 -5.73 10.09 43.66
C ALA C 300 -4.66 9.08 43.26
N LEU C 301 -4.46 8.93 41.95
CA LEU C 301 -3.47 7.98 41.45
C LEU C 301 -2.03 8.40 41.67
N LEU C 302 -1.79 9.70 41.84
CA LEU C 302 -0.44 10.20 42.02
C LEU C 302 0.01 10.41 43.45
N GLU C 303 -0.95 10.56 44.36
CA GLU C 303 -0.62 10.84 45.75
C GLU C 303 0.37 9.87 46.38
N ALA C 304 0.12 8.57 46.28
CA ALA C 304 1.05 7.62 46.89
C ALA C 304 2.44 7.70 46.25
N ALA C 305 2.49 7.86 44.93
CA ALA C 305 3.76 7.94 44.23
C ALA C 305 4.57 9.17 44.61
N PHE C 306 3.90 10.29 44.88
CA PHE C 306 4.60 11.51 45.25
C PHE C 306 5.28 11.47 46.61
N GLN C 307 5.00 10.45 47.41
CA GLN C 307 5.65 10.34 48.72
C GLN C 307 7.15 10.14 48.57
N ASP C 308 7.56 9.54 47.46
CA ASP C 308 8.96 9.25 47.21
C ASP C 308 9.78 10.39 46.62
N LEU C 309 9.21 11.58 46.56
CA LEU C 309 9.93 12.73 46.00
C LEU C 309 10.70 13.49 47.08
N PRO C 310 12.03 13.60 46.94
CA PRO C 310 12.88 14.26 47.93
C PRO C 310 12.80 15.79 48.00
N GLY C 311 12.51 16.43 46.87
CA GLY C 311 12.43 17.89 46.83
C GLY C 311 11.07 18.38 47.23
N LYS C 312 10.84 18.49 48.53
CA LYS C 312 9.55 18.90 49.07
C LYS C 312 9.03 20.26 48.64
N GLU C 313 9.89 21.27 48.62
CA GLU C 313 9.46 22.60 48.21
C GLU C 313 9.05 22.58 46.75
N ALA C 314 9.86 21.92 45.92
CA ALA C 314 9.56 21.82 44.51
C ALA C 314 8.25 21.06 44.33
N LEU C 315 8.02 20.05 45.15
CA LEU C 315 6.78 19.27 45.05
C LEU C 315 5.57 20.15 45.34
N ASP C 316 5.68 21.07 46.29
CA ASP C 316 4.57 21.97 46.59
C ASP C 316 4.18 22.72 45.32
N HIS C 317 5.18 23.24 44.62
CA HIS C 317 4.96 23.96 43.37
C HIS C 317 4.37 23.04 42.31
N LEU C 318 4.90 21.83 42.24
CA LEU C 318 4.41 20.85 41.27
C LEU C 318 2.92 20.61 41.49
N ARG C 319 2.52 20.35 42.74
CA ARG C 319 1.11 20.11 43.05
C ARG C 319 0.27 21.32 42.65
N GLY C 320 0.78 22.53 42.91
CA GLY C 320 0.04 23.74 42.57
C GLY C 320 -0.19 23.89 41.09
N LEU C 321 0.83 23.54 40.31
CA LEU C 321 0.72 23.64 38.86
C LEU C 321 -0.20 22.56 38.29
N LEU C 322 -0.20 21.37 38.90
CA LEU C 322 -1.09 20.30 38.46
C LEU C 322 -2.53 20.78 38.65
N ALA C 323 -2.77 21.50 39.75
CA ALA C 323 -4.11 22.02 40.00
C ALA C 323 -4.45 23.05 38.93
N ALA C 324 -3.44 23.82 38.53
CA ALA C 324 -3.63 24.87 37.52
C ALA C 324 -4.00 24.30 36.16
N LEU C 325 -3.78 23.00 35.95
CA LEU C 325 -4.15 22.41 34.67
C LEU C 325 -5.65 22.56 34.46
N VAL C 326 -6.41 22.58 35.55
CA VAL C 326 -7.86 22.72 35.47
C VAL C 326 -8.34 24.10 35.96
N GLU C 327 -7.76 24.58 37.06
CA GLU C 327 -8.16 25.89 37.60
C GLU C 327 -7.63 27.05 36.74
N ARG C 328 -6.41 26.92 36.23
CA ARG C 328 -5.80 27.97 35.43
C ARG C 328 -5.52 29.21 36.30
N VAL D 2 32.19 -6.67 2.39
CA VAL D 2 31.20 -5.59 2.18
C VAL D 2 29.95 -6.18 1.52
N PRO D 3 28.76 -5.88 2.06
CA PRO D 3 27.53 -6.40 1.45
C PRO D 3 27.32 -5.78 0.07
N ALA D 4 26.67 -6.55 -0.81
CA ALA D 4 26.37 -6.08 -2.16
C ALA D 4 25.34 -4.94 -2.06
N PRO D 5 25.30 -4.04 -3.05
CA PRO D 5 24.39 -2.90 -3.03
C PRO D 5 22.94 -3.30 -2.79
N GLU D 6 22.50 -4.36 -3.46
CA GLU D 6 21.12 -4.78 -3.31
C GLU D 6 20.82 -5.36 -1.93
N ALA D 7 21.84 -5.90 -1.26
CA ALA D 7 21.67 -6.45 0.08
C ALA D 7 21.56 -5.29 1.05
N ILE D 8 22.31 -4.22 0.79
CA ILE D 8 22.24 -3.04 1.66
C ILE D 8 20.85 -2.43 1.49
N ARG D 9 20.36 -2.38 0.25
CA ARG D 9 19.03 -1.83 0.02
C ARG D 9 17.96 -2.63 0.74
N GLN D 10 18.07 -3.96 0.71
CA GLN D 10 17.06 -4.76 1.40
C GLN D 10 17.09 -4.43 2.87
N ALA D 11 18.28 -4.31 3.43
CA ALA D 11 18.43 -4.01 4.86
C ALA D 11 17.89 -2.65 5.21
N LEU D 12 18.21 -1.63 4.41
CA LEU D 12 17.73 -0.30 4.70
C LEU D 12 16.21 -0.25 4.59
N GLN D 13 15.65 -0.86 3.55
CA GLN D 13 14.21 -0.83 3.39
C GLN D 13 13.47 -1.52 4.55
N GLU D 14 13.93 -2.69 4.97
CA GLU D 14 13.24 -3.37 6.06
C GLU D 14 13.35 -2.57 7.36
N ARG D 15 14.50 -1.96 7.61
CA ARG D 15 14.69 -1.15 8.80
C ARG D 15 13.83 0.09 8.74
N LEU D 16 13.76 0.70 7.57
CA LEU D 16 12.97 1.91 7.39
C LEU D 16 11.49 1.62 7.65
N LEU D 17 10.98 0.53 7.10
CA LEU D 17 9.58 0.19 7.31
C LEU D 17 9.30 -0.22 8.76
N ALA D 18 10.24 -0.92 9.38
CA ALA D 18 10.04 -1.33 10.76
C ALA D 18 9.98 -0.12 11.68
N ARG D 19 10.77 0.91 11.35
CA ARG D 19 10.81 2.12 12.14
C ARG D 19 9.50 2.91 12.02
N LEU D 20 8.80 2.68 10.93
CA LEU D 20 7.53 3.36 10.67
C LEU D 20 6.31 2.47 10.90
N ASP D 21 6.54 1.31 11.49
CA ASP D 21 5.43 0.40 11.77
C ASP D 21 4.62 1.02 12.91
N HIS D 22 3.33 0.71 12.93
CA HIS D 22 2.45 1.26 13.96
C HIS D 22 1.28 0.31 14.10
N PRO D 23 0.72 0.16 15.31
CA PRO D 23 -0.42 -0.74 15.51
C PRO D 23 -1.66 -0.41 14.70
N ASP D 24 -1.76 0.84 14.24
CA ASP D 24 -2.90 1.27 13.43
C ASP D 24 -2.50 1.15 11.97
N PRO D 25 -3.05 0.15 11.25
CA PRO D 25 -2.65 -0.10 9.87
C PRO D 25 -2.79 1.08 8.93
N LEU D 26 -3.84 1.87 9.13
CA LEU D 26 -4.09 3.01 8.26
C LEU D 26 -3.03 4.10 8.47
N TYR D 27 -2.61 4.27 9.72
CA TYR D 27 -1.60 5.27 10.03
C TYR D 27 -0.25 4.75 9.52
N ARG D 28 0.02 3.48 9.80
CA ARG D 28 1.25 2.84 9.34
C ARG D 28 1.37 3.03 7.82
N ASP D 29 0.29 2.75 7.10
CA ASP D 29 0.31 2.86 5.65
C ASP D 29 0.62 4.27 5.16
N LEU D 30 0.10 5.25 5.87
CA LEU D 30 0.33 6.65 5.54
C LEU D 30 1.81 6.99 5.74
N LEU D 31 2.38 6.58 6.87
CA LEU D 31 3.79 6.89 7.11
C LEU D 31 4.73 6.16 6.17
N GLN D 32 4.37 4.94 5.80
CA GLN D 32 5.23 4.12 4.94
C GLN D 32 5.06 4.34 3.44
N ASP D 33 4.06 5.11 3.05
CA ASP D 33 3.79 5.33 1.63
C ASP D 33 5.01 5.78 0.82
N TYR D 34 5.61 6.90 1.20
CA TYR D 34 6.76 7.34 0.41
C TYR D 34 7.91 6.33 0.45
N PRO D 35 8.30 5.82 1.63
CA PRO D 35 9.35 4.81 1.65
C PRO D 35 9.06 3.65 0.72
N ARG D 36 7.79 3.24 0.65
CA ARG D 36 7.41 2.12 -0.19
C ARG D 36 7.48 2.43 -1.68
N ARG D 37 7.73 3.69 -2.04
CA ARG D 37 7.88 4.04 -3.46
C ARG D 37 9.32 3.75 -3.81
N GLY D 38 9.83 2.68 -3.18
CA GLY D 38 11.17 2.19 -3.38
C GLY D 38 12.19 3.21 -3.83
N GLY D 39 13.19 2.76 -4.58
CA GLY D 39 14.24 3.64 -5.06
C GLY D 39 15.63 3.10 -4.78
N LYS D 40 16.63 3.72 -5.40
CA LYS D 40 18.02 3.29 -5.23
C LYS D 40 18.61 3.62 -3.86
N MET D 41 17.97 4.52 -3.12
CA MET D 41 18.47 4.91 -1.80
C MET D 41 19.94 5.30 -1.85
N LEU D 42 20.24 6.24 -2.75
CA LEU D 42 21.60 6.74 -2.95
C LEU D 42 22.25 7.22 -1.66
N ARG D 43 21.56 8.08 -0.94
CA ARG D 43 22.13 8.63 0.29
C ARG D 43 22.37 7.57 1.34
N GLY D 44 21.47 6.60 1.42
CA GLY D 44 21.63 5.52 2.39
C GLY D 44 22.86 4.68 2.03
N LEU D 45 22.99 4.33 0.75
CA LEU D 45 24.15 3.54 0.33
C LEU D 45 25.44 4.32 0.54
N LEU D 46 25.43 5.62 0.23
CA LEU D 46 26.64 6.43 0.44
C LEU D 46 27.03 6.37 1.91
N THR D 47 26.04 6.45 2.79
CA THR D 47 26.30 6.42 4.22
C THR D 47 26.84 5.07 4.68
N VAL D 48 26.28 3.98 4.17
CA VAL D 48 26.77 2.67 4.59
C VAL D 48 28.21 2.46 4.11
N TYR D 49 28.49 2.73 2.83
CA TYR D 49 29.85 2.55 2.34
C TYR D 49 30.82 3.51 3.02
N SER D 50 30.36 4.72 3.33
CA SER D 50 31.24 5.65 4.03
C SER D 50 31.54 5.11 5.42
N ALA D 51 30.54 4.61 6.13
CA ALA D 51 30.76 4.07 7.46
C ALA D 51 31.76 2.93 7.40
N LEU D 52 31.54 1.99 6.47
CA LEU D 52 32.45 0.86 6.36
C LEU D 52 33.85 1.30 5.95
N ALA D 53 33.93 2.30 5.07
CA ALA D 53 35.23 2.79 4.61
C ALA D 53 36.03 3.37 5.78
N HIS D 54 35.33 3.99 6.73
CA HIS D 54 35.99 4.58 7.90
C HIS D 54 36.29 3.55 9.00
N GLY D 55 35.77 2.33 8.83
CA GLY D 55 35.99 1.30 9.82
C GLY D 55 34.88 1.16 10.86
N ALA D 56 33.76 1.84 10.65
CA ALA D 56 32.64 1.74 11.58
C ALA D 56 31.94 0.40 11.41
N PRO D 57 31.33 -0.12 12.49
CA PRO D 57 30.60 -1.38 12.38
C PRO D 57 29.41 -1.29 11.42
N LEU D 58 29.16 -2.37 10.69
CA LEU D 58 28.08 -2.42 9.74
C LEU D 58 26.74 -2.01 10.34
N GLU D 59 26.42 -2.52 11.53
CA GLU D 59 25.14 -2.20 12.16
C GLU D 59 24.97 -0.69 12.37
N ALA D 60 26.04 -0.02 12.77
CA ALA D 60 25.98 1.43 12.98
C ALA D 60 25.73 2.12 11.64
N GLY D 61 26.42 1.65 10.60
CA GLY D 61 26.25 2.24 9.29
C GLY D 61 24.83 2.02 8.78
N LEU D 62 24.30 0.82 8.96
CA LEU D 62 22.93 0.54 8.49
C LEU D 62 21.90 1.40 9.22
N GLU D 63 22.04 1.55 10.53
CA GLU D 63 21.08 2.36 11.26
C GLU D 63 21.18 3.83 10.90
N ALA D 64 22.39 4.36 10.79
CA ALA D 64 22.57 5.75 10.44
C ALA D 64 22.03 6.02 9.04
N ALA D 65 22.28 5.07 8.13
CA ALA D 65 21.82 5.22 6.76
C ALA D 65 20.29 5.17 6.72
N THR D 66 19.69 4.33 7.56
CA THR D 66 18.24 4.26 7.60
C THR D 66 17.68 5.60 8.05
N ALA D 67 18.35 6.20 9.04
CA ALA D 67 17.90 7.51 9.53
C ALA D 67 17.99 8.56 8.43
N LEU D 68 19.06 8.53 7.63
CA LEU D 68 19.20 9.51 6.57
C LEU D 68 18.17 9.28 5.47
N GLU D 69 17.81 8.02 5.23
CA GLU D 69 16.79 7.74 4.23
C GLU D 69 15.43 8.14 4.79
N LEU D 70 15.23 8.00 6.09
CA LEU D 70 13.97 8.44 6.69
C LEU D 70 13.89 9.97 6.54
N PHE D 71 15.01 10.66 6.76
CA PHE D 71 15.07 12.11 6.58
C PHE D 71 14.67 12.46 5.15
N GLN D 72 15.28 11.79 4.17
CA GLN D 72 14.95 12.03 2.77
C GLN D 72 13.46 11.92 2.52
N ASN D 73 12.86 10.89 3.09
CA ASN D 73 11.44 10.68 2.88
C ASN D 73 10.51 11.70 3.51
N TRP D 74 10.73 12.08 4.77
CA TRP D 74 9.81 13.08 5.33
C TRP D 74 10.05 14.45 4.71
N VAL D 75 11.28 14.72 4.32
CA VAL D 75 11.60 15.98 3.66
C VAL D 75 10.83 16.02 2.33
N LEU D 76 10.75 14.90 1.62
CA LEU D 76 10.01 14.87 0.36
C LEU D 76 8.51 15.10 0.62
N VAL D 77 7.98 14.49 1.67
CA VAL D 77 6.57 14.69 1.98
C VAL D 77 6.27 16.18 2.19
N HIS D 78 7.06 16.84 3.05
CA HIS D 78 6.81 18.25 3.28
C HIS D 78 7.17 19.12 2.08
N ASP D 79 8.21 18.74 1.33
CA ASP D 79 8.58 19.50 0.14
C ASP D 79 7.42 19.50 -0.86
N ASP D 80 6.80 18.34 -1.04
CA ASP D 80 5.71 18.23 -2.00
C ASP D 80 4.55 19.14 -1.62
N ILE D 81 4.26 19.25 -0.32
CA ILE D 81 3.19 20.14 0.11
C ILE D 81 3.61 21.57 -0.14
N GLU D 82 4.85 21.88 0.26
CA GLU D 82 5.38 23.22 0.15
C GLU D 82 5.48 23.79 -1.26
N ASP D 83 5.83 22.94 -2.23
CA ASP D 83 5.96 23.42 -3.60
C ASP D 83 4.83 23.02 -4.54
N GLY D 84 3.77 22.44 -3.99
CA GLY D 84 2.61 22.05 -4.78
C GLY D 84 2.78 20.94 -5.78
N SER D 85 3.77 20.08 -5.58
CA SER D 85 4.00 18.96 -6.50
C SER D 85 2.81 18.01 -6.48
N GLU D 86 2.32 17.69 -7.67
CA GLU D 86 1.15 16.80 -7.82
C GLU D 86 1.48 15.32 -7.68
N GLU D 87 2.66 14.91 -8.13
CA GLU D 87 2.99 13.51 -8.01
C GLU D 87 4.42 13.24 -7.63
N ARG D 88 4.67 12.01 -7.21
CA ARG D 88 5.98 11.57 -6.79
C ARG D 88 6.14 10.16 -7.31
N ARG D 89 7.14 9.96 -8.15
CA ARG D 89 7.42 8.65 -8.72
C ARG D 89 6.24 7.98 -9.42
N GLY D 90 5.56 8.71 -10.30
CA GLY D 90 4.46 8.14 -11.05
C GLY D 90 3.09 8.06 -10.41
N ARG D 91 3.00 8.39 -9.13
CA ARG D 91 1.72 8.37 -8.46
C ARG D 91 1.51 9.65 -7.68
N PRO D 92 0.25 9.97 -7.36
CA PRO D 92 -0.04 11.23 -6.67
C PRO D 92 0.77 11.42 -5.38
N ALA D 93 1.12 12.68 -5.10
CA ALA D 93 1.87 13.02 -3.89
C ALA D 93 1.04 12.67 -2.66
N LEU D 94 1.68 12.62 -1.50
CA LEU D 94 0.97 12.23 -0.28
C LEU D 94 -0.21 13.12 0.07
N HIS D 95 -0.08 14.42 -0.19
CA HIS D 95 -1.16 15.36 0.13
C HIS D 95 -2.22 15.41 -0.96
N ARG D 96 -2.09 14.52 -1.95
CA ARG D 96 -3.08 14.39 -3.02
C ARG D 96 -3.83 13.08 -2.78
N LEU D 97 -3.15 12.06 -2.25
CA LEU D 97 -3.80 10.79 -1.93
C LEU D 97 -4.55 10.92 -0.60
N HIS D 98 -4.14 11.89 0.21
CA HIS D 98 -4.76 12.12 1.51
C HIS D 98 -4.92 13.61 1.67
N PRO D 99 -5.85 14.02 2.55
CA PRO D 99 -6.00 15.45 2.86
C PRO D 99 -4.64 16.00 3.28
N MET D 100 -4.32 17.20 2.80
CA MET D 100 -3.02 17.76 3.12
C MET D 100 -2.67 17.77 4.61
N PRO D 101 -3.64 18.09 5.49
CA PRO D 101 -3.27 18.11 6.91
C PRO D 101 -2.71 16.78 7.42
N LEU D 102 -3.28 15.69 6.91
CA LEU D 102 -2.83 14.36 7.32
C LEU D 102 -1.42 14.09 6.79
N ALA D 103 -1.11 14.57 5.60
CA ALA D 103 0.22 14.38 5.04
C ALA D 103 1.23 15.25 5.79
N LEU D 104 0.83 16.47 6.15
CA LEU D 104 1.73 17.34 6.89
C LEU D 104 2.09 16.65 8.22
N ASN D 105 1.07 16.17 8.94
CA ASN D 105 1.29 15.49 10.20
C ASN D 105 2.11 14.22 10.00
N ALA D 106 1.85 13.47 8.92
CA ALA D 106 2.63 12.25 8.65
C ALA D 106 4.13 12.57 8.59
N GLY D 107 4.47 13.69 7.94
CA GLY D 107 5.87 14.06 7.84
C GLY D 107 6.49 14.31 9.21
N ASP D 108 5.72 14.93 10.10
CA ASP D 108 6.20 15.18 11.46
C ASP D 108 6.43 13.86 12.19
N ALA D 109 5.50 12.92 12.02
CA ALA D 109 5.62 11.61 12.66
C ALA D 109 6.86 10.89 12.14
N MET D 110 7.08 10.97 10.84
CA MET D 110 8.25 10.34 10.24
C MET D 110 9.54 10.94 10.79
N HIS D 111 9.57 12.27 10.89
CA HIS D 111 10.71 12.99 11.44
C HIS D 111 10.95 12.51 12.89
N ALA D 112 9.87 12.37 13.67
CA ALA D 112 10.00 11.90 15.05
C ALA D 112 10.61 10.49 15.09
N GLU D 113 10.25 9.63 14.12
CA GLU D 113 10.81 8.28 14.13
C GLU D 113 12.28 8.27 13.72
N MET D 114 12.70 9.28 12.94
CA MET D 114 14.10 9.38 12.58
C MET D 114 14.87 9.63 13.89
N TRP D 115 14.38 10.55 14.71
CA TRP D 115 15.05 10.82 15.97
C TRP D 115 14.92 9.66 16.95
N GLY D 116 13.79 8.94 16.87
CA GLY D 116 13.61 7.79 17.73
C GLY D 116 14.67 6.74 17.44
N LEU D 117 14.94 6.54 16.15
CA LEU D 117 15.96 5.58 15.73
C LEU D 117 17.31 6.00 16.31
N LEU D 118 17.64 7.28 16.17
CA LEU D 118 18.92 7.78 16.66
C LEU D 118 19.01 7.66 18.17
N ALA D 119 17.93 8.00 18.86
CA ALA D 119 17.91 7.92 20.32
C ALA D 119 18.07 6.49 20.80
N GLU D 120 17.40 5.55 20.11
CA GLU D 120 17.51 4.15 20.50
C GLU D 120 18.91 3.62 20.23
N GLY D 121 19.49 4.02 19.10
CA GLY D 121 20.84 3.60 18.77
C GLY D 121 21.80 4.08 19.84
N LEU D 122 21.62 5.32 20.25
CA LEU D 122 22.46 5.92 21.28
C LEU D 122 22.31 5.16 22.60
N ALA D 123 21.05 4.91 22.99
CA ALA D 123 20.76 4.21 24.24
C ALA D 123 21.33 2.81 24.27
N ARG D 124 21.41 2.20 23.10
CA ARG D 124 21.93 0.84 22.93
C ARG D 124 23.46 0.82 22.79
N GLY D 125 24.06 2.01 22.76
CA GLY D 125 25.51 2.10 22.64
C GLY D 125 26.03 1.95 21.22
N LEU D 126 25.13 2.06 20.25
CA LEU D 126 25.50 1.90 18.84
C LEU D 126 26.12 3.18 18.26
N PHE D 127 25.66 4.33 18.73
CA PHE D 127 26.13 5.64 18.28
C PHE D 127 26.70 6.44 19.42
N PRO D 128 27.76 7.24 19.15
CA PRO D 128 28.17 8.25 20.11
C PRO D 128 27.25 9.46 19.89
N PRO D 129 27.10 10.31 20.90
CA PRO D 129 26.21 11.46 20.76
C PRO D 129 26.54 12.35 19.57
N GLU D 130 27.79 12.33 19.14
CA GLU D 130 28.21 13.14 17.99
C GLU D 130 27.38 12.85 16.74
N VAL D 131 26.87 11.63 16.61
CA VAL D 131 26.06 11.30 15.44
C VAL D 131 24.76 12.10 15.45
N LEU D 132 24.16 12.27 16.61
CA LEU D 132 22.91 13.02 16.68
C LEU D 132 23.17 14.51 16.39
N LEU D 133 24.33 15.02 16.80
CA LEU D 133 24.65 16.42 16.53
C LEU D 133 24.74 16.60 15.01
N GLU D 134 25.29 15.60 14.31
CA GLU D 134 25.38 15.70 12.86
C GLU D 134 23.98 15.73 12.24
N PHE D 135 23.08 14.87 12.74
CA PHE D 135 21.72 14.89 12.20
C PHE D 135 21.05 16.23 12.48
N HIS D 136 21.38 16.85 13.60
CA HIS D 136 20.80 18.17 13.87
C HIS D 136 21.27 19.12 12.76
N GLU D 137 22.56 19.05 12.42
CA GLU D 137 23.07 19.93 11.37
C GLU D 137 22.39 19.65 10.02
N VAL D 138 22.17 18.37 9.72
CA VAL D 138 21.52 17.97 8.49
C VAL D 138 20.14 18.62 8.38
N VAL D 139 19.32 18.51 9.43
CA VAL D 139 17.99 19.09 9.33
C VAL D 139 18.04 20.62 9.32
N ARG D 140 18.91 21.19 10.16
CA ARG D 140 19.04 22.64 10.25
C ARG D 140 19.42 23.28 8.92
N ARG D 141 20.46 22.76 8.27
CA ARG D 141 20.86 23.34 6.99
C ARG D 141 19.83 23.14 5.89
N THR D 142 19.27 21.93 5.82
CA THR D 142 18.29 21.63 4.79
C THR D 142 17.08 22.54 4.90
N ALA D 143 16.58 22.72 6.12
CA ALA D 143 15.42 23.59 6.31
C ALA D 143 15.72 25.03 5.90
N TYR D 144 16.92 25.51 6.22
CA TYR D 144 17.23 26.88 5.85
C TYR D 144 17.35 27.02 4.34
N GLY D 145 17.94 26.03 3.68
CA GLY D 145 18.06 26.10 2.23
C GLY D 145 16.69 26.10 1.58
N GLN D 146 15.78 25.28 2.12
CA GLN D 146 14.42 25.18 1.61
C GLN D 146 13.71 26.52 1.84
N HIS D 147 13.98 27.15 2.97
CA HIS D 147 13.38 28.45 3.27
C HIS D 147 13.74 29.42 2.16
N LEU D 148 15.02 29.49 1.80
CA LEU D 148 15.43 30.40 0.74
C LEU D 148 14.79 30.07 -0.61
N ASP D 149 14.82 28.80 -0.99
CA ASP D 149 14.26 28.39 -2.27
C ASP D 149 12.77 28.72 -2.31
N LEU D 150 12.06 28.44 -1.23
CA LEU D 150 10.63 28.74 -1.18
C LEU D 150 10.37 30.25 -1.22
N LEU D 151 11.14 31.00 -0.44
CA LEU D 151 10.99 32.45 -0.42
C LEU D 151 11.07 33.03 -1.83
N TRP D 152 12.06 32.58 -2.58
CA TRP D 152 12.24 33.10 -3.94
C TRP D 152 11.18 32.62 -4.90
N THR D 153 10.96 31.31 -4.90
CA THR D 153 10.05 30.67 -5.83
C THR D 153 8.59 31.02 -5.61
N LEU D 154 8.22 31.21 -4.35
CA LEU D 154 6.85 31.55 -4.02
C LEU D 154 6.53 33.02 -4.35
N GLY D 155 7.53 33.89 -4.25
CA GLY D 155 7.34 35.31 -4.51
C GLY D 155 7.74 35.91 -5.85
N GLY D 156 8.12 35.07 -6.79
CA GLY D 156 8.49 35.55 -8.11
C GLY D 156 9.85 36.23 -8.27
N THR D 157 10.76 36.03 -7.33
CA THR D 157 12.09 36.62 -7.36
C THR D 157 13.04 35.89 -8.32
N PHE D 158 13.50 36.59 -9.35
CA PHE D 158 14.45 35.99 -10.29
C PHE D 158 15.75 36.75 -10.35
N ASP D 159 15.79 37.90 -9.67
CA ASP D 159 17.01 38.71 -9.65
C ASP D 159 17.92 38.13 -8.58
N LEU D 160 18.55 37.02 -8.94
CA LEU D 160 19.45 36.32 -8.05
C LEU D 160 20.79 36.10 -8.74
N ARG D 161 21.87 36.22 -7.98
CA ARG D 161 23.21 36.03 -8.52
C ARG D 161 23.64 34.59 -8.34
N PRO D 162 24.66 34.16 -9.07
CA PRO D 162 25.15 32.80 -8.88
C PRO D 162 25.43 32.51 -7.40
N GLU D 163 26.00 33.48 -6.71
CA GLU D 163 26.32 33.27 -5.30
C GLU D 163 25.08 32.97 -4.46
N ASP D 164 23.93 33.51 -4.87
CA ASP D 164 22.68 33.27 -4.16
C ASP D 164 22.28 31.82 -4.41
N TYR D 165 22.38 31.40 -5.66
CA TYR D 165 22.04 30.03 -6.04
C TYR D 165 22.93 29.07 -5.25
N PHE D 166 24.23 29.35 -5.23
CA PHE D 166 25.18 28.48 -4.53
C PHE D 166 24.87 28.35 -3.05
N ARG D 167 24.54 29.47 -2.41
CA ARG D 167 24.26 29.45 -0.97
C ARG D 167 22.98 28.63 -0.72
N MET D 168 21.97 28.83 -1.54
CA MET D 168 20.72 28.09 -1.37
C MET D 168 20.89 26.59 -1.60
N VAL D 169 21.51 26.20 -2.72
CA VAL D 169 21.66 24.79 -3.01
C VAL D 169 22.61 24.06 -2.05
N ALA D 170 23.62 24.77 -1.55
CA ALA D 170 24.57 24.17 -0.61
C ALA D 170 23.82 23.77 0.66
N HIS D 171 22.85 24.58 1.06
CA HIS D 171 22.07 24.29 2.25
C HIS D 171 20.92 23.33 2.00
N LYS D 172 20.17 23.58 0.93
CA LYS D 172 19.01 22.75 0.63
C LYS D 172 19.27 21.31 0.24
N ALA D 173 20.34 21.09 -0.51
CA ALA D 173 20.60 19.73 -0.99
C ALA D 173 21.99 19.18 -0.89
N ALA D 174 22.99 20.01 -1.14
CA ALA D 174 24.36 19.52 -1.14
C ALA D 174 24.82 18.96 0.18
N TYR D 175 24.48 19.62 1.27
CA TYR D 175 24.94 19.14 2.57
C TYR D 175 24.44 17.75 2.93
N TYR D 176 23.11 17.55 2.94
CA TYR D 176 22.61 16.25 3.35
C TYR D 176 22.88 15.15 2.35
N THR D 177 23.04 15.52 1.08
CA THR D 177 23.28 14.55 0.03
C THR D 177 24.72 14.06 -0.06
N ALA D 178 25.67 14.98 -0.03
CA ALA D 178 27.08 14.62 -0.21
C ALA D 178 27.99 14.80 0.99
N VAL D 179 27.68 15.75 1.87
CA VAL D 179 28.53 15.97 3.04
C VAL D 179 28.17 15.04 4.20
N ALA D 180 26.88 14.96 4.52
CA ALA D 180 26.45 14.13 5.64
C ALA D 180 26.90 12.67 5.59
N PRO D 181 26.80 12.01 4.43
CA PRO D 181 27.26 10.62 4.41
C PRO D 181 28.74 10.50 4.76
N LEU D 182 29.53 11.48 4.33
CA LEU D 182 30.96 11.45 4.62
C LEU D 182 31.21 11.74 6.11
N ARG D 183 30.62 12.81 6.63
CA ARG D 183 30.83 13.13 8.03
C ARG D 183 30.29 12.03 8.93
N LEU D 184 29.13 11.48 8.59
CA LEU D 184 28.56 10.42 9.40
C LEU D 184 29.49 9.21 9.45
N GLY D 185 30.07 8.84 8.30
CA GLY D 185 30.97 7.70 8.29
C GLY D 185 32.09 7.84 9.31
N ALA D 186 32.70 9.02 9.32
CA ALA D 186 33.78 9.29 10.27
C ALA D 186 33.26 9.28 11.70
N LEU D 187 32.14 9.97 11.94
CA LEU D 187 31.59 10.04 13.29
C LEU D 187 31.18 8.67 13.83
N LEU D 188 30.61 7.83 12.97
CA LEU D 188 30.19 6.49 13.40
C LEU D 188 31.40 5.64 13.83
N ALA D 189 32.57 5.98 13.30
CA ALA D 189 33.82 5.28 13.62
C ALA D 189 34.57 5.99 14.74
N GLY D 190 33.94 7.00 15.35
CA GLY D 190 34.58 7.74 16.42
C GLY D 190 35.74 8.62 15.97
N LYS D 191 35.69 9.07 14.73
CA LYS D 191 36.75 9.91 14.18
C LYS D 191 36.25 11.31 13.90
N THR D 192 37.16 12.27 13.90
CA THR D 192 36.82 13.64 13.62
C THR D 192 36.84 13.81 12.10
N PRO D 193 35.68 14.20 11.52
CA PRO D 193 35.67 14.43 10.07
C PRO D 193 36.61 15.58 9.72
N PRO D 194 37.39 15.43 8.65
CA PRO D 194 38.21 16.57 8.25
C PRO D 194 37.34 17.65 7.62
N ALA D 195 37.81 18.90 7.66
CA ALA D 195 37.07 20.01 7.08
C ALA D 195 36.82 19.79 5.58
N ALA D 196 37.65 18.99 4.94
CA ALA D 196 37.51 18.72 3.52
C ALA D 196 36.21 18.02 3.17
N TYR D 197 35.60 17.31 4.14
CA TYR D 197 34.35 16.64 3.81
C TYR D 197 33.27 17.65 3.45
N GLU D 198 33.17 18.71 4.26
CA GLU D 198 32.18 19.74 3.96
C GLU D 198 32.61 20.55 2.74
N GLU D 199 33.88 20.95 2.69
CA GLU D 199 34.37 21.75 1.55
C GLU D 199 34.22 21.00 0.23
N GLY D 200 34.67 19.75 0.19
CA GLY D 200 34.57 18.96 -1.02
C GLY D 200 33.16 18.47 -1.32
N GLY D 201 32.46 18.07 -0.26
CA GLY D 201 31.11 17.58 -0.41
C GLY D 201 30.14 18.62 -0.92
N LEU D 202 30.26 19.85 -0.43
CA LEU D 202 29.34 20.89 -0.90
C LEU D 202 29.56 21.12 -2.39
N ARG D 203 30.82 21.09 -2.82
CA ARG D 203 31.12 21.28 -4.23
C ARG D 203 30.53 20.14 -5.07
N LEU D 204 30.75 18.90 -4.64
CA LEU D 204 30.22 17.74 -5.36
C LEU D 204 28.69 17.78 -5.42
N GLY D 205 28.07 18.05 -4.27
CA GLY D 205 26.63 18.11 -4.18
C GLY D 205 26.03 19.21 -5.05
N THR D 206 26.74 20.31 -5.16
CA THR D 206 26.28 21.43 -5.97
C THR D 206 26.44 21.09 -7.45
N ALA D 207 27.59 20.53 -7.81
CA ALA D 207 27.82 20.16 -9.20
C ALA D 207 26.75 19.20 -9.68
N PHE D 208 26.38 18.24 -8.83
CA PHE D 208 25.36 17.26 -9.14
C PHE D 208 24.04 17.95 -9.52
N GLN D 209 23.67 18.97 -8.75
CA GLN D 209 22.44 19.70 -9.03
C GLN D 209 22.48 20.44 -10.35
N ILE D 210 23.61 21.07 -10.66
CA ILE D 210 23.77 21.81 -11.91
C ILE D 210 23.67 20.87 -13.10
N VAL D 211 24.36 19.73 -13.02
CA VAL D 211 24.32 18.75 -14.10
C VAL D 211 22.89 18.26 -14.30
N ASP D 212 22.18 18.01 -13.20
CA ASP D 212 20.79 17.55 -13.28
C ASP D 212 19.96 18.57 -14.03
N ASP D 213 20.13 19.84 -13.68
CA ASP D 213 19.36 20.89 -14.32
C ASP D 213 19.70 21.07 -15.80
N VAL D 214 20.97 20.89 -16.14
CA VAL D 214 21.38 21.01 -17.53
C VAL D 214 20.84 19.83 -18.32
N LEU D 215 20.92 18.63 -17.75
CA LEU D 215 20.43 17.44 -18.44
C LEU D 215 18.94 17.60 -18.73
N ASN D 216 18.24 18.22 -17.80
CA ASN D 216 16.81 18.42 -17.98
C ASN D 216 16.51 19.28 -19.20
N LEU D 217 17.33 20.31 -19.43
CA LEU D 217 17.10 21.17 -20.58
C LEU D 217 17.48 20.50 -21.90
N GLU D 218 18.41 19.56 -21.84
CA GLU D 218 18.88 18.89 -23.05
C GLU D 218 18.33 17.49 -23.32
N GLY D 219 17.54 16.96 -22.40
CA GLY D 219 17.02 15.61 -22.56
C GLY D 219 15.81 15.37 -23.44
N GLY D 220 15.25 16.43 -24.03
CA GLY D 220 14.10 16.26 -24.88
C GLY D 220 12.77 16.25 -24.14
N GLU D 221 12.83 16.36 -22.82
CA GLU D 221 11.60 16.36 -22.01
C GLU D 221 11.52 17.63 -21.17
N ALA D 222 12.10 18.71 -21.69
CA ALA D 222 12.13 19.99 -20.99
C ALA D 222 10.75 20.61 -20.82
N TYR D 223 9.80 20.23 -21.66
CA TYR D 223 8.45 20.76 -21.54
C TYR D 223 7.72 20.05 -20.41
N GLY D 224 8.35 19.02 -19.86
CA GLY D 224 7.75 18.27 -18.77
C GLY D 224 6.40 17.66 -19.10
N LYS D 225 5.64 17.31 -18.08
CA LYS D 225 4.33 16.71 -18.26
C LYS D 225 3.24 17.52 -17.55
N GLU D 226 2.17 17.82 -18.27
CA GLU D 226 1.05 18.57 -17.73
C GLU D 226 1.44 19.86 -17.01
N ARG D 227 2.06 20.78 -17.75
CA ARG D 227 2.46 22.06 -17.20
C ARG D 227 3.36 21.93 -15.97
N ALA D 228 4.23 20.93 -15.96
CA ALA D 228 5.13 20.72 -14.83
C ALA D 228 6.57 20.68 -15.34
N GLY D 229 7.53 20.62 -14.42
CA GLY D 229 8.92 20.59 -14.83
C GLY D 229 9.64 21.90 -14.54
N ASP D 230 10.96 21.90 -14.74
CA ASP D 230 11.79 23.08 -14.48
C ASP D 230 11.40 24.38 -15.17
N LEU D 231 11.04 24.33 -16.45
CA LEU D 231 10.67 25.54 -17.16
C LEU D 231 9.27 25.99 -16.79
N TYR D 232 8.31 25.07 -16.83
CA TYR D 232 6.94 25.43 -16.47
C TYR D 232 6.89 25.93 -15.04
N GLU D 233 7.77 25.40 -14.19
CA GLU D 233 7.80 25.78 -12.78
C GLU D 233 8.79 26.91 -12.48
N GLY D 234 9.49 27.40 -13.50
CA GLY D 234 10.44 28.47 -13.28
C GLY D 234 11.50 28.14 -12.23
N LYS D 235 11.94 26.89 -12.21
CA LYS D 235 12.94 26.48 -11.23
C LYS D 235 14.16 27.40 -11.27
N ARG D 236 14.62 27.81 -10.11
CA ARG D 236 15.79 28.69 -10.00
C ARG D 236 17.08 27.90 -10.21
N THR D 237 17.36 27.56 -11.46
CA THR D 237 18.56 26.82 -11.81
C THR D 237 19.70 27.78 -12.10
N LEU D 238 20.93 27.30 -11.99
CA LEU D 238 22.07 28.16 -12.25
C LEU D 238 22.03 28.66 -13.68
N ILE D 239 21.66 27.79 -14.63
CA ILE D 239 21.63 28.22 -16.02
C ILE D 239 20.57 29.28 -16.27
N LEU D 240 19.39 29.14 -15.70
CA LEU D 240 18.36 30.16 -15.90
C LEU D 240 18.80 31.49 -15.29
N LEU D 241 19.35 31.45 -14.09
CA LEU D 241 19.79 32.68 -13.43
C LEU D 241 20.92 33.38 -14.19
N ARG D 242 21.86 32.60 -14.71
CA ARG D 242 22.98 33.15 -15.47
C ARG D 242 22.43 33.75 -16.77
N PHE D 243 21.49 33.03 -17.39
CA PHE D 243 20.89 33.51 -18.64
C PHE D 243 20.20 34.85 -18.42
N LEU D 244 19.38 34.95 -17.38
CA LEU D 244 18.68 36.20 -17.11
C LEU D 244 19.63 37.36 -16.86
N GLU D 245 20.70 37.14 -16.12
CA GLU D 245 21.62 38.24 -15.85
C GLU D 245 22.46 38.66 -17.05
N GLU D 246 22.64 37.76 -18.01
CA GLU D 246 23.44 38.06 -19.20
C GLU D 246 22.60 38.51 -20.39
N ALA D 247 21.30 38.20 -20.36
CA ALA D 247 20.42 38.55 -21.47
C ALA D 247 20.19 40.06 -21.65
N PRO D 248 20.06 40.50 -22.92
CA PRO D 248 19.76 41.90 -23.23
C PRO D 248 18.38 42.25 -22.70
N PRO D 249 18.14 43.54 -22.37
CA PRO D 249 16.85 43.96 -21.81
C PRO D 249 15.67 43.40 -22.59
N GLU D 250 15.91 43.18 -23.89
CA GLU D 250 14.90 42.66 -24.80
C GLU D 250 14.37 41.30 -24.36
N GLU D 251 15.19 40.26 -24.50
CA GLU D 251 14.77 38.92 -24.13
C GLU D 251 14.61 38.76 -22.63
N ARG D 252 15.35 39.56 -21.86
CA ARG D 252 15.25 39.49 -20.41
C ARG D 252 13.83 39.84 -19.98
N ALA D 253 13.26 40.85 -20.60
CA ALA D 253 11.90 41.27 -20.27
C ALA D 253 10.89 40.20 -20.68
N ARG D 254 11.10 39.63 -21.86
CA ARG D 254 10.18 38.61 -22.36
C ARG D 254 10.22 37.37 -21.48
N ALA D 255 11.41 37.00 -21.05
CA ALA D 255 11.56 35.83 -20.20
C ALA D 255 10.93 36.08 -18.83
N LEU D 256 11.20 37.24 -18.24
CA LEU D 256 10.61 37.54 -16.94
C LEU D 256 9.08 37.60 -17.01
N ALA D 257 8.54 38.09 -18.12
CA ALA D 257 7.08 38.15 -18.25
C ALA D 257 6.52 36.74 -18.21
N LEU D 258 7.18 35.83 -18.92
CA LEU D 258 6.74 34.44 -18.93
C LEU D 258 6.87 33.84 -17.54
N LEU D 259 8.03 34.07 -16.91
CA LEU D 259 8.28 33.53 -15.58
C LEU D 259 7.36 34.08 -14.49
N ALA D 260 6.72 35.22 -14.75
CA ALA D 260 5.81 35.81 -13.78
C ALA D 260 4.47 35.06 -13.74
N LEU D 261 4.20 34.30 -14.79
CA LEU D 261 2.94 33.54 -14.90
C LEU D 261 3.01 32.21 -14.15
N PRO D 262 1.88 31.80 -13.53
CA PRO D 262 1.86 30.47 -12.90
C PRO D 262 1.96 29.39 -13.97
N ARG D 263 2.44 28.21 -13.58
CA ARG D 263 2.63 27.10 -14.49
C ARG D 263 1.46 26.83 -15.43
N GLU D 264 0.24 26.83 -14.90
CA GLU D 264 -0.94 26.57 -15.71
C GLU D 264 -1.25 27.68 -16.73
N ALA D 265 -0.67 28.86 -16.54
CA ALA D 265 -0.91 29.97 -17.44
C ALA D 265 0.20 30.19 -18.48
N LYS D 266 1.33 29.49 -18.33
CA LYS D 266 2.43 29.64 -19.28
C LYS D 266 2.10 29.00 -20.62
N PRO D 267 2.14 29.79 -21.71
CA PRO D 267 1.88 29.25 -23.05
C PRO D 267 3.01 28.31 -23.46
N GLU D 268 2.65 27.18 -24.07
CA GLU D 268 3.65 26.21 -24.50
C GLU D 268 4.66 26.84 -25.45
N ALA D 269 4.17 27.62 -26.41
CA ALA D 269 5.03 28.26 -27.38
C ALA D 269 6.06 29.20 -26.73
N GLU D 270 5.67 29.88 -25.66
CA GLU D 270 6.57 30.80 -25.00
C GLU D 270 7.60 30.00 -24.20
N VAL D 271 7.17 28.88 -23.63
CA VAL D 271 8.08 28.00 -22.88
C VAL D 271 9.13 27.48 -23.87
N GLY D 272 8.67 27.12 -25.07
CA GLY D 272 9.57 26.62 -26.09
C GLY D 272 10.57 27.69 -26.48
N TRP D 273 10.10 28.92 -26.56
CA TRP D 273 10.96 30.04 -26.90
C TRP D 273 12.07 30.15 -25.85
N LEU D 274 11.70 30.08 -24.58
CA LEU D 274 12.67 30.17 -23.50
C LEU D 274 13.69 29.03 -23.61
N LEU D 275 13.22 27.83 -23.90
CA LEU D 275 14.11 26.67 -24.04
C LEU D 275 15.11 26.94 -25.15
N GLU D 276 14.60 27.40 -26.29
CA GLU D 276 15.45 27.69 -27.44
C GLU D 276 16.53 28.70 -27.06
N ARG D 277 16.13 29.75 -26.35
CA ARG D 277 17.06 30.79 -25.92
C ARG D 277 18.11 30.22 -24.96
N LEU D 278 17.67 29.43 -23.99
CA LEU D 278 18.59 28.84 -23.02
C LEU D 278 19.62 27.94 -23.70
N LEU D 279 19.16 27.12 -24.64
CA LEU D 279 20.04 26.19 -25.34
C LEU D 279 21.00 26.86 -26.32
N ALA D 280 20.74 28.12 -26.67
CA ALA D 280 21.62 28.83 -27.58
C ALA D 280 22.50 29.82 -26.83
N SER D 281 22.27 29.95 -25.52
CA SER D 281 23.01 30.90 -24.70
C SER D 281 24.39 30.45 -24.25
N ARG D 282 25.22 31.44 -23.91
CA ARG D 282 26.55 31.15 -23.41
C ARG D 282 26.37 30.64 -21.99
N ALA D 283 25.25 31.00 -21.36
CA ALA D 283 24.97 30.57 -20.00
C ALA D 283 24.99 29.04 -19.89
N LEU D 284 24.54 28.35 -20.94
CA LEU D 284 24.53 26.89 -20.94
C LEU D 284 25.96 26.36 -20.78
N ALA D 285 26.87 26.86 -21.62
CA ALA D 285 28.26 26.43 -21.55
C ALA D 285 28.88 26.86 -20.22
N TRP D 286 28.50 28.04 -19.74
CA TRP D 286 29.03 28.57 -18.49
C TRP D 286 28.62 27.65 -17.33
N ALA D 287 27.35 27.28 -17.27
CA ALA D 287 26.86 26.41 -16.21
C ALA D 287 27.56 25.05 -16.25
N LYS D 288 27.75 24.51 -17.45
CA LYS D 288 28.43 23.22 -17.58
C LYS D 288 29.85 23.35 -17.06
N ALA D 289 30.50 24.47 -17.39
CA ALA D 289 31.88 24.68 -16.95
C ALA D 289 31.95 24.81 -15.43
N GLU D 290 30.95 25.46 -14.84
CA GLU D 290 30.92 25.62 -13.39
C GLU D 290 30.79 24.27 -12.69
N ALA D 291 29.96 23.40 -13.24
CA ALA D 291 29.75 22.07 -12.67
C ALA D 291 31.04 21.27 -12.78
N LYS D 292 31.72 21.39 -13.93
CA LYS D 292 32.96 20.66 -14.12
C LYS D 292 34.01 21.12 -13.14
N ARG D 293 34.11 22.44 -12.96
CA ARG D 293 35.08 23.02 -12.04
C ARG D 293 34.81 22.54 -10.61
N LEU D 294 33.57 22.66 -10.18
CA LEU D 294 33.20 22.25 -8.84
C LEU D 294 33.42 20.76 -8.59
N GLN D 295 33.07 19.94 -9.58
CA GLN D 295 33.25 18.50 -9.45
C GLN D 295 34.74 18.18 -9.26
N ALA D 296 35.58 18.76 -10.10
CA ALA D 296 37.02 18.53 -10.03
C ALA D 296 37.60 19.03 -8.72
N GLU D 297 37.20 20.23 -8.30
CA GLU D 297 37.68 20.82 -7.05
C GLU D 297 37.26 19.96 -5.87
N GLY D 298 36.02 19.49 -5.89
CA GLY D 298 35.51 18.66 -4.81
C GLY D 298 36.29 17.37 -4.68
N LEU D 299 36.48 16.67 -5.79
CA LEU D 299 37.23 15.42 -5.77
C LEU D 299 38.65 15.65 -5.27
N ALA D 300 39.26 16.76 -5.69
CA ALA D 300 40.62 17.06 -5.26
C ALA D 300 40.72 17.28 -3.75
N LEU D 301 39.78 18.03 -3.20
CA LEU D 301 39.75 18.32 -1.77
C LEU D 301 39.60 17.06 -0.92
N LEU D 302 38.89 16.07 -1.45
CA LEU D 302 38.62 14.82 -0.74
C LEU D 302 39.65 13.73 -0.94
N GLU D 303 40.46 13.83 -1.99
CA GLU D 303 41.42 12.78 -2.29
C GLU D 303 42.37 12.37 -1.17
N ALA D 304 43.02 13.33 -0.52
CA ALA D 304 43.96 13.00 0.56
C ALA D 304 43.30 12.18 1.65
N ALA D 305 42.12 12.61 2.09
CA ALA D 305 41.42 11.88 3.14
C ALA D 305 40.94 10.52 2.66
N PHE D 306 40.38 10.48 1.46
CA PHE D 306 39.89 9.21 0.93
C PHE D 306 40.99 8.15 0.83
N GLN D 307 42.16 8.53 0.31
CA GLN D 307 43.23 7.55 0.15
C GLN D 307 43.66 6.91 1.46
N ASP D 308 43.43 7.62 2.58
CA ASP D 308 43.81 7.11 3.89
C ASP D 308 42.72 6.27 4.56
N LEU D 309 41.53 6.18 3.99
CA LEU D 309 40.47 5.38 4.62
C LEU D 309 40.79 3.89 4.60
N PRO D 310 40.56 3.19 5.73
CA PRO D 310 41.00 1.80 5.81
C PRO D 310 40.15 0.73 5.08
N GLY D 311 38.85 0.98 4.95
CA GLY D 311 38.00 0.01 4.28
C GLY D 311 38.06 0.22 2.78
N LYS D 312 39.04 -0.41 2.13
CA LYS D 312 39.23 -0.22 0.71
C LYS D 312 38.14 -0.67 -0.22
N GLU D 313 37.50 -1.81 0.06
CA GLU D 313 36.43 -2.26 -0.81
C GLU D 313 35.24 -1.28 -0.69
N ALA D 314 34.91 -0.90 0.54
CA ALA D 314 33.81 0.04 0.72
C ALA D 314 34.15 1.38 0.08
N LEU D 315 35.41 1.79 0.17
CA LEU D 315 35.85 3.05 -0.43
C LEU D 315 35.64 2.99 -1.95
N ASP D 316 35.88 1.83 -2.53
CA ASP D 316 35.68 1.64 -3.98
C ASP D 316 34.24 1.95 -4.35
N HIS D 317 33.32 1.40 -3.56
CA HIS D 317 31.89 1.62 -3.78
C HIS D 317 31.54 3.07 -3.54
N LEU D 318 32.09 3.64 -2.47
CA LEU D 318 31.82 5.04 -2.16
C LEU D 318 32.24 5.94 -3.32
N ARG D 319 33.46 5.76 -3.83
CA ARG D 319 33.93 6.57 -4.95
C ARG D 319 33.01 6.42 -6.16
N GLY D 320 32.61 5.18 -6.43
CA GLY D 320 31.75 4.91 -7.56
C GLY D 320 30.42 5.65 -7.53
N LEU D 321 29.80 5.69 -6.35
CA LEU D 321 28.52 6.38 -6.20
C LEU D 321 28.69 7.88 -6.39
N LEU D 322 29.75 8.44 -5.82
CA LEU D 322 30.01 9.88 -5.94
C LEU D 322 30.33 10.30 -7.36
N ALA D 323 31.00 9.43 -8.10
CA ALA D 323 31.38 9.72 -9.48
C ALA D 323 30.15 9.72 -10.38
N ALA D 324 29.23 8.80 -10.11
CA ALA D 324 28.01 8.69 -10.90
C ALA D 324 26.86 9.32 -10.13
N LEU D 325 27.09 10.48 -9.56
CA LEU D 325 26.08 11.19 -8.79
C LEU D 325 25.11 11.90 -9.73
#